data_3H8Z
# 
_entry.id   3H8Z 
# 
_audit_conform.dict_name       mmcif_pdbx.dic 
_audit_conform.dict_version    5.398 
_audit_conform.dict_location   http://mmcif.pdb.org/dictionaries/ascii/mmcif_pdbx.dic 
# 
loop_
_database_2.database_id 
_database_2.database_code 
_database_2.pdbx_database_accession 
_database_2.pdbx_DOI 
PDB   3H8Z         pdb_00003h8z 10.2210/pdb3h8z/pdb 
RCSB  RCSB052842   ?            ?                   
WWPDB D_1000052842 ?            ?                   
# 
loop_
_pdbx_audit_revision_history.ordinal 
_pdbx_audit_revision_history.data_content_type 
_pdbx_audit_revision_history.major_revision 
_pdbx_audit_revision_history.minor_revision 
_pdbx_audit_revision_history.revision_date 
1 'Structure model' 1 0 2009-06-16 
2 'Structure model' 1 1 2011-07-13 
3 'Structure model' 1 2 2017-11-01 
4 'Structure model' 1 3 2024-11-06 
# 
_pdbx_audit_revision_details.ordinal             1 
_pdbx_audit_revision_details.revision_ordinal    1 
_pdbx_audit_revision_details.data_content_type   'Structure model' 
_pdbx_audit_revision_details.provider            repository 
_pdbx_audit_revision_details.type                'Initial release' 
_pdbx_audit_revision_details.description         ? 
_pdbx_audit_revision_details.details             ? 
# 
loop_
_pdbx_audit_revision_group.ordinal 
_pdbx_audit_revision_group.revision_ordinal 
_pdbx_audit_revision_group.data_content_type 
_pdbx_audit_revision_group.group 
1 2 'Structure model' 'Version format compliance' 
2 3 'Structure model' 'Refinement description'    
3 4 'Structure model' 'Data collection'           
4 4 'Structure model' 'Database references'       
5 4 'Structure model' 'Derived calculations'      
6 4 'Structure model' 'Structure summary'         
# 
loop_
_pdbx_audit_revision_category.ordinal 
_pdbx_audit_revision_category.revision_ordinal 
_pdbx_audit_revision_category.data_content_type 
_pdbx_audit_revision_category.category 
1 3 'Structure model' software                  
2 4 'Structure model' chem_comp_atom            
3 4 'Structure model' chem_comp_bond            
4 4 'Structure model' database_2                
5 4 'Structure model' pdbx_entry_details        
6 4 'Structure model' pdbx_modification_feature 
7 4 'Structure model' struct_conn               
8 4 'Structure model' struct_ref_seq_dif        
# 
loop_
_pdbx_audit_revision_item.ordinal 
_pdbx_audit_revision_item.revision_ordinal 
_pdbx_audit_revision_item.data_content_type 
_pdbx_audit_revision_item.item 
1 4 'Structure model' '_database_2.pdbx_DOI'                
2 4 'Structure model' '_database_2.pdbx_database_accession' 
3 4 'Structure model' '_struct_conn.pdbx_leaving_atom_flag' 
4 4 'Structure model' '_struct_ref_seq_dif.details'         
# 
_pdbx_database_status.entry_id                        3H8Z 
_pdbx_database_status.deposit_site                    RCSB 
_pdbx_database_status.process_site                    RCSB 
_pdbx_database_status.recvd_initial_deposition_date   2009-04-29 
_pdbx_database_status.status_code                     REL 
_pdbx_database_status.status_code_sf                  REL 
_pdbx_database_status.status_code_mr                  ? 
_pdbx_database_status.SG_entry                        Y 
_pdbx_database_status.status_code_cs                  ? 
_pdbx_database_status.pdb_format_compatible           Y 
_pdbx_database_status.methods_development_category    ? 
_pdbx_database_status.status_code_nmr_data            ? 
# 
loop_
_audit_author.name 
_audit_author.pdbx_ordinal 
'Amaya, M.F.'                          1  
'Dong, A.'                             2  
'Adams-Cioaba, M.A.'                   3  
'Guo, Y.'                              4  
'MacKenzie, F.'                        5  
'Kozieradzki, I.'                      6  
'Edwards, A.M.'                        7  
'Arrowsmith, C.H.'                     8  
'Bochkarev, A.'                        9  
'Min, J.'                              10 
'Structural Genomics Consortium (SGC)' 11 
# 
_citation.id                        primary 
_citation.title                     
'Structural Studies of the Tandem Tudor Domains of Fragile X Mental Retardation Related Proteins FXR1 and FXR2.' 
_citation.journal_abbrev            'Plos One' 
_citation.journal_volume            5 
_citation.page_first                e13559 
_citation.page_last                 e13559 
_citation.year                      2010 
_citation.journal_id_ASTM           ? 
_citation.country                   US 
_citation.journal_id_ISSN           1932-6203 
_citation.journal_id_CSD            ? 
_citation.book_publisher            ? 
_citation.pdbx_database_id_PubMed   21072162 
_citation.pdbx_database_id_DOI      10.1371/journal.pone.0013559 
# 
loop_
_citation_author.citation_id 
_citation_author.name 
_citation_author.ordinal 
_citation_author.identifier_ORCID 
primary 'Adams-Cioaba, M.A.' 1 ? 
primary 'Guo, Y.'            2 ? 
primary 'Bian, C.'           3 ? 
primary 'Amaya, M.F.'        4 ? 
primary 'Lam, R.'            5 ? 
primary 'Wasney, G.A.'       6 ? 
primary 'Vedadi, M.'         7 ? 
primary 'Xu, C.'             8 ? 
primary 'Min, J.'            9 ? 
# 
loop_
_entity.id 
_entity.type 
_entity.src_method 
_entity.pdbx_description 
_entity.formula_weight 
_entity.pdbx_number_of_molecules 
_entity.pdbx_ec 
_entity.pdbx_mutation 
_entity.pdbx_fragment 
_entity.details 
1 polymer man 'Fragile X mental retardation syndrome-related protein 2' 14812.163 1  ? ? 'UNP residues 13-136' ? 
2 water   nat water                                                     18.015    63 ? ? ?                     ? 
# 
_entity_poly.entity_id                      1 
_entity_poly.type                           'polypeptide(L)' 
_entity_poly.nstd_linkage                   no 
_entity_poly.nstd_monomer                   yes 
_entity_poly.pdbx_seq_one_letter_code       
;AYFQGLPVEVRGSNGAFYKGFVKDVHEDSVTIFFENNWQSERQIPFGDVRLPPPADYNKEITEGDEVEVYSRANEQEPCG
WWLARVR(MSE)(MSE)KGDFYVIEYAACDATYNEIVTLERLRPVNPNPLATKGSF
;
_entity_poly.pdbx_seq_one_letter_code_can   
;AYFQGLPVEVRGSNGAFYKGFVKDVHEDSVTIFFENNWQSERQIPFGDVRLPPPADYNKEITEGDEVEVYSRANEQEPCG
WWLARVRMMKGDFYVIEYAACDATYNEIVTLERLRPVNPNPLATKGSF
;
_entity_poly.pdbx_strand_id                 A 
_entity_poly.pdbx_target_identifier         ? 
# 
_pdbx_entity_nonpoly.entity_id   2 
_pdbx_entity_nonpoly.name        water 
_pdbx_entity_nonpoly.comp_id     HOH 
# 
loop_
_entity_poly_seq.entity_id 
_entity_poly_seq.num 
_entity_poly_seq.mon_id 
_entity_poly_seq.hetero 
1 1   ALA n 
1 2   TYR n 
1 3   PHE n 
1 4   GLN n 
1 5   GLY n 
1 6   LEU n 
1 7   PRO n 
1 8   VAL n 
1 9   GLU n 
1 10  VAL n 
1 11  ARG n 
1 12  GLY n 
1 13  SER n 
1 14  ASN n 
1 15  GLY n 
1 16  ALA n 
1 17  PHE n 
1 18  TYR n 
1 19  LYS n 
1 20  GLY n 
1 21  PHE n 
1 22  VAL n 
1 23  LYS n 
1 24  ASP n 
1 25  VAL n 
1 26  HIS n 
1 27  GLU n 
1 28  ASP n 
1 29  SER n 
1 30  VAL n 
1 31  THR n 
1 32  ILE n 
1 33  PHE n 
1 34  PHE n 
1 35  GLU n 
1 36  ASN n 
1 37  ASN n 
1 38  TRP n 
1 39  GLN n 
1 40  SER n 
1 41  GLU n 
1 42  ARG n 
1 43  GLN n 
1 44  ILE n 
1 45  PRO n 
1 46  PHE n 
1 47  GLY n 
1 48  ASP n 
1 49  VAL n 
1 50  ARG n 
1 51  LEU n 
1 52  PRO n 
1 53  PRO n 
1 54  PRO n 
1 55  ALA n 
1 56  ASP n 
1 57  TYR n 
1 58  ASN n 
1 59  LYS n 
1 60  GLU n 
1 61  ILE n 
1 62  THR n 
1 63  GLU n 
1 64  GLY n 
1 65  ASP n 
1 66  GLU n 
1 67  VAL n 
1 68  GLU n 
1 69  VAL n 
1 70  TYR n 
1 71  SER n 
1 72  ARG n 
1 73  ALA n 
1 74  ASN n 
1 75  GLU n 
1 76  GLN n 
1 77  GLU n 
1 78  PRO n 
1 79  CYS n 
1 80  GLY n 
1 81  TRP n 
1 82  TRP n 
1 83  LEU n 
1 84  ALA n 
1 85  ARG n 
1 86  VAL n 
1 87  ARG n 
1 88  MSE n 
1 89  MSE n 
1 90  LYS n 
1 91  GLY n 
1 92  ASP n 
1 93  PHE n 
1 94  TYR n 
1 95  VAL n 
1 96  ILE n 
1 97  GLU n 
1 98  TYR n 
1 99  ALA n 
1 100 ALA n 
1 101 CYS n 
1 102 ASP n 
1 103 ALA n 
1 104 THR n 
1 105 TYR n 
1 106 ASN n 
1 107 GLU n 
1 108 ILE n 
1 109 VAL n 
1 110 THR n 
1 111 LEU n 
1 112 GLU n 
1 113 ARG n 
1 114 LEU n 
1 115 ARG n 
1 116 PRO n 
1 117 VAL n 
1 118 ASN n 
1 119 PRO n 
1 120 ASN n 
1 121 PRO n 
1 122 LEU n 
1 123 ALA n 
1 124 THR n 
1 125 LYS n 
1 126 GLY n 
1 127 SER n 
1 128 PHE n 
# 
_entity_src_gen.entity_id                          1 
_entity_src_gen.pdbx_src_id                        1 
_entity_src_gen.pdbx_alt_source_flag               sample 
_entity_src_gen.pdbx_seq_type                      ? 
_entity_src_gen.pdbx_beg_seq_num                   ? 
_entity_src_gen.pdbx_end_seq_num                   ? 
_entity_src_gen.gene_src_common_name               Human 
_entity_src_gen.gene_src_genus                     ? 
_entity_src_gen.pdbx_gene_src_gene                 'FXR2, FMR1L2' 
_entity_src_gen.gene_src_species                   ? 
_entity_src_gen.gene_src_strain                    ? 
_entity_src_gen.gene_src_tissue                    ? 
_entity_src_gen.gene_src_tissue_fraction           ? 
_entity_src_gen.gene_src_details                   ? 
_entity_src_gen.pdbx_gene_src_fragment             ? 
_entity_src_gen.pdbx_gene_src_scientific_name      'Homo sapiens' 
_entity_src_gen.pdbx_gene_src_ncbi_taxonomy_id     9606 
_entity_src_gen.pdbx_gene_src_variant              ? 
_entity_src_gen.pdbx_gene_src_cell_line            ? 
_entity_src_gen.pdbx_gene_src_atcc                 ? 
_entity_src_gen.pdbx_gene_src_organ                ? 
_entity_src_gen.pdbx_gene_src_organelle            ? 
_entity_src_gen.pdbx_gene_src_cell                 ? 
_entity_src_gen.pdbx_gene_src_cellular_location    ? 
_entity_src_gen.host_org_common_name               ? 
_entity_src_gen.pdbx_host_org_scientific_name      'Escherichia coli' 
_entity_src_gen.pdbx_host_org_ncbi_taxonomy_id     562 
_entity_src_gen.host_org_genus                     ? 
_entity_src_gen.pdbx_host_org_gene                 ? 
_entity_src_gen.pdbx_host_org_organ                ? 
_entity_src_gen.host_org_species                   ? 
_entity_src_gen.pdbx_host_org_tissue               ? 
_entity_src_gen.pdbx_host_org_tissue_fraction      ? 
_entity_src_gen.pdbx_host_org_strain               ? 
_entity_src_gen.pdbx_host_org_variant              ? 
_entity_src_gen.pdbx_host_org_cell_line            ? 
_entity_src_gen.pdbx_host_org_atcc                 ? 
_entity_src_gen.pdbx_host_org_culture_collection   ? 
_entity_src_gen.pdbx_host_org_cell                 ? 
_entity_src_gen.pdbx_host_org_organelle            ? 
_entity_src_gen.pdbx_host_org_cellular_location    ? 
_entity_src_gen.pdbx_host_org_vector_type          ? 
_entity_src_gen.pdbx_host_org_vector               ? 
_entity_src_gen.host_org_details                   ? 
_entity_src_gen.expression_system_id               ? 
_entity_src_gen.plasmid_name                       ? 
_entity_src_gen.plasmid_details                    ? 
_entity_src_gen.pdbx_description                   ? 
# 
loop_
_chem_comp.id 
_chem_comp.type 
_chem_comp.mon_nstd_flag 
_chem_comp.name 
_chem_comp.pdbx_synonyms 
_chem_comp.formula 
_chem_comp.formula_weight 
ALA 'L-peptide linking' y ALANINE          ? 'C3 H7 N O2'     89.093  
ARG 'L-peptide linking' y ARGININE         ? 'C6 H15 N4 O2 1' 175.209 
ASN 'L-peptide linking' y ASPARAGINE       ? 'C4 H8 N2 O3'    132.118 
ASP 'L-peptide linking' y 'ASPARTIC ACID'  ? 'C4 H7 N O4'     133.103 
CYS 'L-peptide linking' y CYSTEINE         ? 'C3 H7 N O2 S'   121.158 
GLN 'L-peptide linking' y GLUTAMINE        ? 'C5 H10 N2 O3'   146.144 
GLU 'L-peptide linking' y 'GLUTAMIC ACID'  ? 'C5 H9 N O4'     147.129 
GLY 'peptide linking'   y GLYCINE          ? 'C2 H5 N O2'     75.067  
HIS 'L-peptide linking' y HISTIDINE        ? 'C6 H10 N3 O2 1' 156.162 
HOH non-polymer         . WATER            ? 'H2 O'           18.015  
ILE 'L-peptide linking' y ISOLEUCINE       ? 'C6 H13 N O2'    131.173 
LEU 'L-peptide linking' y LEUCINE          ? 'C6 H13 N O2'    131.173 
LYS 'L-peptide linking' y LYSINE           ? 'C6 H15 N2 O2 1' 147.195 
MSE 'L-peptide linking' n SELENOMETHIONINE ? 'C5 H11 N O2 Se' 196.106 
PHE 'L-peptide linking' y PHENYLALANINE    ? 'C9 H11 N O2'    165.189 
PRO 'L-peptide linking' y PROLINE          ? 'C5 H9 N O2'     115.130 
SER 'L-peptide linking' y SERINE           ? 'C3 H7 N O3'     105.093 
THR 'L-peptide linking' y THREONINE        ? 'C4 H9 N O3'     119.119 
TRP 'L-peptide linking' y TRYPTOPHAN       ? 'C11 H12 N2 O2'  204.225 
TYR 'L-peptide linking' y TYROSINE         ? 'C9 H11 N O3'    181.189 
VAL 'L-peptide linking' y VALINE           ? 'C5 H11 N O2'    117.146 
# 
loop_
_pdbx_poly_seq_scheme.asym_id 
_pdbx_poly_seq_scheme.entity_id 
_pdbx_poly_seq_scheme.seq_id 
_pdbx_poly_seq_scheme.mon_id 
_pdbx_poly_seq_scheme.ndb_seq_num 
_pdbx_poly_seq_scheme.pdb_seq_num 
_pdbx_poly_seq_scheme.auth_seq_num 
_pdbx_poly_seq_scheme.pdb_mon_id 
_pdbx_poly_seq_scheme.auth_mon_id 
_pdbx_poly_seq_scheme.pdb_strand_id 
_pdbx_poly_seq_scheme.pdb_ins_code 
_pdbx_poly_seq_scheme.hetero 
A 1 1   ALA 1   10  10  ALA ALA A . n 
A 1 2   TYR 2   11  11  TYR TYR A . n 
A 1 3   PHE 3   12  12  PHE PHE A . n 
A 1 4   GLN 4   13  13  GLN GLN A . n 
A 1 5   GLY 5   14  14  GLY GLY A . n 
A 1 6   LEU 6   15  15  LEU LEU A . n 
A 1 7   PRO 7   16  16  PRO PRO A . n 
A 1 8   VAL 8   17  17  VAL VAL A . n 
A 1 9   GLU 9   18  18  GLU GLU A . n 
A 1 10  VAL 10  19  19  VAL VAL A . n 
A 1 11  ARG 11  20  20  ARG ARG A . n 
A 1 12  GLY 12  21  21  GLY GLY A . n 
A 1 13  SER 13  22  22  SER SER A . n 
A 1 14  ASN 14  23  23  ASN ASN A . n 
A 1 15  GLY 15  24  24  GLY GLY A . n 
A 1 16  ALA 16  25  25  ALA ALA A . n 
A 1 17  PHE 17  26  26  PHE PHE A . n 
A 1 18  TYR 18  27  27  TYR TYR A . n 
A 1 19  LYS 19  28  28  LYS LYS A . n 
A 1 20  GLY 20  29  29  GLY GLY A . n 
A 1 21  PHE 21  30  30  PHE PHE A . n 
A 1 22  VAL 22  31  31  VAL VAL A . n 
A 1 23  LYS 23  32  32  LYS LYS A . n 
A 1 24  ASP 24  33  33  ASP ASP A . n 
A 1 25  VAL 25  34  34  VAL VAL A . n 
A 1 26  HIS 26  35  35  HIS HIS A . n 
A 1 27  GLU 27  36  36  GLU GLU A . n 
A 1 28  ASP 28  37  37  ASP ASP A . n 
A 1 29  SER 29  38  38  SER SER A . n 
A 1 30  VAL 30  39  39  VAL VAL A . n 
A 1 31  THR 31  40  40  THR THR A . n 
A 1 32  ILE 32  41  41  ILE ILE A . n 
A 1 33  PHE 33  42  42  PHE PHE A . n 
A 1 34  PHE 34  43  43  PHE PHE A . n 
A 1 35  GLU 35  44  44  GLU GLU A . n 
A 1 36  ASN 36  45  45  ASN ASN A . n 
A 1 37  ASN 37  46  46  ASN ASN A . n 
A 1 38  TRP 38  47  47  TRP TRP A . n 
A 1 39  GLN 39  48  48  GLN GLN A . n 
A 1 40  SER 40  49  49  SER SER A . n 
A 1 41  GLU 41  50  50  GLU GLU A . n 
A 1 42  ARG 42  51  51  ARG ARG A . n 
A 1 43  GLN 43  52  52  GLN GLN A . n 
A 1 44  ILE 44  53  53  ILE ILE A . n 
A 1 45  PRO 45  54  54  PRO PRO A . n 
A 1 46  PHE 46  55  55  PHE PHE A . n 
A 1 47  GLY 47  56  56  GLY GLY A . n 
A 1 48  ASP 48  57  57  ASP ASP A . n 
A 1 49  VAL 49  58  58  VAL VAL A . n 
A 1 50  ARG 50  59  59  ARG ARG A . n 
A 1 51  LEU 51  60  60  LEU LEU A . n 
A 1 52  PRO 52  61  61  PRO PRO A . n 
A 1 53  PRO 53  62  62  PRO PRO A . n 
A 1 54  PRO 54  63  63  PRO PRO A . n 
A 1 55  ALA 55  64  64  ALA ALA A . n 
A 1 56  ASP 56  65  ?   ?   ?   A . n 
A 1 57  TYR 57  66  ?   ?   ?   A . n 
A 1 58  ASN 58  67  ?   ?   ?   A . n 
A 1 59  LYS 59  68  ?   ?   ?   A . n 
A 1 60  GLU 60  69  69  GLU GLU A . n 
A 1 61  ILE 61  70  70  ILE ILE A . n 
A 1 62  THR 62  71  71  THR THR A . n 
A 1 63  GLU 63  72  72  GLU GLU A . n 
A 1 64  GLY 64  73  73  GLY GLY A . n 
A 1 65  ASP 65  74  74  ASP ASP A . n 
A 1 66  GLU 66  75  75  GLU GLU A . n 
A 1 67  VAL 67  76  76  VAL VAL A . n 
A 1 68  GLU 68  77  77  GLU GLU A . n 
A 1 69  VAL 69  78  78  VAL VAL A . n 
A 1 70  TYR 70  79  79  TYR TYR A . n 
A 1 71  SER 71  80  80  SER SER A . n 
A 1 72  ARG 72  81  81  ARG ARG A . n 
A 1 73  ALA 73  82  82  ALA ALA A . n 
A 1 74  ASN 74  83  ?   ?   ?   A . n 
A 1 75  GLU 75  84  ?   ?   ?   A . n 
A 1 76  GLN 76  85  ?   ?   ?   A . n 
A 1 77  GLU 77  86  86  GLU ALA A . n 
A 1 78  PRO 78  87  87  PRO PRO A . n 
A 1 79  CYS 79  88  88  CYS CYS A . n 
A 1 80  GLY 80  89  89  GLY GLY A . n 
A 1 81  TRP 81  90  90  TRP TRP A . n 
A 1 82  TRP 82  91  91  TRP TRP A . n 
A 1 83  LEU 83  92  92  LEU LEU A . n 
A 1 84  ALA 84  93  93  ALA ALA A . n 
A 1 85  ARG 85  94  94  ARG ARG A . n 
A 1 86  VAL 86  95  95  VAL VAL A . n 
A 1 87  ARG 87  96  96  ARG ARG A . n 
A 1 88  MSE 88  97  97  MSE MSE A . n 
A 1 89  MSE 89  98  98  MSE MSE A . n 
A 1 90  LYS 90  99  99  LYS LYS A . n 
A 1 91  GLY 91  100 100 GLY GLY A . n 
A 1 92  ASP 92  101 101 ASP ASP A . n 
A 1 93  PHE 93  102 102 PHE PHE A . n 
A 1 94  TYR 94  103 103 TYR TYR A . n 
A 1 95  VAL 95  104 104 VAL VAL A . n 
A 1 96  ILE 96  105 105 ILE ILE A . n 
A 1 97  GLU 97  106 106 GLU GLU A . n 
A 1 98  TYR 98  107 107 TYR TYR A . n 
A 1 99  ALA 99  108 108 ALA ALA A . n 
A 1 100 ALA 100 109 109 ALA ALA A . n 
A 1 101 CYS 101 110 110 CYS CYS A . n 
A 1 102 ASP 102 111 ?   ?   ?   A . n 
A 1 103 ALA 103 112 ?   ?   ?   A . n 
A 1 104 THR 104 113 ?   ?   ?   A . n 
A 1 105 TYR 105 114 ?   ?   ?   A . n 
A 1 106 ASN 106 115 115 ASN ASN A . n 
A 1 107 GLU 107 116 116 GLU GLU A . n 
A 1 108 ILE 108 117 117 ILE ILE A . n 
A 1 109 VAL 109 118 118 VAL VAL A . n 
A 1 110 THR 110 119 119 THR THR A . n 
A 1 111 LEU 111 120 120 LEU LEU A . n 
A 1 112 GLU 112 121 121 GLU GLU A . n 
A 1 113 ARG 113 122 122 ARG ARG A . n 
A 1 114 LEU 114 123 123 LEU LEU A . n 
A 1 115 ARG 115 124 124 ARG ARG A . n 
A 1 116 PRO 116 125 125 PRO PRO A . n 
A 1 117 VAL 117 126 126 VAL VAL A . n 
A 1 118 ASN 118 127 127 ASN ASN A . n 
A 1 119 PRO 119 128 128 PRO PRO A . n 
A 1 120 ASN 120 129 129 ASN ASN A . n 
A 1 121 PRO 121 130 130 PRO PRO A . n 
A 1 122 LEU 122 131 131 LEU LEU A . n 
A 1 123 ALA 123 132 132 ALA ALA A . n 
A 1 124 THR 124 133 ?   ?   ?   A . n 
A 1 125 LYS 125 134 ?   ?   ?   A . n 
A 1 126 GLY 126 135 ?   ?   ?   A . n 
A 1 127 SER 127 136 ?   ?   ?   A . n 
A 1 128 PHE 128 137 ?   ?   ?   A . n 
# 
loop_
_pdbx_nonpoly_scheme.asym_id 
_pdbx_nonpoly_scheme.entity_id 
_pdbx_nonpoly_scheme.mon_id 
_pdbx_nonpoly_scheme.ndb_seq_num 
_pdbx_nonpoly_scheme.pdb_seq_num 
_pdbx_nonpoly_scheme.auth_seq_num 
_pdbx_nonpoly_scheme.pdb_mon_id 
_pdbx_nonpoly_scheme.auth_mon_id 
_pdbx_nonpoly_scheme.pdb_strand_id 
_pdbx_nonpoly_scheme.pdb_ins_code 
B 2 HOH 1  1   1  HOH HOH A . 
B 2 HOH 2  2   2  HOH HOH A . 
B 2 HOH 3  3   3  HOH HOH A . 
B 2 HOH 4  4   4  HOH HOH A . 
B 2 HOH 5  5   5  HOH HOH A . 
B 2 HOH 6  6   6  HOH HOH A . 
B 2 HOH 7  7   7  HOH HOH A . 
B 2 HOH 8  8   8  HOH HOH A . 
B 2 HOH 9  9   9  HOH HOH A . 
B 2 HOH 10 138 10 HOH HOH A . 
B 2 HOH 11 139 11 HOH HOH A . 
B 2 HOH 12 140 12 HOH HOH A . 
B 2 HOH 13 141 13 HOH HOH A . 
B 2 HOH 14 142 14 HOH HOH A . 
B 2 HOH 15 143 15 HOH HOH A . 
B 2 HOH 16 144 16 HOH HOH A . 
B 2 HOH 17 145 17 HOH HOH A . 
B 2 HOH 18 146 18 HOH HOH A . 
B 2 HOH 19 147 19 HOH HOH A . 
B 2 HOH 20 148 20 HOH HOH A . 
B 2 HOH 21 149 22 HOH HOH A . 
B 2 HOH 22 150 23 HOH HOH A . 
B 2 HOH 23 151 24 HOH HOH A . 
B 2 HOH 24 152 26 HOH HOH A . 
B 2 HOH 25 153 27 HOH HOH A . 
B 2 HOH 26 154 28 HOH HOH A . 
B 2 HOH 27 155 29 HOH HOH A . 
B 2 HOH 28 156 30 HOH HOH A . 
B 2 HOH 29 157 31 HOH HOH A . 
B 2 HOH 30 158 33 HOH HOH A . 
B 2 HOH 31 159 34 HOH HOH A . 
B 2 HOH 32 160 35 HOH HOH A . 
B 2 HOH 33 161 36 HOH HOH A . 
B 2 HOH 34 162 37 HOH HOH A . 
B 2 HOH 35 163 38 HOH HOH A . 
B 2 HOH 36 164 39 HOH HOH A . 
B 2 HOH 37 165 40 HOH HOH A . 
B 2 HOH 38 166 41 HOH HOH A . 
B 2 HOH 39 167 42 HOH HOH A . 
B 2 HOH 40 168 43 HOH HOH A . 
B 2 HOH 41 169 44 HOH HOH A . 
B 2 HOH 42 170 45 HOH HOH A . 
B 2 HOH 43 171 46 HOH HOH A . 
B 2 HOH 44 172 47 HOH HOH A . 
B 2 HOH 45 173 48 HOH HOH A . 
B 2 HOH 46 174 49 HOH HOH A . 
B 2 HOH 47 175 50 HOH HOH A . 
B 2 HOH 48 176 51 HOH HOH A . 
B 2 HOH 49 177 52 HOH HOH A . 
B 2 HOH 50 178 53 HOH HOH A . 
B 2 HOH 51 179 54 HOH HOH A . 
B 2 HOH 52 180 55 HOH HOH A . 
B 2 HOH 53 181 56 HOH HOH A . 
B 2 HOH 54 182 57 HOH HOH A . 
B 2 HOH 55 183 58 HOH HOH A . 
B 2 HOH 56 184 61 HOH HOH A . 
B 2 HOH 57 185 62 HOH HOH A . 
B 2 HOH 58 186 63 HOH HOH A . 
B 2 HOH 59 187 64 HOH HOH A . 
B 2 HOH 60 188 65 HOH HOH A . 
B 2 HOH 61 189 66 HOH HOH A . 
B 2 HOH 62 190 67 HOH HOH A . 
B 2 HOH 63 191 72 HOH HOH A . 
# 
loop_
_pdbx_unobs_or_zero_occ_atoms.id 
_pdbx_unobs_or_zero_occ_atoms.PDB_model_num 
_pdbx_unobs_or_zero_occ_atoms.polymer_flag 
_pdbx_unobs_or_zero_occ_atoms.occupancy_flag 
_pdbx_unobs_or_zero_occ_atoms.auth_asym_id 
_pdbx_unobs_or_zero_occ_atoms.auth_comp_id 
_pdbx_unobs_or_zero_occ_atoms.auth_seq_id 
_pdbx_unobs_or_zero_occ_atoms.PDB_ins_code 
_pdbx_unobs_or_zero_occ_atoms.auth_atom_id 
_pdbx_unobs_or_zero_occ_atoms.label_alt_id 
_pdbx_unobs_or_zero_occ_atoms.label_asym_id 
_pdbx_unobs_or_zero_occ_atoms.label_comp_id 
_pdbx_unobs_or_zero_occ_atoms.label_seq_id 
_pdbx_unobs_or_zero_occ_atoms.label_atom_id 
1  1 Y 1 A GLU 36  ? CG  ? A GLU 27  CG  
2  1 Y 1 A GLU 36  ? CD  ? A GLU 27  CD  
3  1 Y 1 A GLU 36  ? OE1 ? A GLU 27  OE1 
4  1 Y 1 A GLU 36  ? OE2 ? A GLU 27  OE2 
5  1 Y 1 A ASP 37  ? CG  ? A ASP 28  CG  
6  1 Y 1 A ASP 37  ? OD1 ? A ASP 28  OD1 
7  1 Y 1 A ASP 37  ? OD2 ? A ASP 28  OD2 
8  1 Y 1 A GLU 75  ? CG  ? A GLU 66  CG  
9  1 Y 1 A GLU 75  ? CD  ? A GLU 66  CD  
10 1 Y 1 A GLU 75  ? OE1 ? A GLU 66  OE1 
11 1 Y 1 A GLU 75  ? OE2 ? A GLU 66  OE2 
12 1 Y 1 A GLU 86  ? CG  ? A GLU 77  CG  
13 1 Y 1 A GLU 86  ? CD  ? A GLU 77  CD  
14 1 Y 1 A GLU 86  ? OE1 ? A GLU 77  OE1 
15 1 Y 1 A GLU 86  ? OE2 ? A GLU 77  OE2 
16 1 Y 1 A ARG 94  ? CG  ? A ARG 85  CG  
17 1 Y 1 A ARG 94  ? CD  ? A ARG 85  CD  
18 1 Y 1 A ARG 94  ? NE  ? A ARG 85  NE  
19 1 Y 1 A ARG 94  ? CZ  ? A ARG 85  CZ  
20 1 Y 1 A ARG 94  ? NH1 ? A ARG 85  NH1 
21 1 Y 1 A ARG 94  ? NH2 ? A ARG 85  NH2 
22 1 Y 1 A LYS 99  ? CG  ? A LYS 90  CG  
23 1 Y 1 A LYS 99  ? CD  ? A LYS 90  CD  
24 1 Y 1 A LYS 99  ? CE  ? A LYS 90  CE  
25 1 Y 1 A LYS 99  ? NZ  ? A LYS 90  NZ  
26 1 Y 1 A GLU 106 ? CG  ? A GLU 97  CG  
27 1 Y 1 A GLU 106 ? CD  ? A GLU 97  CD  
28 1 Y 1 A GLU 106 ? OE1 ? A GLU 97  OE1 
29 1 Y 1 A GLU 106 ? OE2 ? A GLU 97  OE2 
30 1 Y 1 A CYS 110 ? SG  ? A CYS 101 SG  
31 1 Y 1 A GLU 121 ? CG  ? A GLU 112 CG  
32 1 Y 1 A GLU 121 ? CD  ? A GLU 112 CD  
33 1 Y 1 A GLU 121 ? OE1 ? A GLU 112 OE1 
34 1 Y 1 A GLU 121 ? OE2 ? A GLU 112 OE2 
# 
loop_
_software.pdbx_ordinal 
_software.name 
_software.version 
_software.date 
_software.type 
_software.contact_author 
_software.contact_author_email 
_software.classification 
_software.location 
_software.language 
_software.citation_id 
1 DENZO       .        ?               package 'Zbyszek Otwinowski' hkl@hkl-xray.com      'data reduction'  
http://www.hkl-xray.com/                     ?          ? 
2 SCALEPACK   .        ?               package 'Zbyszek Otwinowski' hkl@hkl-xray.com      'data scaling'    
http://www.hkl-xray.com/                     ?          ? 
3 REFMAC      5.2.0019 ?               program 'Garib N. Murshudov' garib@ysbl.york.ac.uk refinement        
http://www.ccp4.ac.uk/dist/html/refmac5.html Fortran_77 ? 
4 PDB_EXTRACT 3.005    'June 11, 2008' package PDB                  help@deposit.rcsb.org 'data extraction' 
http://sw-tools.pdb.org/apps/PDB_EXTRACT/    C++        ? 
# 
_cell.length_a           34.563 
_cell.length_b           54.676 
_cell.length_c           70.171 
_cell.angle_alpha        90.000 
_cell.angle_beta         90.000 
_cell.angle_gamma        90.000 
_cell.entry_id           3H8Z 
_cell.pdbx_unique_axis   ? 
_cell.Z_PDB              4 
_cell.length_a_esd       ? 
_cell.length_b_esd       ? 
_cell.length_c_esd       ? 
_cell.angle_alpha_esd    ? 
_cell.angle_beta_esd     ? 
_cell.angle_gamma_esd    ? 
# 
_symmetry.space_group_name_H-M             'P 21 21 21' 
_symmetry.entry_id                         3H8Z 
_symmetry.Int_Tables_number                19 
_symmetry.pdbx_full_space_group_name_H-M   ? 
_symmetry.cell_setting                     ? 
_symmetry.space_group_name_Hall            ? 
# 
_exptl.crystals_number   1 
_exptl.entry_id          3H8Z 
_exptl.method            'X-RAY DIFFRACTION' 
# 
_exptl_crystal.id                    1 
_exptl_crystal.density_Matthews      2.24 
_exptl_crystal.density_meas          ? 
_exptl_crystal.density_percent_sol   45.04 
_exptl_crystal.description           ? 
_exptl_crystal.F_000                 ? 
_exptl_crystal.preparation           ? 
# 
_exptl_crystal_grow.crystal_id      1 
_exptl_crystal_grow.method          'VAPOR DIFFUSION, HANGING DROP' 
_exptl_crystal_grow.pH              8.0 
_exptl_crystal_grow.temp            298 
_exptl_crystal_grow.temp_details    ? 
_exptl_crystal_grow.pdbx_details    
;10 mg/ml protein in 20 mM Tris, pH 8.0, 200 mM 
NaCl, 1 mM DTT; Hanging drop vapour diffusion,20-30% Peg 3350, 0.2M MgCl2, 
Hepes 7.5., VAPOR DIFFUSION, HANGING DROP, temperature 298K
;
_exptl_crystal_grow.pdbx_pH_range   ? 
# 
_diffrn.id                     1 
_diffrn.ambient_temp           ? 
_diffrn.ambient_temp_details   ? 
_diffrn.crystal_id             1 
# 
_diffrn_detector.diffrn_id              1 
_diffrn_detector.detector               ? 
_diffrn_detector.type                   ? 
_diffrn_detector.pdbx_collection_date   2009-03-18 
_diffrn_detector.details                ? 
# 
_diffrn_radiation.diffrn_id                        1 
_diffrn_radiation.wavelength_id                    1 
_diffrn_radiation.pdbx_diffrn_protocol             'SINGLE WAVELENGTH' 
_diffrn_radiation.monochromator                    ? 
_diffrn_radiation.pdbx_monochromatic_or_laue_m_l   M 
_diffrn_radiation.pdbx_scattering_type             x-ray 
# 
_diffrn_radiation_wavelength.id           1 
_diffrn_radiation_wavelength.wavelength   0.97942 
_diffrn_radiation_wavelength.wt           1.0 
# 
_diffrn_source.diffrn_id                   1 
_diffrn_source.source                      SYNCHROTRON 
_diffrn_source.type                        'APS BEAMLINE 19-ID' 
_diffrn_source.pdbx_wavelength             ? 
_diffrn_source.pdbx_wavelength_list        0.97942 
_diffrn_source.pdbx_synchrotron_site       APS 
_diffrn_source.pdbx_synchrotron_beamline   19-ID 
# 
_reflns.entry_id                     3H8Z 
_reflns.d_resolution_high            1.920 
_reflns.d_resolution_low             100.000 
_reflns.number_obs                   10551 
_reflns.pdbx_Rmerge_I_obs            0.090 
_reflns.pdbx_netI_over_sigmaI        24.231 
_reflns.pdbx_chi_squared             1.682 
_reflns.pdbx_redundancy              6.100 
_reflns.percent_possible_obs         99.000 
_reflns.observed_criterion_sigma_F   ? 
_reflns.observed_criterion_sigma_I   ? 
_reflns.number_all                   ? 
_reflns.pdbx_Rsym_value              ? 
_reflns.B_iso_Wilson_estimate        ? 
_reflns.R_free_details               ? 
_reflns.limit_h_max                  ? 
_reflns.limit_h_min                  ? 
_reflns.limit_k_max                  ? 
_reflns.limit_k_min                  ? 
_reflns.limit_l_max                  ? 
_reflns.limit_l_min                  ? 
_reflns.observed_criterion_F_max     ? 
_reflns.observed_criterion_F_min     ? 
_reflns.pdbx_scaling_rejects         ? 
_reflns.pdbx_diffrn_id               1 
_reflns.pdbx_ordinal                 1 
# 
loop_
_reflns_shell.d_res_high 
_reflns_shell.d_res_low 
_reflns_shell.number_measured_obs 
_reflns_shell.number_measured_all 
_reflns_shell.number_unique_obs 
_reflns_shell.Rmerge_I_obs 
_reflns_shell.meanI_over_sigI_obs 
_reflns_shell.pdbx_Rsym_value 
_reflns_shell.pdbx_chi_squared 
_reflns_shell.pdbx_redundancy 
_reflns_shell.percent_possible_obs 
_reflns_shell.number_unique_all 
_reflns_shell.percent_possible_all 
_reflns_shell.pdbx_diffrn_id 
_reflns_shell.pdbx_ordinal 
1.92 1.96   ? ? ? 0.648 ? ? 1.073 2.50 ? 456 87.00  ? 1  
1.96 2.00   ? ? ? 0.652 ? ? 1.265 3.00 ? 478 96.40  ? 2  
2.00 2.04   ? ? ? 0.628 ? ? 1.149 3.70 ? 538 98.70  ? 3  
2.04 2.08   ? ? ? 0.572 ? ? 1.928 5.10 ? 502 99.40  ? 4  
2.08 2.12   ? ? ? 0.472 ? ? 1.250 6.00 ? 505 99.80  ? 5  
2.12 2.17   ? ? ? 0.410 ? ? 1.486 6.20 ? 549 99.60  ? 6  
2.17 2.23   ? ? ? 0.402 ? ? 1.573 6.40 ? 505 99.60  ? 7  
2.23 2.29   ? ? ? 0.381 ? ? 1.878 6.50 ? 531 99.80  ? 8  
2.29 2.36   ? ? ? 0.268 ? ? 1.362 6.80 ? 525 100.00 ? 9  
2.36 2.43   ? ? ? 0.249 ? ? 1.600 6.90 ? 508 100.00 ? 10 
2.43 2.52   ? ? ? 0.212 ? ? 1.460 7.00 ? 534 100.00 ? 11 
2.52 2.62   ? ? ? 0.175 ? ? 1.262 7.00 ? 536 100.00 ? 12 
2.62 2.74   ? ? ? 0.150 ? ? 1.254 7.00 ? 533 100.00 ? 13 
2.74 2.88   ? ? ? 0.112 ? ? 1.280 7.00 ? 527 100.00 ? 14 
2.88 3.06   ? ? ? 0.087 ? ? 1.199 7.00 ? 529 100.00 ? 15 
3.06 3.30   ? ? ? 0.070 ? ? 1.322 6.90 ? 537 100.00 ? 16 
3.30 3.63   ? ? ? 0.059 ? ? 1.546 6.80 ? 539 100.00 ? 17 
3.63 4.16   ? ? ? 0.060 ? ? 2.219 6.70 ? 548 100.00 ? 18 
4.16 5.24   ? ? ? 0.054 ? ? 2.171 6.50 ? 558 100.00 ? 19 
5.24 100.00 ? ? ? 0.065 ? ? 4.406 6.00 ? 613 99.50  ? 20 
# 
_refine.entry_id                                 3H8Z 
_refine.ls_d_res_high                            1.920 
_refine.ls_d_res_low                             43.110 
_refine.pdbx_ls_sigma_F                          0.00 
_refine.pdbx_data_cutoff_high_absF               ? 
_refine.pdbx_data_cutoff_low_absF                ? 
_refine.ls_percent_reflns_obs                    97.720 
_refine.ls_number_reflns_obs                     10430 
_refine.ls_number_reflns_all                     ? 
_refine.pdbx_ls_cross_valid_method               THROUGHOUT 
_refine.pdbx_R_Free_selection_details            RANDOM 
_refine.details                                  'HYDROGENS HAVE BEEN ADDED IN THE RIDING POSITIONS' 
_refine.ls_R_factor_all                          ? 
_refine.ls_R_factor_obs                          0.212 
_refine.ls_R_factor_R_work                       0.210 
_refine.ls_wR_factor_R_work                      ? 
_refine.ls_R_factor_R_free                       0.250 
_refine.ls_wR_factor_R_free                      ? 
_refine.ls_percent_reflns_R_free                 4.800 
_refine.ls_number_reflns_R_free                  498 
_refine.ls_R_factor_R_free_error                 ? 
_refine.B_iso_mean                               32.047 
_refine.solvent_model_param_bsol                 ? 
_refine.solvent_model_param_ksol                 ? 
_refine.pdbx_isotropic_thermal_model             ? 
_refine.aniso_B[1][1]                            -1.180 
_refine.aniso_B[2][2]                            1.880 
_refine.aniso_B[3][3]                            -0.700 
_refine.aniso_B[1][2]                            0.000 
_refine.aniso_B[1][3]                            0.000 
_refine.aniso_B[2][3]                            0.000 
_refine.correlation_coeff_Fo_to_Fc               0.946 
_refine.correlation_coeff_Fo_to_Fc_free          0.925 
_refine.overall_SU_R_Cruickshank_DPI             ? 
_refine.overall_SU_R_free                        ? 
_refine.pdbx_overall_ESU_R                       0.161 
_refine.pdbx_overall_ESU_R_Free                  0.151 
_refine.overall_SU_ML                            0.103 
_refine.overall_SU_B                             3.498 
_refine.solvent_model_details                    MASK 
_refine.pdbx_solvent_vdw_probe_radii             1.400 
_refine.pdbx_solvent_ion_probe_radii             0.800 
_refine.pdbx_solvent_shrinkage_radii             0.800 
_refine.ls_number_parameters                     ? 
_refine.ls_number_restraints                     ? 
_refine.pdbx_starting_model                      ? 
_refine.pdbx_method_to_determine_struct          SAD 
_refine.pdbx_stereochemistry_target_values       'MAXIMUM LIKELIHOOD' 
_refine.pdbx_stereochem_target_val_spec_case     ? 
_refine.overall_FOM_work_R_set                   ? 
_refine.B_iso_max                                70.61 
_refine.B_iso_min                                16.57 
_refine.occupancy_max                            1.00 
_refine.occupancy_min                            0.50 
_refine.pdbx_ls_sigma_I                          ? 
_refine.ls_redundancy_reflns_obs                 ? 
_refine.ls_R_factor_R_free_error_details         ? 
_refine.pdbx_data_cutoff_high_rms_absF           ? 
_refine.overall_FOM_free_R_set                   ? 
_refine.pdbx_overall_phase_error                 ? 
_refine.pdbx_refine_id                           'X-RAY DIFFRACTION' 
_refine.pdbx_diffrn_id                           1 
_refine.pdbx_TLS_residual_ADP_flag               ? 
_refine.pdbx_overall_SU_R_free_Cruickshank_DPI   ? 
_refine.pdbx_overall_SU_R_Blow_DPI               ? 
_refine.pdbx_overall_SU_R_free_Blow_DPI          ? 
# 
_refine_hist.pdbx_refine_id                   'X-RAY DIFFRACTION' 
_refine_hist.cycle_id                         LAST 
_refine_hist.pdbx_number_atoms_protein        873 
_refine_hist.pdbx_number_atoms_nucleic_acid   0 
_refine_hist.pdbx_number_atoms_ligand         0 
_refine_hist.number_atoms_solvent             63 
_refine_hist.number_atoms_total               936 
_refine_hist.d_res_high                       1.920 
_refine_hist.d_res_low                        43.110 
# 
loop_
_refine_ls_restr.type 
_refine_ls_restr.number 
_refine_ls_restr.dev_ideal 
_refine_ls_restr.dev_ideal_target 
_refine_ls_restr.weight 
_refine_ls_restr.pdbx_refine_id 
_refine_ls_restr.pdbx_restraint_function 
r_bond_refined_d         897  0.021  0.022  ? 'X-RAY DIFFRACTION' ? 
r_angle_refined_deg      1222 1.729  1.939  ? 'X-RAY DIFFRACTION' ? 
r_dihedral_angle_1_deg   108  6.819  5.000  ? 'X-RAY DIFFRACTION' ? 
r_dihedral_angle_2_deg   43   26.756 23.023 ? 'X-RAY DIFFRACTION' ? 
r_dihedral_angle_3_deg   123  13.308 15.000 ? 'X-RAY DIFFRACTION' ? 
r_dihedral_angle_4_deg   7    13.748 15.000 ? 'X-RAY DIFFRACTION' ? 
r_chiral_restr           130  0.135  0.200  ? 'X-RAY DIFFRACTION' ? 
r_gen_planes_refined     708  0.008  0.020  ? 'X-RAY DIFFRACTION' ? 
r_nbd_refined            328  0.221  0.200  ? 'X-RAY DIFFRACTION' ? 
r_nbtor_refined          593  0.314  0.200  ? 'X-RAY DIFFRACTION' ? 
r_xyhbond_nbd_refined    59   0.121  0.200  ? 'X-RAY DIFFRACTION' ? 
r_symmetry_vdw_refined   23   0.152  0.200  ? 'X-RAY DIFFRACTION' ? 
r_symmetry_hbond_refined 7    0.102  0.200  ? 'X-RAY DIFFRACTION' ? 
r_mcbond_it              573  1.525  1.500  ? 'X-RAY DIFFRACTION' ? 
r_mcangle_it             890  2.321  2.000  ? 'X-RAY DIFFRACTION' ? 
r_scbond_it              386  3.349  3.000  ? 'X-RAY DIFFRACTION' ? 
r_scangle_it             332  4.630  4.500  ? 'X-RAY DIFFRACTION' ? 
# 
_refine_ls_shell.d_res_high                       1.92 
_refine_ls_shell.d_res_low                        1.969 
_refine_ls_shell.pdbx_total_number_of_bins_used   20 
_refine_ls_shell.percent_reflns_obs               80.760 
_refine_ls_shell.number_reflns_R_work             589 
_refine_ls_shell.R_factor_all                     ? 
_refine_ls_shell.R_factor_R_work                  0.263 
_refine_ls_shell.R_factor_R_free                  0.336 
_refine_ls_shell.percent_reflns_R_free            ? 
_refine_ls_shell.number_reflns_R_free             28 
_refine_ls_shell.R_factor_R_free_error            ? 
_refine_ls_shell.number_reflns_all                617 
_refine_ls_shell.number_reflns_obs                ? 
_refine_ls_shell.redundancy_reflns_obs            ? 
_refine_ls_shell.pdbx_refine_id                   'X-RAY DIFFRACTION' 
# 
_struct.entry_id                  3H8Z 
_struct.title                     'The Crystal Structure of the Tudor Domains from FXR2' 
_struct.pdbx_model_details        ? 
_struct.pdbx_CASP_flag            ? 
_struct.pdbx_model_type_details   ? 
# 
_struct_keywords.entry_id        3H8Z 
_struct_keywords.pdbx_keywords   'PROTEIN BINDING' 
_struct_keywords.text            
;Tudor domains, Fragile X mental retardation, FXR2, Structural Genomics, Structural Genomics Consortium, SGC, Phosphoprotein, RNA-binding, PROTEIN BINDING
;
# 
loop_
_struct_asym.id 
_struct_asym.pdbx_blank_PDB_chainid_flag 
_struct_asym.pdbx_modified 
_struct_asym.entity_id 
_struct_asym.details 
A N N 1 ? 
B N N 2 ? 
# 
_struct_ref.id                         1 
_struct_ref.db_name                    UNP 
_struct_ref.db_code                    FXR2_HUMAN 
_struct_ref.pdbx_db_accession          P51116 
_struct_ref.entity_id                  1 
_struct_ref.pdbx_seq_one_letter_code   
;GLPVEVRGSNGAFYKGFVKDVHEDSVTIFFENNWQSERQIPFGDVRLPPPADYNKEITEGDEVEVYSRANEQEPCGWWLA
RVRMMKGDFYVIEYAACDATYNEIVTLERLRPVNPNPLATKGSF
;
_struct_ref.pdbx_align_begin           13 
_struct_ref.pdbx_db_isoform            ? 
# 
_struct_ref_seq.align_id                      1 
_struct_ref_seq.ref_id                        1 
_struct_ref_seq.pdbx_PDB_id_code              3H8Z 
_struct_ref_seq.pdbx_strand_id                A 
_struct_ref_seq.seq_align_beg                 5 
_struct_ref_seq.pdbx_seq_align_beg_ins_code   ? 
_struct_ref_seq.seq_align_end                 128 
_struct_ref_seq.pdbx_seq_align_end_ins_code   ? 
_struct_ref_seq.pdbx_db_accession             P51116 
_struct_ref_seq.db_align_beg                  13 
_struct_ref_seq.pdbx_db_align_beg_ins_code    ? 
_struct_ref_seq.db_align_end                  136 
_struct_ref_seq.pdbx_db_align_end_ins_code    ? 
_struct_ref_seq.pdbx_auth_seq_align_beg       14 
_struct_ref_seq.pdbx_auth_seq_align_end       137 
# 
loop_
_struct_ref_seq_dif.align_id 
_struct_ref_seq_dif.pdbx_pdb_id_code 
_struct_ref_seq_dif.mon_id 
_struct_ref_seq_dif.pdbx_pdb_strand_id 
_struct_ref_seq_dif.seq_num 
_struct_ref_seq_dif.pdbx_pdb_ins_code 
_struct_ref_seq_dif.pdbx_seq_db_name 
_struct_ref_seq_dif.pdbx_seq_db_accession_code 
_struct_ref_seq_dif.db_mon_id 
_struct_ref_seq_dif.pdbx_seq_db_seq_num 
_struct_ref_seq_dif.details 
_struct_ref_seq_dif.pdbx_auth_seq_num 
_struct_ref_seq_dif.pdbx_ordinal 
1 3H8Z ALA A 1 ? UNP P51116 ? ? 'expression tag' 10 1 
1 3H8Z TYR A 2 ? UNP P51116 ? ? 'expression tag' 11 2 
1 3H8Z PHE A 3 ? UNP P51116 ? ? 'expression tag' 12 3 
1 3H8Z GLN A 4 ? UNP P51116 ? ? 'expression tag' 13 4 
# 
_pdbx_struct_assembly.id                   1 
_pdbx_struct_assembly.details              software_defined_assembly 
_pdbx_struct_assembly.method_details       PISA 
_pdbx_struct_assembly.oligomeric_details   monomeric 
_pdbx_struct_assembly.oligomeric_count     1 
# 
_pdbx_struct_assembly_gen.assembly_id       1 
_pdbx_struct_assembly_gen.oper_expression   1 
_pdbx_struct_assembly_gen.asym_id_list      A,B 
# 
_pdbx_struct_oper_list.id                   1 
_pdbx_struct_oper_list.type                 'identity operation' 
_pdbx_struct_oper_list.name                 1_555 
_pdbx_struct_oper_list.symmetry_operation   x,y,z 
_pdbx_struct_oper_list.matrix[1][1]         1.0000000000 
_pdbx_struct_oper_list.matrix[1][2]         0.0000000000 
_pdbx_struct_oper_list.matrix[1][3]         0.0000000000 
_pdbx_struct_oper_list.vector[1]            0.0000000000 
_pdbx_struct_oper_list.matrix[2][1]         0.0000000000 
_pdbx_struct_oper_list.matrix[2][2]         1.0000000000 
_pdbx_struct_oper_list.matrix[2][3]         0.0000000000 
_pdbx_struct_oper_list.vector[2]            0.0000000000 
_pdbx_struct_oper_list.matrix[3][1]         0.0000000000 
_pdbx_struct_oper_list.matrix[3][2]         0.0000000000 
_pdbx_struct_oper_list.matrix[3][3]         1.0000000000 
_pdbx_struct_oper_list.vector[3]            0.0000000000 
# 
_struct_biol.id        1 
_struct_biol.details   ? 
# 
_struct_conf.conf_type_id            HELX_P 
_struct_conf.id                      HELX_P1 
_struct_conf.pdbx_PDB_helix_id       1 
_struct_conf.beg_label_comp_id       THR 
_struct_conf.beg_label_asym_id       A 
_struct_conf.beg_label_seq_id        110 
_struct_conf.pdbx_beg_PDB_ins_code   ? 
_struct_conf.end_label_comp_id       GLU 
_struct_conf.end_label_asym_id       A 
_struct_conf.end_label_seq_id        112 
_struct_conf.pdbx_end_PDB_ins_code   ? 
_struct_conf.beg_auth_comp_id        THR 
_struct_conf.beg_auth_asym_id        A 
_struct_conf.beg_auth_seq_id         119 
_struct_conf.end_auth_comp_id        GLU 
_struct_conf.end_auth_asym_id        A 
_struct_conf.end_auth_seq_id         121 
_struct_conf.pdbx_PDB_helix_class    5 
_struct_conf.details                 ? 
_struct_conf.pdbx_PDB_helix_length   3 
# 
_struct_conf_type.id          HELX_P 
_struct_conf_type.criteria    ? 
_struct_conf_type.reference   ? 
# 
loop_
_struct_conn.id 
_struct_conn.conn_type_id 
_struct_conn.pdbx_leaving_atom_flag 
_struct_conn.pdbx_PDB_id 
_struct_conn.ptnr1_label_asym_id 
_struct_conn.ptnr1_label_comp_id 
_struct_conn.ptnr1_label_seq_id 
_struct_conn.ptnr1_label_atom_id 
_struct_conn.pdbx_ptnr1_label_alt_id 
_struct_conn.pdbx_ptnr1_PDB_ins_code 
_struct_conn.pdbx_ptnr1_standard_comp_id 
_struct_conn.ptnr1_symmetry 
_struct_conn.ptnr2_label_asym_id 
_struct_conn.ptnr2_label_comp_id 
_struct_conn.ptnr2_label_seq_id 
_struct_conn.ptnr2_label_atom_id 
_struct_conn.pdbx_ptnr2_label_alt_id 
_struct_conn.pdbx_ptnr2_PDB_ins_code 
_struct_conn.ptnr1_auth_asym_id 
_struct_conn.ptnr1_auth_comp_id 
_struct_conn.ptnr1_auth_seq_id 
_struct_conn.ptnr2_auth_asym_id 
_struct_conn.ptnr2_auth_comp_id 
_struct_conn.ptnr2_auth_seq_id 
_struct_conn.ptnr2_symmetry 
_struct_conn.pdbx_ptnr3_label_atom_id 
_struct_conn.pdbx_ptnr3_label_seq_id 
_struct_conn.pdbx_ptnr3_label_comp_id 
_struct_conn.pdbx_ptnr3_label_asym_id 
_struct_conn.pdbx_ptnr3_label_alt_id 
_struct_conn.pdbx_ptnr3_PDB_ins_code 
_struct_conn.details 
_struct_conn.pdbx_dist_value 
_struct_conn.pdbx_value_order 
_struct_conn.pdbx_role 
covale1 covale both ? A ARG 87 C ? ? ? 1_555 A MSE 88 N ? ? A ARG 96 A MSE 97 1_555 ? ? ? ? ? ? ? 1.323 ? ? 
covale2 covale both ? A MSE 88 C ? ? ? 1_555 A MSE 89 N ? ? A MSE 97 A MSE 98 1_555 ? ? ? ? ? ? ? 1.316 ? ? 
covale3 covale both ? A MSE 89 C ? ? ? 1_555 A LYS 90 N ? ? A MSE 98 A LYS 99 1_555 ? ? ? ? ? ? ? 1.324 ? ? 
# 
_struct_conn_type.id          covale 
_struct_conn_type.criteria    ? 
_struct_conn_type.reference   ? 
# 
loop_
_pdbx_modification_feature.ordinal 
_pdbx_modification_feature.label_comp_id 
_pdbx_modification_feature.label_asym_id 
_pdbx_modification_feature.label_seq_id 
_pdbx_modification_feature.label_alt_id 
_pdbx_modification_feature.modified_residue_label_comp_id 
_pdbx_modification_feature.modified_residue_label_asym_id 
_pdbx_modification_feature.modified_residue_label_seq_id 
_pdbx_modification_feature.modified_residue_label_alt_id 
_pdbx_modification_feature.auth_comp_id 
_pdbx_modification_feature.auth_asym_id 
_pdbx_modification_feature.auth_seq_id 
_pdbx_modification_feature.PDB_ins_code 
_pdbx_modification_feature.symmetry 
_pdbx_modification_feature.modified_residue_auth_comp_id 
_pdbx_modification_feature.modified_residue_auth_asym_id 
_pdbx_modification_feature.modified_residue_auth_seq_id 
_pdbx_modification_feature.modified_residue_PDB_ins_code 
_pdbx_modification_feature.modified_residue_symmetry 
_pdbx_modification_feature.comp_id_linking_atom 
_pdbx_modification_feature.modified_residue_id_linking_atom 
_pdbx_modification_feature.modified_residue_id 
_pdbx_modification_feature.ref_pcm_id 
_pdbx_modification_feature.ref_comp_id 
_pdbx_modification_feature.type 
_pdbx_modification_feature.category 
1 MSE A 88 ? . . . . MSE A 97 ? 1_555 . . . . . . . MET 1 MSE Selenomethionine 'Named protein modification' 
2 MSE A 89 ? . . . . MSE A 98 ? 1_555 . . . . . . . MET 1 MSE Selenomethionine 'Named protein modification' 
# 
loop_
_struct_sheet.id 
_struct_sheet.type 
_struct_sheet.number_strands 
_struct_sheet.details 
A ? 5 ? 
B ? 5 ? 
# 
loop_
_struct_sheet_order.sheet_id 
_struct_sheet_order.range_id_1 
_struct_sheet_order.range_id_2 
_struct_sheet_order.offset 
_struct_sheet_order.sense 
A 1 2 ? anti-parallel 
A 2 3 ? anti-parallel 
A 3 4 ? anti-parallel 
A 4 5 ? anti-parallel 
B 1 2 ? anti-parallel 
B 2 3 ? anti-parallel 
B 3 4 ? anti-parallel 
B 4 5 ? anti-parallel 
# 
loop_
_struct_sheet_range.sheet_id 
_struct_sheet_range.id 
_struct_sheet_range.beg_label_comp_id 
_struct_sheet_range.beg_label_asym_id 
_struct_sheet_range.beg_label_seq_id 
_struct_sheet_range.pdbx_beg_PDB_ins_code 
_struct_sheet_range.end_label_comp_id 
_struct_sheet_range.end_label_asym_id 
_struct_sheet_range.end_label_seq_id 
_struct_sheet_range.pdbx_end_PDB_ins_code 
_struct_sheet_range.beg_auth_comp_id 
_struct_sheet_range.beg_auth_asym_id 
_struct_sheet_range.beg_auth_seq_id 
_struct_sheet_range.end_auth_comp_id 
_struct_sheet_range.end_auth_asym_id 
_struct_sheet_range.end_auth_seq_id 
A 1 ARG A 42  ? PRO A 45  ? ARG A 51  PRO A 54  
A 2 SER A 29  ? PHE A 34  ? SER A 38  PHE A 43  
A 3 PHE A 17  ? VAL A 25  ? PHE A 26  VAL A 34  
A 4 PRO A 7   ? ARG A 11  ? PRO A 16  ARG A 20  
A 5 VAL A 49  ? ARG A 50  ? VAL A 58  ARG A 59  
B 1 GLU A 107 ? VAL A 109 ? GLU A 116 VAL A 118 
B 2 PHE A 93  ? TYR A 98  ? PHE A 102 TYR A 107 
B 3 GLY A 80  ? LYS A 90  ? GLY A 89  LYS A 99  
B 4 GLU A 66  ? SER A 71  ? GLU A 75  SER A 80  
B 5 LEU A 114 ? PRO A 116 ? LEU A 123 PRO A 125 
# 
loop_
_pdbx_struct_sheet_hbond.sheet_id 
_pdbx_struct_sheet_hbond.range_id_1 
_pdbx_struct_sheet_hbond.range_id_2 
_pdbx_struct_sheet_hbond.range_1_label_atom_id 
_pdbx_struct_sheet_hbond.range_1_label_comp_id 
_pdbx_struct_sheet_hbond.range_1_label_asym_id 
_pdbx_struct_sheet_hbond.range_1_label_seq_id 
_pdbx_struct_sheet_hbond.range_1_PDB_ins_code 
_pdbx_struct_sheet_hbond.range_1_auth_atom_id 
_pdbx_struct_sheet_hbond.range_1_auth_comp_id 
_pdbx_struct_sheet_hbond.range_1_auth_asym_id 
_pdbx_struct_sheet_hbond.range_1_auth_seq_id 
_pdbx_struct_sheet_hbond.range_2_label_atom_id 
_pdbx_struct_sheet_hbond.range_2_label_comp_id 
_pdbx_struct_sheet_hbond.range_2_label_asym_id 
_pdbx_struct_sheet_hbond.range_2_label_seq_id 
_pdbx_struct_sheet_hbond.range_2_PDB_ins_code 
_pdbx_struct_sheet_hbond.range_2_auth_atom_id 
_pdbx_struct_sheet_hbond.range_2_auth_comp_id 
_pdbx_struct_sheet_hbond.range_2_auth_asym_id 
_pdbx_struct_sheet_hbond.range_2_auth_seq_id 
A 1 2 O ARG A 42  ? O ARG A 51  N ILE A 32  ? N ILE A 41  
A 2 3 O THR A 31  ? O THR A 40  N LYS A 23  ? N LYS A 32  
A 3 4 O TYR A 18  ? O TYR A 27  N VAL A 10  ? N VAL A 19  
A 4 5 N GLU A 9   ? N GLU A 18  O ARG A 50  ? O ARG A 59  
B 1 2 O GLU A 107 ? O GLU A 116 N ILE A 96  ? N ILE A 105 
B 2 3 O VAL A 95  ? O VAL A 104 N MSE A 88  ? N MSE A 97  
B 3 4 O ALA A 84  ? O ALA A 93  N VAL A 67  ? N VAL A 76  
B 4 5 N GLU A 68  ? N GLU A 77  O ARG A 115 ? O ARG A 124 
# 
_pdbx_entry_details.entry_id                   3H8Z 
_pdbx_entry_details.compound_details           ? 
_pdbx_entry_details.source_details             ? 
_pdbx_entry_details.nonpolymer_details         ? 
_pdbx_entry_details.sequence_details           ? 
_pdbx_entry_details.has_ligand_of_interest     ? 
_pdbx_entry_details.has_protein_modification   Y 
# 
_pdbx_SG_project.id                    1 
_pdbx_SG_project.project_name          ? 
_pdbx_SG_project.full_name_of_center   'Structural Genomics Consortium' 
_pdbx_SG_project.initial_of_center     SGC 
# 
loop_
_pdbx_struct_mod_residue.id 
_pdbx_struct_mod_residue.label_asym_id 
_pdbx_struct_mod_residue.label_comp_id 
_pdbx_struct_mod_residue.label_seq_id 
_pdbx_struct_mod_residue.auth_asym_id 
_pdbx_struct_mod_residue.auth_comp_id 
_pdbx_struct_mod_residue.auth_seq_id 
_pdbx_struct_mod_residue.PDB_ins_code 
_pdbx_struct_mod_residue.parent_comp_id 
_pdbx_struct_mod_residue.details 
1 A MSE 88 A MSE 97 ? MET SELENOMETHIONINE 
2 A MSE 89 A MSE 98 ? MET SELENOMETHIONINE 
# 
loop_
_pdbx_unobs_or_zero_occ_residues.id 
_pdbx_unobs_or_zero_occ_residues.PDB_model_num 
_pdbx_unobs_or_zero_occ_residues.polymer_flag 
_pdbx_unobs_or_zero_occ_residues.occupancy_flag 
_pdbx_unobs_or_zero_occ_residues.auth_asym_id 
_pdbx_unobs_or_zero_occ_residues.auth_comp_id 
_pdbx_unobs_or_zero_occ_residues.auth_seq_id 
_pdbx_unobs_or_zero_occ_residues.PDB_ins_code 
_pdbx_unobs_or_zero_occ_residues.label_asym_id 
_pdbx_unobs_or_zero_occ_residues.label_comp_id 
_pdbx_unobs_or_zero_occ_residues.label_seq_id 
1  1 Y 1 A ASP 65  ? A ASP 56  
2  1 Y 1 A TYR 66  ? A TYR 57  
3  1 Y 1 A ASN 67  ? A ASN 58  
4  1 Y 1 A LYS 68  ? A LYS 59  
5  1 Y 1 A ASN 83  ? A ASN 74  
6  1 Y 1 A GLU 84  ? A GLU 75  
7  1 Y 1 A GLN 85  ? A GLN 76  
8  1 Y 1 A ASP 111 ? A ASP 102 
9  1 Y 1 A ALA 112 ? A ALA 103 
10 1 Y 1 A THR 113 ? A THR 104 
11 1 Y 1 A TYR 114 ? A TYR 105 
12 1 Y 1 A THR 133 ? A THR 124 
13 1 Y 1 A LYS 134 ? A LYS 125 
14 1 Y 1 A GLY 135 ? A GLY 126 
15 1 Y 1 A SER 136 ? A SER 127 
16 1 Y 1 A PHE 137 ? A PHE 128 
# 
loop_
_chem_comp_atom.comp_id 
_chem_comp_atom.atom_id 
_chem_comp_atom.type_symbol 
_chem_comp_atom.pdbx_aromatic_flag 
_chem_comp_atom.pdbx_stereo_config 
_chem_comp_atom.pdbx_ordinal 
ALA N    N  N N 1   
ALA CA   C  N S 2   
ALA C    C  N N 3   
ALA O    O  N N 4   
ALA CB   C  N N 5   
ALA OXT  O  N N 6   
ALA H    H  N N 7   
ALA H2   H  N N 8   
ALA HA   H  N N 9   
ALA HB1  H  N N 10  
ALA HB2  H  N N 11  
ALA HB3  H  N N 12  
ALA HXT  H  N N 13  
ARG N    N  N N 14  
ARG CA   C  N S 15  
ARG C    C  N N 16  
ARG O    O  N N 17  
ARG CB   C  N N 18  
ARG CG   C  N N 19  
ARG CD   C  N N 20  
ARG NE   N  N N 21  
ARG CZ   C  N N 22  
ARG NH1  N  N N 23  
ARG NH2  N  N N 24  
ARG OXT  O  N N 25  
ARG H    H  N N 26  
ARG H2   H  N N 27  
ARG HA   H  N N 28  
ARG HB2  H  N N 29  
ARG HB3  H  N N 30  
ARG HG2  H  N N 31  
ARG HG3  H  N N 32  
ARG HD2  H  N N 33  
ARG HD3  H  N N 34  
ARG HE   H  N N 35  
ARG HH11 H  N N 36  
ARG HH12 H  N N 37  
ARG HH21 H  N N 38  
ARG HH22 H  N N 39  
ARG HXT  H  N N 40  
ASN N    N  N N 41  
ASN CA   C  N S 42  
ASN C    C  N N 43  
ASN O    O  N N 44  
ASN CB   C  N N 45  
ASN CG   C  N N 46  
ASN OD1  O  N N 47  
ASN ND2  N  N N 48  
ASN OXT  O  N N 49  
ASN H    H  N N 50  
ASN H2   H  N N 51  
ASN HA   H  N N 52  
ASN HB2  H  N N 53  
ASN HB3  H  N N 54  
ASN HD21 H  N N 55  
ASN HD22 H  N N 56  
ASN HXT  H  N N 57  
ASP N    N  N N 58  
ASP CA   C  N S 59  
ASP C    C  N N 60  
ASP O    O  N N 61  
ASP CB   C  N N 62  
ASP CG   C  N N 63  
ASP OD1  O  N N 64  
ASP OD2  O  N N 65  
ASP OXT  O  N N 66  
ASP H    H  N N 67  
ASP H2   H  N N 68  
ASP HA   H  N N 69  
ASP HB2  H  N N 70  
ASP HB3  H  N N 71  
ASP HD2  H  N N 72  
ASP HXT  H  N N 73  
CYS N    N  N N 74  
CYS CA   C  N R 75  
CYS C    C  N N 76  
CYS O    O  N N 77  
CYS CB   C  N N 78  
CYS SG   S  N N 79  
CYS OXT  O  N N 80  
CYS H    H  N N 81  
CYS H2   H  N N 82  
CYS HA   H  N N 83  
CYS HB2  H  N N 84  
CYS HB3  H  N N 85  
CYS HG   H  N N 86  
CYS HXT  H  N N 87  
GLN N    N  N N 88  
GLN CA   C  N S 89  
GLN C    C  N N 90  
GLN O    O  N N 91  
GLN CB   C  N N 92  
GLN CG   C  N N 93  
GLN CD   C  N N 94  
GLN OE1  O  N N 95  
GLN NE2  N  N N 96  
GLN OXT  O  N N 97  
GLN H    H  N N 98  
GLN H2   H  N N 99  
GLN HA   H  N N 100 
GLN HB2  H  N N 101 
GLN HB3  H  N N 102 
GLN HG2  H  N N 103 
GLN HG3  H  N N 104 
GLN HE21 H  N N 105 
GLN HE22 H  N N 106 
GLN HXT  H  N N 107 
GLU N    N  N N 108 
GLU CA   C  N S 109 
GLU C    C  N N 110 
GLU O    O  N N 111 
GLU CB   C  N N 112 
GLU CG   C  N N 113 
GLU CD   C  N N 114 
GLU OE1  O  N N 115 
GLU OE2  O  N N 116 
GLU OXT  O  N N 117 
GLU H    H  N N 118 
GLU H2   H  N N 119 
GLU HA   H  N N 120 
GLU HB2  H  N N 121 
GLU HB3  H  N N 122 
GLU HG2  H  N N 123 
GLU HG3  H  N N 124 
GLU HE2  H  N N 125 
GLU HXT  H  N N 126 
GLY N    N  N N 127 
GLY CA   C  N N 128 
GLY C    C  N N 129 
GLY O    O  N N 130 
GLY OXT  O  N N 131 
GLY H    H  N N 132 
GLY H2   H  N N 133 
GLY HA2  H  N N 134 
GLY HA3  H  N N 135 
GLY HXT  H  N N 136 
HIS N    N  N N 137 
HIS CA   C  N S 138 
HIS C    C  N N 139 
HIS O    O  N N 140 
HIS CB   C  N N 141 
HIS CG   C  Y N 142 
HIS ND1  N  Y N 143 
HIS CD2  C  Y N 144 
HIS CE1  C  Y N 145 
HIS NE2  N  Y N 146 
HIS OXT  O  N N 147 
HIS H    H  N N 148 
HIS H2   H  N N 149 
HIS HA   H  N N 150 
HIS HB2  H  N N 151 
HIS HB3  H  N N 152 
HIS HD1  H  N N 153 
HIS HD2  H  N N 154 
HIS HE1  H  N N 155 
HIS HE2  H  N N 156 
HIS HXT  H  N N 157 
HOH O    O  N N 158 
HOH H1   H  N N 159 
HOH H2   H  N N 160 
ILE N    N  N N 161 
ILE CA   C  N S 162 
ILE C    C  N N 163 
ILE O    O  N N 164 
ILE CB   C  N S 165 
ILE CG1  C  N N 166 
ILE CG2  C  N N 167 
ILE CD1  C  N N 168 
ILE OXT  O  N N 169 
ILE H    H  N N 170 
ILE H2   H  N N 171 
ILE HA   H  N N 172 
ILE HB   H  N N 173 
ILE HG12 H  N N 174 
ILE HG13 H  N N 175 
ILE HG21 H  N N 176 
ILE HG22 H  N N 177 
ILE HG23 H  N N 178 
ILE HD11 H  N N 179 
ILE HD12 H  N N 180 
ILE HD13 H  N N 181 
ILE HXT  H  N N 182 
LEU N    N  N N 183 
LEU CA   C  N S 184 
LEU C    C  N N 185 
LEU O    O  N N 186 
LEU CB   C  N N 187 
LEU CG   C  N N 188 
LEU CD1  C  N N 189 
LEU CD2  C  N N 190 
LEU OXT  O  N N 191 
LEU H    H  N N 192 
LEU H2   H  N N 193 
LEU HA   H  N N 194 
LEU HB2  H  N N 195 
LEU HB3  H  N N 196 
LEU HG   H  N N 197 
LEU HD11 H  N N 198 
LEU HD12 H  N N 199 
LEU HD13 H  N N 200 
LEU HD21 H  N N 201 
LEU HD22 H  N N 202 
LEU HD23 H  N N 203 
LEU HXT  H  N N 204 
LYS N    N  N N 205 
LYS CA   C  N S 206 
LYS C    C  N N 207 
LYS O    O  N N 208 
LYS CB   C  N N 209 
LYS CG   C  N N 210 
LYS CD   C  N N 211 
LYS CE   C  N N 212 
LYS NZ   N  N N 213 
LYS OXT  O  N N 214 
LYS H    H  N N 215 
LYS H2   H  N N 216 
LYS HA   H  N N 217 
LYS HB2  H  N N 218 
LYS HB3  H  N N 219 
LYS HG2  H  N N 220 
LYS HG3  H  N N 221 
LYS HD2  H  N N 222 
LYS HD3  H  N N 223 
LYS HE2  H  N N 224 
LYS HE3  H  N N 225 
LYS HZ1  H  N N 226 
LYS HZ2  H  N N 227 
LYS HZ3  H  N N 228 
LYS HXT  H  N N 229 
MSE N    N  N N 230 
MSE CA   C  N S 231 
MSE C    C  N N 232 
MSE O    O  N N 233 
MSE OXT  O  N N 234 
MSE CB   C  N N 235 
MSE CG   C  N N 236 
MSE SE   SE N N 237 
MSE CE   C  N N 238 
MSE H    H  N N 239 
MSE H2   H  N N 240 
MSE HA   H  N N 241 
MSE HXT  H  N N 242 
MSE HB2  H  N N 243 
MSE HB3  H  N N 244 
MSE HG2  H  N N 245 
MSE HG3  H  N N 246 
MSE HE1  H  N N 247 
MSE HE2  H  N N 248 
MSE HE3  H  N N 249 
PHE N    N  N N 250 
PHE CA   C  N S 251 
PHE C    C  N N 252 
PHE O    O  N N 253 
PHE CB   C  N N 254 
PHE CG   C  Y N 255 
PHE CD1  C  Y N 256 
PHE CD2  C  Y N 257 
PHE CE1  C  Y N 258 
PHE CE2  C  Y N 259 
PHE CZ   C  Y N 260 
PHE OXT  O  N N 261 
PHE H    H  N N 262 
PHE H2   H  N N 263 
PHE HA   H  N N 264 
PHE HB2  H  N N 265 
PHE HB3  H  N N 266 
PHE HD1  H  N N 267 
PHE HD2  H  N N 268 
PHE HE1  H  N N 269 
PHE HE2  H  N N 270 
PHE HZ   H  N N 271 
PHE HXT  H  N N 272 
PRO N    N  N N 273 
PRO CA   C  N S 274 
PRO C    C  N N 275 
PRO O    O  N N 276 
PRO CB   C  N N 277 
PRO CG   C  N N 278 
PRO CD   C  N N 279 
PRO OXT  O  N N 280 
PRO H    H  N N 281 
PRO HA   H  N N 282 
PRO HB2  H  N N 283 
PRO HB3  H  N N 284 
PRO HG2  H  N N 285 
PRO HG3  H  N N 286 
PRO HD2  H  N N 287 
PRO HD3  H  N N 288 
PRO HXT  H  N N 289 
SER N    N  N N 290 
SER CA   C  N S 291 
SER C    C  N N 292 
SER O    O  N N 293 
SER CB   C  N N 294 
SER OG   O  N N 295 
SER OXT  O  N N 296 
SER H    H  N N 297 
SER H2   H  N N 298 
SER HA   H  N N 299 
SER HB2  H  N N 300 
SER HB3  H  N N 301 
SER HG   H  N N 302 
SER HXT  H  N N 303 
THR N    N  N N 304 
THR CA   C  N S 305 
THR C    C  N N 306 
THR O    O  N N 307 
THR CB   C  N R 308 
THR OG1  O  N N 309 
THR CG2  C  N N 310 
THR OXT  O  N N 311 
THR H    H  N N 312 
THR H2   H  N N 313 
THR HA   H  N N 314 
THR HB   H  N N 315 
THR HG1  H  N N 316 
THR HG21 H  N N 317 
THR HG22 H  N N 318 
THR HG23 H  N N 319 
THR HXT  H  N N 320 
TRP N    N  N N 321 
TRP CA   C  N S 322 
TRP C    C  N N 323 
TRP O    O  N N 324 
TRP CB   C  N N 325 
TRP CG   C  Y N 326 
TRP CD1  C  Y N 327 
TRP CD2  C  Y N 328 
TRP NE1  N  Y N 329 
TRP CE2  C  Y N 330 
TRP CE3  C  Y N 331 
TRP CZ2  C  Y N 332 
TRP CZ3  C  Y N 333 
TRP CH2  C  Y N 334 
TRP OXT  O  N N 335 
TRP H    H  N N 336 
TRP H2   H  N N 337 
TRP HA   H  N N 338 
TRP HB2  H  N N 339 
TRP HB3  H  N N 340 
TRP HD1  H  N N 341 
TRP HE1  H  N N 342 
TRP HE3  H  N N 343 
TRP HZ2  H  N N 344 
TRP HZ3  H  N N 345 
TRP HH2  H  N N 346 
TRP HXT  H  N N 347 
TYR N    N  N N 348 
TYR CA   C  N S 349 
TYR C    C  N N 350 
TYR O    O  N N 351 
TYR CB   C  N N 352 
TYR CG   C  Y N 353 
TYR CD1  C  Y N 354 
TYR CD2  C  Y N 355 
TYR CE1  C  Y N 356 
TYR CE2  C  Y N 357 
TYR CZ   C  Y N 358 
TYR OH   O  N N 359 
TYR OXT  O  N N 360 
TYR H    H  N N 361 
TYR H2   H  N N 362 
TYR HA   H  N N 363 
TYR HB2  H  N N 364 
TYR HB3  H  N N 365 
TYR HD1  H  N N 366 
TYR HD2  H  N N 367 
TYR HE1  H  N N 368 
TYR HE2  H  N N 369 
TYR HH   H  N N 370 
TYR HXT  H  N N 371 
VAL N    N  N N 372 
VAL CA   C  N S 373 
VAL C    C  N N 374 
VAL O    O  N N 375 
VAL CB   C  N N 376 
VAL CG1  C  N N 377 
VAL CG2  C  N N 378 
VAL OXT  O  N N 379 
VAL H    H  N N 380 
VAL H2   H  N N 381 
VAL HA   H  N N 382 
VAL HB   H  N N 383 
VAL HG11 H  N N 384 
VAL HG12 H  N N 385 
VAL HG13 H  N N 386 
VAL HG21 H  N N 387 
VAL HG22 H  N N 388 
VAL HG23 H  N N 389 
VAL HXT  H  N N 390 
# 
loop_
_chem_comp_bond.comp_id 
_chem_comp_bond.atom_id_1 
_chem_comp_bond.atom_id_2 
_chem_comp_bond.value_order 
_chem_comp_bond.pdbx_aromatic_flag 
_chem_comp_bond.pdbx_stereo_config 
_chem_comp_bond.pdbx_ordinal 
ALA N   CA   sing N N 1   
ALA N   H    sing N N 2   
ALA N   H2   sing N N 3   
ALA CA  C    sing N N 4   
ALA CA  CB   sing N N 5   
ALA CA  HA   sing N N 6   
ALA C   O    doub N N 7   
ALA C   OXT  sing N N 8   
ALA CB  HB1  sing N N 9   
ALA CB  HB2  sing N N 10  
ALA CB  HB3  sing N N 11  
ALA OXT HXT  sing N N 12  
ARG N   CA   sing N N 13  
ARG N   H    sing N N 14  
ARG N   H2   sing N N 15  
ARG CA  C    sing N N 16  
ARG CA  CB   sing N N 17  
ARG CA  HA   sing N N 18  
ARG C   O    doub N N 19  
ARG C   OXT  sing N N 20  
ARG CB  CG   sing N N 21  
ARG CB  HB2  sing N N 22  
ARG CB  HB3  sing N N 23  
ARG CG  CD   sing N N 24  
ARG CG  HG2  sing N N 25  
ARG CG  HG3  sing N N 26  
ARG CD  NE   sing N N 27  
ARG CD  HD2  sing N N 28  
ARG CD  HD3  sing N N 29  
ARG NE  CZ   sing N N 30  
ARG NE  HE   sing N N 31  
ARG CZ  NH1  sing N N 32  
ARG CZ  NH2  doub N N 33  
ARG NH1 HH11 sing N N 34  
ARG NH1 HH12 sing N N 35  
ARG NH2 HH21 sing N N 36  
ARG NH2 HH22 sing N N 37  
ARG OXT HXT  sing N N 38  
ASN N   CA   sing N N 39  
ASN N   H    sing N N 40  
ASN N   H2   sing N N 41  
ASN CA  C    sing N N 42  
ASN CA  CB   sing N N 43  
ASN CA  HA   sing N N 44  
ASN C   O    doub N N 45  
ASN C   OXT  sing N N 46  
ASN CB  CG   sing N N 47  
ASN CB  HB2  sing N N 48  
ASN CB  HB3  sing N N 49  
ASN CG  OD1  doub N N 50  
ASN CG  ND2  sing N N 51  
ASN ND2 HD21 sing N N 52  
ASN ND2 HD22 sing N N 53  
ASN OXT HXT  sing N N 54  
ASP N   CA   sing N N 55  
ASP N   H    sing N N 56  
ASP N   H2   sing N N 57  
ASP CA  C    sing N N 58  
ASP CA  CB   sing N N 59  
ASP CA  HA   sing N N 60  
ASP C   O    doub N N 61  
ASP C   OXT  sing N N 62  
ASP CB  CG   sing N N 63  
ASP CB  HB2  sing N N 64  
ASP CB  HB3  sing N N 65  
ASP CG  OD1  doub N N 66  
ASP CG  OD2  sing N N 67  
ASP OD2 HD2  sing N N 68  
ASP OXT HXT  sing N N 69  
CYS N   CA   sing N N 70  
CYS N   H    sing N N 71  
CYS N   H2   sing N N 72  
CYS CA  C    sing N N 73  
CYS CA  CB   sing N N 74  
CYS CA  HA   sing N N 75  
CYS C   O    doub N N 76  
CYS C   OXT  sing N N 77  
CYS CB  SG   sing N N 78  
CYS CB  HB2  sing N N 79  
CYS CB  HB3  sing N N 80  
CYS SG  HG   sing N N 81  
CYS OXT HXT  sing N N 82  
GLN N   CA   sing N N 83  
GLN N   H    sing N N 84  
GLN N   H2   sing N N 85  
GLN CA  C    sing N N 86  
GLN CA  CB   sing N N 87  
GLN CA  HA   sing N N 88  
GLN C   O    doub N N 89  
GLN C   OXT  sing N N 90  
GLN CB  CG   sing N N 91  
GLN CB  HB2  sing N N 92  
GLN CB  HB3  sing N N 93  
GLN CG  CD   sing N N 94  
GLN CG  HG2  sing N N 95  
GLN CG  HG3  sing N N 96  
GLN CD  OE1  doub N N 97  
GLN CD  NE2  sing N N 98  
GLN NE2 HE21 sing N N 99  
GLN NE2 HE22 sing N N 100 
GLN OXT HXT  sing N N 101 
GLU N   CA   sing N N 102 
GLU N   H    sing N N 103 
GLU N   H2   sing N N 104 
GLU CA  C    sing N N 105 
GLU CA  CB   sing N N 106 
GLU CA  HA   sing N N 107 
GLU C   O    doub N N 108 
GLU C   OXT  sing N N 109 
GLU CB  CG   sing N N 110 
GLU CB  HB2  sing N N 111 
GLU CB  HB3  sing N N 112 
GLU CG  CD   sing N N 113 
GLU CG  HG2  sing N N 114 
GLU CG  HG3  sing N N 115 
GLU CD  OE1  doub N N 116 
GLU CD  OE2  sing N N 117 
GLU OE2 HE2  sing N N 118 
GLU OXT HXT  sing N N 119 
GLY N   CA   sing N N 120 
GLY N   H    sing N N 121 
GLY N   H2   sing N N 122 
GLY CA  C    sing N N 123 
GLY CA  HA2  sing N N 124 
GLY CA  HA3  sing N N 125 
GLY C   O    doub N N 126 
GLY C   OXT  sing N N 127 
GLY OXT HXT  sing N N 128 
HIS N   CA   sing N N 129 
HIS N   H    sing N N 130 
HIS N   H2   sing N N 131 
HIS CA  C    sing N N 132 
HIS CA  CB   sing N N 133 
HIS CA  HA   sing N N 134 
HIS C   O    doub N N 135 
HIS C   OXT  sing N N 136 
HIS CB  CG   sing N N 137 
HIS CB  HB2  sing N N 138 
HIS CB  HB3  sing N N 139 
HIS CG  ND1  sing Y N 140 
HIS CG  CD2  doub Y N 141 
HIS ND1 CE1  doub Y N 142 
HIS ND1 HD1  sing N N 143 
HIS CD2 NE2  sing Y N 144 
HIS CD2 HD2  sing N N 145 
HIS CE1 NE2  sing Y N 146 
HIS CE1 HE1  sing N N 147 
HIS NE2 HE2  sing N N 148 
HIS OXT HXT  sing N N 149 
HOH O   H1   sing N N 150 
HOH O   H2   sing N N 151 
ILE N   CA   sing N N 152 
ILE N   H    sing N N 153 
ILE N   H2   sing N N 154 
ILE CA  C    sing N N 155 
ILE CA  CB   sing N N 156 
ILE CA  HA   sing N N 157 
ILE C   O    doub N N 158 
ILE C   OXT  sing N N 159 
ILE CB  CG1  sing N N 160 
ILE CB  CG2  sing N N 161 
ILE CB  HB   sing N N 162 
ILE CG1 CD1  sing N N 163 
ILE CG1 HG12 sing N N 164 
ILE CG1 HG13 sing N N 165 
ILE CG2 HG21 sing N N 166 
ILE CG2 HG22 sing N N 167 
ILE CG2 HG23 sing N N 168 
ILE CD1 HD11 sing N N 169 
ILE CD1 HD12 sing N N 170 
ILE CD1 HD13 sing N N 171 
ILE OXT HXT  sing N N 172 
LEU N   CA   sing N N 173 
LEU N   H    sing N N 174 
LEU N   H2   sing N N 175 
LEU CA  C    sing N N 176 
LEU CA  CB   sing N N 177 
LEU CA  HA   sing N N 178 
LEU C   O    doub N N 179 
LEU C   OXT  sing N N 180 
LEU CB  CG   sing N N 181 
LEU CB  HB2  sing N N 182 
LEU CB  HB3  sing N N 183 
LEU CG  CD1  sing N N 184 
LEU CG  CD2  sing N N 185 
LEU CG  HG   sing N N 186 
LEU CD1 HD11 sing N N 187 
LEU CD1 HD12 sing N N 188 
LEU CD1 HD13 sing N N 189 
LEU CD2 HD21 sing N N 190 
LEU CD2 HD22 sing N N 191 
LEU CD2 HD23 sing N N 192 
LEU OXT HXT  sing N N 193 
LYS N   CA   sing N N 194 
LYS N   H    sing N N 195 
LYS N   H2   sing N N 196 
LYS CA  C    sing N N 197 
LYS CA  CB   sing N N 198 
LYS CA  HA   sing N N 199 
LYS C   O    doub N N 200 
LYS C   OXT  sing N N 201 
LYS CB  CG   sing N N 202 
LYS CB  HB2  sing N N 203 
LYS CB  HB3  sing N N 204 
LYS CG  CD   sing N N 205 
LYS CG  HG2  sing N N 206 
LYS CG  HG3  sing N N 207 
LYS CD  CE   sing N N 208 
LYS CD  HD2  sing N N 209 
LYS CD  HD3  sing N N 210 
LYS CE  NZ   sing N N 211 
LYS CE  HE2  sing N N 212 
LYS CE  HE3  sing N N 213 
LYS NZ  HZ1  sing N N 214 
LYS NZ  HZ2  sing N N 215 
LYS NZ  HZ3  sing N N 216 
LYS OXT HXT  sing N N 217 
MSE N   CA   sing N N 218 
MSE N   H    sing N N 219 
MSE N   H2   sing N N 220 
MSE CA  C    sing N N 221 
MSE CA  CB   sing N N 222 
MSE CA  HA   sing N N 223 
MSE C   O    doub N N 224 
MSE C   OXT  sing N N 225 
MSE OXT HXT  sing N N 226 
MSE CB  CG   sing N N 227 
MSE CB  HB2  sing N N 228 
MSE CB  HB3  sing N N 229 
MSE CG  SE   sing N N 230 
MSE CG  HG2  sing N N 231 
MSE CG  HG3  sing N N 232 
MSE SE  CE   sing N N 233 
MSE CE  HE1  sing N N 234 
MSE CE  HE2  sing N N 235 
MSE CE  HE3  sing N N 236 
PHE N   CA   sing N N 237 
PHE N   H    sing N N 238 
PHE N   H2   sing N N 239 
PHE CA  C    sing N N 240 
PHE CA  CB   sing N N 241 
PHE CA  HA   sing N N 242 
PHE C   O    doub N N 243 
PHE C   OXT  sing N N 244 
PHE CB  CG   sing N N 245 
PHE CB  HB2  sing N N 246 
PHE CB  HB3  sing N N 247 
PHE CG  CD1  doub Y N 248 
PHE CG  CD2  sing Y N 249 
PHE CD1 CE1  sing Y N 250 
PHE CD1 HD1  sing N N 251 
PHE CD2 CE2  doub Y N 252 
PHE CD2 HD2  sing N N 253 
PHE CE1 CZ   doub Y N 254 
PHE CE1 HE1  sing N N 255 
PHE CE2 CZ   sing Y N 256 
PHE CE2 HE2  sing N N 257 
PHE CZ  HZ   sing N N 258 
PHE OXT HXT  sing N N 259 
PRO N   CA   sing N N 260 
PRO N   CD   sing N N 261 
PRO N   H    sing N N 262 
PRO CA  C    sing N N 263 
PRO CA  CB   sing N N 264 
PRO CA  HA   sing N N 265 
PRO C   O    doub N N 266 
PRO C   OXT  sing N N 267 
PRO CB  CG   sing N N 268 
PRO CB  HB2  sing N N 269 
PRO CB  HB3  sing N N 270 
PRO CG  CD   sing N N 271 
PRO CG  HG2  sing N N 272 
PRO CG  HG3  sing N N 273 
PRO CD  HD2  sing N N 274 
PRO CD  HD3  sing N N 275 
PRO OXT HXT  sing N N 276 
SER N   CA   sing N N 277 
SER N   H    sing N N 278 
SER N   H2   sing N N 279 
SER CA  C    sing N N 280 
SER CA  CB   sing N N 281 
SER CA  HA   sing N N 282 
SER C   O    doub N N 283 
SER C   OXT  sing N N 284 
SER CB  OG   sing N N 285 
SER CB  HB2  sing N N 286 
SER CB  HB3  sing N N 287 
SER OG  HG   sing N N 288 
SER OXT HXT  sing N N 289 
THR N   CA   sing N N 290 
THR N   H    sing N N 291 
THR N   H2   sing N N 292 
THR CA  C    sing N N 293 
THR CA  CB   sing N N 294 
THR CA  HA   sing N N 295 
THR C   O    doub N N 296 
THR C   OXT  sing N N 297 
THR CB  OG1  sing N N 298 
THR CB  CG2  sing N N 299 
THR CB  HB   sing N N 300 
THR OG1 HG1  sing N N 301 
THR CG2 HG21 sing N N 302 
THR CG2 HG22 sing N N 303 
THR CG2 HG23 sing N N 304 
THR OXT HXT  sing N N 305 
TRP N   CA   sing N N 306 
TRP N   H    sing N N 307 
TRP N   H2   sing N N 308 
TRP CA  C    sing N N 309 
TRP CA  CB   sing N N 310 
TRP CA  HA   sing N N 311 
TRP C   O    doub N N 312 
TRP C   OXT  sing N N 313 
TRP CB  CG   sing N N 314 
TRP CB  HB2  sing N N 315 
TRP CB  HB3  sing N N 316 
TRP CG  CD1  doub Y N 317 
TRP CG  CD2  sing Y N 318 
TRP CD1 NE1  sing Y N 319 
TRP CD1 HD1  sing N N 320 
TRP CD2 CE2  doub Y N 321 
TRP CD2 CE3  sing Y N 322 
TRP NE1 CE2  sing Y N 323 
TRP NE1 HE1  sing N N 324 
TRP CE2 CZ2  sing Y N 325 
TRP CE3 CZ3  doub Y N 326 
TRP CE3 HE3  sing N N 327 
TRP CZ2 CH2  doub Y N 328 
TRP CZ2 HZ2  sing N N 329 
TRP CZ3 CH2  sing Y N 330 
TRP CZ3 HZ3  sing N N 331 
TRP CH2 HH2  sing N N 332 
TRP OXT HXT  sing N N 333 
TYR N   CA   sing N N 334 
TYR N   H    sing N N 335 
TYR N   H2   sing N N 336 
TYR CA  C    sing N N 337 
TYR CA  CB   sing N N 338 
TYR CA  HA   sing N N 339 
TYR C   O    doub N N 340 
TYR C   OXT  sing N N 341 
TYR CB  CG   sing N N 342 
TYR CB  HB2  sing N N 343 
TYR CB  HB3  sing N N 344 
TYR CG  CD1  doub Y N 345 
TYR CG  CD2  sing Y N 346 
TYR CD1 CE1  sing Y N 347 
TYR CD1 HD1  sing N N 348 
TYR CD2 CE2  doub Y N 349 
TYR CD2 HD2  sing N N 350 
TYR CE1 CZ   doub Y N 351 
TYR CE1 HE1  sing N N 352 
TYR CE2 CZ   sing Y N 353 
TYR CE2 HE2  sing N N 354 
TYR CZ  OH   sing N N 355 
TYR OH  HH   sing N N 356 
TYR OXT HXT  sing N N 357 
VAL N   CA   sing N N 358 
VAL N   H    sing N N 359 
VAL N   H2   sing N N 360 
VAL CA  C    sing N N 361 
VAL CA  CB   sing N N 362 
VAL CA  HA   sing N N 363 
VAL C   O    doub N N 364 
VAL C   OXT  sing N N 365 
VAL CB  CG1  sing N N 366 
VAL CB  CG2  sing N N 367 
VAL CB  HB   sing N N 368 
VAL CG1 HG11 sing N N 369 
VAL CG1 HG12 sing N N 370 
VAL CG1 HG13 sing N N 371 
VAL CG2 HG21 sing N N 372 
VAL CG2 HG22 sing N N 373 
VAL CG2 HG23 sing N N 374 
VAL OXT HXT  sing N N 375 
# 
_atom_sites.entry_id                    3H8Z 
_atom_sites.fract_transf_matrix[1][1]   -0.00593103 
_atom_sites.fract_transf_matrix[1][2]   0.00378934 
_atom_sites.fract_transf_matrix[1][3]   -0.02806390 
_atom_sites.fract_transf_matrix[2][1]   0.00685731 
_atom_sites.fract_transf_matrix[2][2]   0.01693517 
_atom_sites.fract_transf_matrix[2][3]   0.00083745 
_atom_sites.fract_transf_matrix[3][1]   0.01288445 
_atom_sites.fract_transf_matrix[3][2]   -0.00504874 
_atom_sites.fract_transf_matrix[3][3]   -0.00340471 
_atom_sites.fract_transf_vector[1]      0.625223 
_atom_sites.fract_transf_vector[2]      0.710622 
_atom_sites.fract_transf_vector[3]      0.296170 
# 
loop_
_atom_type.symbol 
C  
N  
O  
S  
SE 
# 
loop_
_atom_site.group_PDB 
_atom_site.id 
_atom_site.type_symbol 
_atom_site.label_atom_id 
_atom_site.label_alt_id 
_atom_site.label_comp_id 
_atom_site.label_asym_id 
_atom_site.label_entity_id 
_atom_site.label_seq_id 
_atom_site.pdbx_PDB_ins_code 
_atom_site.Cartn_x 
_atom_site.Cartn_y 
_atom_site.Cartn_z 
_atom_site.occupancy 
_atom_site.B_iso_or_equiv 
_atom_site.pdbx_formal_charge 
_atom_site.auth_seq_id 
_atom_site.auth_comp_id 
_atom_site.auth_asym_id 
_atom_site.auth_atom_id 
_atom_site.pdbx_PDB_model_num 
ATOM   1   N  N   . ALA A 1 1   ? 24.643  1.799   0.290   1.00 39.74 ? 10  ALA A N   1 
ATOM   2   C  CA  . ALA A 1 1   ? 24.807  1.266   1.707   1.00 39.64 ? 10  ALA A CA  1 
ATOM   3   C  C   . ALA A 1 1   ? 23.774  1.668   2.756   1.00 38.29 ? 10  ALA A C   1 
ATOM   4   O  O   . ALA A 1 1   ? 23.267  0.823   3.493   1.00 39.30 ? 10  ALA A O   1 
ATOM   5   C  CB  . ALA A 1 1   ? 26.230  1.593   2.265   1.00 40.50 ? 10  ALA A CB  1 
ATOM   6   N  N   . TYR A 1 2   ? 23.543  2.968   2.895   1.00 35.88 ? 11  TYR A N   1 
ATOM   7   C  CA  . TYR A 1 2   ? 22.740  3.499   3.983   1.00 33.50 ? 11  TYR A CA  1 
ATOM   8   C  C   . TYR A 1 2   ? 21.256  3.073   3.980   1.00 30.70 ? 11  TYR A C   1 
ATOM   9   O  O   . TYR A 1 2   ? 20.604  3.041   5.028   1.00 30.78 ? 11  TYR A O   1 
ATOM   10  C  CB  . TYR A 1 2   ? 22.791  5.036   3.938   1.00 33.63 ? 11  TYR A CB  1 
ATOM   11  C  CG  . TYR A 1 2   ? 21.993  5.644   5.040   1.00 35.69 ? 11  TYR A CG  1 
ATOM   12  C  CD1 . TYR A 1 2   ? 22.562  5.845   6.312   1.00 37.36 ? 11  TYR A CD1 1 
ATOM   13  C  CD2 . TYR A 1 2   ? 20.658  6.028   4.838   1.00 35.14 ? 11  TYR A CD2 1 
ATOM   14  C  CE1 . TYR A 1 2   ? 21.803  6.392   7.348   1.00 37.63 ? 11  TYR A CE1 1 
ATOM   15  C  CE2 . TYR A 1 2   ? 19.902  6.554   5.869   1.00 37.47 ? 11  TYR A CE2 1 
ATOM   16  C  CZ  . TYR A 1 2   ? 20.496  6.749   7.105   1.00 36.39 ? 11  TYR A CZ  1 
ATOM   17  O  OH  . TYR A 1 2   ? 19.743  7.285   8.109   1.00 39.81 ? 11  TYR A OH  1 
ATOM   18  N  N   . PHE A 1 3   ? 20.716  2.800   2.807   1.00 26.93 ? 12  PHE A N   1 
ATOM   19  C  CA  . PHE A 1 3   ? 19.265  2.573   2.679   1.00 22.83 ? 12  PHE A CA  1 
ATOM   20  C  C   . PHE A 1 3   ? 18.915  1.114   2.560   1.00 22.44 ? 12  PHE A C   1 
ATOM   21  O  O   . PHE A 1 3   ? 17.745  0.805   2.302   1.00 20.83 ? 12  PHE A O   1 
ATOM   22  C  CB  . PHE A 1 3   ? 18.687  3.283   1.440   1.00 23.94 ? 12  PHE A CB  1 
ATOM   23  C  CG  . PHE A 1 3   ? 18.764  4.795   1.504   1.00 22.64 ? 12  PHE A CG  1 
ATOM   24  C  CD1 . PHE A 1 3   ? 17.799  5.517   2.198   1.00 26.25 ? 12  PHE A CD1 1 
ATOM   25  C  CD2 . PHE A 1 3   ? 19.810  5.460   0.911   1.00 24.74 ? 12  PHE A CD2 1 
ATOM   26  C  CE1 . PHE A 1 3   ? 17.876  6.932   2.262   1.00 28.18 ? 12  PHE A CE1 1 
ATOM   27  C  CE2 . PHE A 1 3   ? 19.919  6.862   0.964   1.00 28.18 ? 12  PHE A CE2 1 
ATOM   28  C  CZ  . PHE A 1 3   ? 18.932  7.599   1.650   1.00 26.37 ? 12  PHE A CZ  1 
ATOM   29  N  N   . GLN A 1 4   ? 19.885  0.220   2.787   1.00 19.54 ? 13  GLN A N   1 
ATOM   30  C  CA  . GLN A 1 4   ? 19.683  -1.201  2.639   1.00 21.15 ? 13  GLN A CA  1 
ATOM   31  C  C   . GLN A 1 4   ? 18.498  -1.704  3.468   1.00 20.84 ? 13  GLN A C   1 
ATOM   32  O  O   . GLN A 1 4   ? 18.468  -1.522  4.686   1.00 20.36 ? 13  GLN A O   1 
ATOM   33  C  CB  . GLN A 1 4   ? 20.946  -1.981  3.100   1.00 21.11 ? 13  GLN A CB  1 
ATOM   34  C  CG  . GLN A 1 4   ? 20.748  -3.479  2.954   1.00 20.69 ? 13  GLN A CG  1 
ATOM   35  C  CD  . GLN A 1 4   ? 22.039  -4.329  3.287   1.00 22.63 ? 13  GLN A CD  1 
ATOM   36  O  OE1 . GLN A 1 4   ? 23.074  -3.772  3.617   1.00 24.44 ? 13  GLN A OE1 1 
ATOM   37  N  NE2 . GLN A 1 4   ? 21.938  -5.679  3.184   1.00 21.26 ? 13  GLN A NE2 1 
ATOM   38  N  N   . GLY A 1 5   ? 17.575  -2.389  2.816   1.00 19.02 ? 14  GLY A N   1 
ATOM   39  C  CA  . GLY A 1 5   ? 16.421  -2.942  3.465   1.00 19.45 ? 14  GLY A CA  1 
ATOM   40  C  C   . GLY A 1 5   ? 15.331  -1.939  3.894   1.00 17.98 ? 14  GLY A C   1 
ATOM   41  O  O   . GLY A 1 5   ? 14.380  -2.348  4.568   1.00 19.12 ? 14  GLY A O   1 
ATOM   42  N  N   . LEU A 1 6   ? 15.439  -0.662  3.524   1.00 18.52 ? 15  LEU A N   1 
ATOM   43  C  CA  . LEU A 1 6   ? 14.341  0.298   3.804   1.00 19.15 ? 15  LEU A CA  1 
ATOM   44  C  C   . LEU A 1 6   ? 12.962  -0.135  3.214   1.00 20.41 ? 15  LEU A C   1 
ATOM   45  O  O   . LEU A 1 6   ? 12.841  -0.279  1.987   1.00 21.34 ? 15  LEU A O   1 
ATOM   46  C  CB  . LEU A 1 6   ? 14.647  1.684   3.258   1.00 18.41 ? 15  LEU A CB  1 
ATOM   47  C  CG  . LEU A 1 6   ? 13.713  2.825   3.765   1.00 20.53 ? 15  LEU A CG  1 
ATOM   48  C  CD1 . LEU A 1 6   ? 13.821  3.107   5.297   1.00 20.82 ? 15  LEU A CD1 1 
ATOM   49  C  CD2 . LEU A 1 6   ? 13.895  4.097   2.961   1.00 21.38 ? 15  LEU A CD2 1 
ATOM   50  N  N   . PRO A 1 7   ? 11.931  -0.320  4.064   1.00 20.90 ? 16  PRO A N   1 
ATOM   51  C  CA  . PRO A 1 7   ? 10.619  -0.632  3.487   1.00 19.95 ? 16  PRO A CA  1 
ATOM   52  C  C   . PRO A 1 7   ? 10.035  0.588   2.777   1.00 19.44 ? 16  PRO A C   1 
ATOM   53  O  O   . PRO A 1 7   ? 10.127  1.750   3.243   1.00 18.29 ? 16  PRO A O   1 
ATOM   54  C  CB  . PRO A 1 7   ? 9.759   -1.043  4.683   1.00 21.69 ? 16  PRO A CB  1 
ATOM   55  C  CG  . PRO A 1 7   ? 10.829  -1.420  5.822   1.00 21.97 ? 16  PRO A CG  1 
ATOM   56  C  CD  . PRO A 1 7   ? 11.939  -0.372  5.558   1.00 20.93 ? 16  PRO A CD  1 
ATOM   57  N  N   . VAL A 1 8   ? 9.473   0.321   1.597   1.00 19.83 ? 17  VAL A N   1 
ATOM   58  C  CA  . VAL A 1 8   ? 8.817   1.399   0.802   1.00 18.90 ? 17  VAL A CA  1 
ATOM   59  C  C   . VAL A 1 8   ? 7.481   0.828   0.296   1.00 19.30 ? 17  VAL A C   1 
ATOM   60  O  O   . VAL A 1 8   ? 7.230   -0.382  0.349   1.00 21.05 ? 17  VAL A O   1 
ATOM   61  C  CB  . VAL A 1 8   ? 9.689   1.818   -0.431  1.00 18.33 ? 17  VAL A CB  1 
ATOM   62  C  CG1 . VAL A 1 8   ? 11.005  2.577   0.068   1.00 18.49 ? 17  VAL A CG1 1 
ATOM   63  C  CG2 . VAL A 1 8   ? 10.024  0.589   -1.318  1.00 16.85 ? 17  VAL A CG2 1 
ATOM   64  N  N   . GLU A 1 9   ? 6.632   1.667   -0.226  1.00 19.47 ? 18  GLU A N   1 
ATOM   65  C  CA  . GLU A 1 9   ? 5.489   1.152   -0.954  1.00 20.15 ? 18  GLU A CA  1 
ATOM   66  C  C   . GLU A 1 9   ? 5.575   1.589   -2.421  1.00 20.60 ? 18  GLU A C   1 
ATOM   67  O  O   . GLU A 1 9   ? 5.967   2.703   -2.712  1.00 20.60 ? 18  GLU A O   1 
ATOM   68  C  CB  . GLU A 1 9   ? 4.165   1.697   -0.335  1.00 20.67 ? 18  GLU A CB  1 
ATOM   69  C  CG  . GLU A 1 9   ? 3.926   1.172   1.129   1.00 19.51 ? 18  GLU A CG  1 
ATOM   70  C  CD  . GLU A 1 9   ? 2.571   1.611   1.736   1.00 21.53 ? 18  GLU A CD  1 
ATOM   71  O  OE1 . GLU A 1 9   ? 1.913   2.501   1.189   1.00 21.66 ? 18  GLU A OE1 1 
ATOM   72  O  OE2 . GLU A 1 9   ? 2.192   1.055   2.772   1.00 25.90 ? 18  GLU A OE2 1 
ATOM   73  N  N   . VAL A 1 10  ? 5.169   0.709   -3.324  1.00 21.37 ? 19  VAL A N   1 
ATOM   74  C  CA  . VAL A 1 10  ? 5.346   0.967   -4.738  1.00 21.54 ? 19  VAL A CA  1 
ATOM   75  C  C   . VAL A 1 10  ? 3.945   0.921   -5.436  1.00 21.54 ? 19  VAL A C   1 
ATOM   76  O  O   . VAL A 1 10  ? 3.236   -0.060  -5.341  1.00 20.33 ? 19  VAL A O   1 
ATOM   77  C  CB  . VAL A 1 10  ? 6.326   -0.087  -5.354  1.00 22.18 ? 19  VAL A CB  1 
ATOM   78  C  CG1 . VAL A 1 10  ? 6.327   0.000   -6.954  1.00 22.69 ? 19  VAL A CG1 1 
ATOM   79  C  CG2 . VAL A 1 10  ? 7.790   0.133   -4.810  1.00 24.84 ? 19  VAL A CG2 1 
ATOM   80  N  N   . ARG A 1 11  ? 3.606   1.974   -6.164  1.00 22.86 ? 20  ARG A N   1 
ATOM   81  C  CA  . ARG A 1 11  ? 2.394   2.046   -6.981  1.00 24.98 ? 20  ARG A CA  1 
ATOM   82  C  C   . ARG A 1 11  ? 2.485   1.066   -8.169  1.00 25.34 ? 20  ARG A C   1 
ATOM   83  O  O   . ARG A 1 11  ? 3.372   1.183   -9.011  1.00 25.50 ? 20  ARG A O   1 
ATOM   84  C  CB  . ARG A 1 11  ? 2.226   3.462   -7.528  1.00 24.28 ? 20  ARG A CB  1 
ATOM   85  C  CG  . ARG A 1 11  ? 0.804   3.648   -8.172  1.00 29.82 ? 20  ARG A CG  1 
ATOM   86  C  CD  . ARG A 1 11  ? 0.495   5.098   -8.562  1.00 30.67 ? 20  ARG A CD  1 
ATOM   87  N  NE  . ARG A 1 11  ? 1.614   5.774   -9.212  1.00 41.74 ? 20  ARG A NE  1 
ATOM   88  C  CZ  . ARG A 1 11  ? 1.610   7.067   -9.546  1.00 46.91 ? 20  ARG A CZ  1 
ATOM   89  N  NH1 . ARG A 1 11  ? 0.519   7.797   -9.311  1.00 49.87 ? 20  ARG A NH1 1 
ATOM   90  N  NH2 . ARG A 1 11  ? 2.678   7.633   -10.114 1.00 46.68 ? 20  ARG A NH2 1 
ATOM   91  N  N   . GLY A 1 12  ? 1.602   0.082   -8.183  1.00 25.13 ? 21  GLY A N   1 
ATOM   92  C  CA  . GLY A 1 12  ? 1.405   -0.824  -9.340  1.00 27.92 ? 21  GLY A CA  1 
ATOM   93  C  C   . GLY A 1 12  ? 0.644   -0.109  -10.472 1.00 29.62 ? 21  GLY A C   1 
ATOM   94  O  O   . GLY A 1 12  ? 0.195   1.009   -10.334 1.00 27.05 ? 21  GLY A O   1 
ATOM   95  N  N   . SER A 1 13  ? 0.534   -0.769  -11.613 1.00 31.65 ? 22  SER A N   1 
ATOM   96  C  CA  . SER A 1 13  ? -0.157  -0.167  -12.744 1.00 35.36 ? 22  SER A CA  1 
ATOM   97  C  C   . SER A 1 13  ? -1.648  -0.063  -12.478 1.00 35.50 ? 22  SER A C   1 
ATOM   98  O  O   . SER A 1 13  ? -2.317  0.750   -13.107 1.00 38.27 ? 22  SER A O   1 
ATOM   99  C  CB  . SER A 1 13  ? 0.072   -0.992  -14.014 1.00 34.59 ? 22  SER A CB  1 
ATOM   100 O  OG  . SER A 1 13  ? 1.244   -0.482  -14.625 1.00 41.71 ? 22  SER A OG  1 
ATOM   101 N  N   . ASN A 1 14  ? -2.142  -0.924  -11.591 1.00 35.72 ? 23  ASN A N   1 
ATOM   102 C  CA  . ASN A 1 14  ? -3.549  -0.937  -11.134 1.00 35.10 ? 23  ASN A CA  1 
ATOM   103 C  C   . ASN A 1 14  ? -3.903  0.168   -10.103 1.00 35.47 ? 23  ASN A C   1 
ATOM   104 O  O   . ASN A 1 14  ? -5.015  0.198   -9.577  1.00 36.53 ? 23  ASN A O   1 
ATOM   105 C  CB  . ASN A 1 14  ? -3.899  -2.336  -10.590 1.00 34.80 ? 23  ASN A CB  1 
ATOM   106 C  CG  . ASN A 1 14  ? -3.047  -2.738  -9.361  1.00 33.05 ? 23  ASN A CG  1 
ATOM   107 O  OD1 . ASN A 1 14  ? -2.261  -1.951  -8.875  1.00 32.79 ? 23  ASN A OD1 1 
ATOM   108 N  ND2 . ASN A 1 14  ? -3.232  -3.953  -8.859  1.00 29.97 ? 23  ASN A ND2 1 
ATOM   109 N  N   . GLY A 1 15  ? -2.946  1.037   -9.792  1.00 33.72 ? 24  GLY A N   1 
ATOM   110 C  CA  . GLY A 1 15  ? -3.113  2.104   -8.819  1.00 31.56 ? 24  GLY A CA  1 
ATOM   111 C  C   . GLY A 1 15  ? -2.882  1.742   -7.338  1.00 28.73 ? 24  GLY A C   1 
ATOM   112 O  O   . GLY A 1 15  ? -2.707  2.631   -6.501  1.00 28.58 ? 24  GLY A O   1 
ATOM   113 N  N   . ALA A 1 16  ? -2.926  0.457   -7.041  1.00 27.56 ? 25  ALA A N   1 
ATOM   114 C  CA  . ALA A 1 16  ? -2.689  -0.072  -5.697  1.00 26.06 ? 25  ALA A CA  1 
ATOM   115 C  C   . ALA A 1 16  ? -1.183  0.046   -5.290  1.00 25.83 ? 25  ALA A C   1 
ATOM   116 O  O   . ALA A 1 16  ? -0.311  0.180   -6.157  1.00 25.02 ? 25  ALA A O   1 
ATOM   117 C  CB  . ALA A 1 16  ? -3.181  -1.495  -5.558  1.00 24.37 ? 25  ALA A CB  1 
ATOM   118 N  N   . PHE A 1 17  ? -0.931  0.072   -3.983  1.00 24.57 ? 26  PHE A N   1 
ATOM   119 C  CA  . PHE A 1 17  ? 0.444   0.078   -3.449  1.00 24.22 ? 26  PHE A CA  1 
ATOM   120 C  C   . PHE A 1 17  ? 0.955   -1.229  -2.860  1.00 23.83 ? 26  PHE A C   1 
ATOM   121 O  O   . PHE A 1 17  ? 0.294   -1.894  -2.059  1.00 24.54 ? 26  PHE A O   1 
ATOM   122 C  CB  . PHE A 1 17  ? 0.617   1.181   -2.417  1.00 22.88 ? 26  PHE A CB  1 
ATOM   123 C  CG  . PHE A 1 17  ? 0.712   2.521   -3.034  1.00 23.80 ? 26  PHE A CG  1 
ATOM   124 C  CD1 . PHE A 1 17  ? 1.967   3.093   -3.301  1.00 18.91 ? 26  PHE A CD1 1 
ATOM   125 C  CD2 . PHE A 1 17  ? -0.464  3.195   -3.420  1.00 22.30 ? 26  PHE A CD2 1 
ATOM   126 C  CE1 . PHE A 1 17  ? 2.047   4.328   -3.937  1.00 23.15 ? 26  PHE A CE1 1 
ATOM   127 C  CE2 . PHE A 1 17  ? -0.381  4.462   -4.025  1.00 22.70 ? 26  PHE A CE2 1 
ATOM   128 C  CZ  . PHE A 1 17  ? 0.869   5.018   -4.281  1.00 24.59 ? 26  PHE A CZ  1 
ATOM   129 N  N   . TYR A 1 18  ? 2.181   -1.567  -3.249  1.00 24.38 ? 27  TYR A N   1 
ATOM   130 C  CA  . TYR A 1 18  ? 2.749   -2.885  -2.897  1.00 23.75 ? 27  TYR A CA  1 
ATOM   131 C  C   . TYR A 1 18  ? 4.006   -2.692  -2.078  1.00 23.47 ? 27  TYR A C   1 
ATOM   132 O  O   . TYR A 1 18  ? 4.829   -1.773  -2.325  1.00 23.54 ? 27  TYR A O   1 
ATOM   133 C  CB  . TYR A 1 18  ? 3.028   -3.706  -4.177  1.00 25.75 ? 27  TYR A CB  1 
ATOM   134 C  CG  . TYR A 1 18  ? 1.713   -4.044  -4.893  1.00 22.79 ? 27  TYR A CG  1 
ATOM   135 C  CD1 . TYR A 1 18  ? 0.984   -5.169  -4.545  1.00 26.44 ? 27  TYR A CD1 1 
ATOM   136 C  CD2 . TYR A 1 18  ? 1.172   -3.172  -5.836  1.00 25.80 ? 27  TYR A CD2 1 
ATOM   137 C  CE1 . TYR A 1 18  ? -0.245  -5.440  -5.153  1.00 26.77 ? 27  TYR A CE1 1 
ATOM   138 C  CE2 . TYR A 1 18  ? -0.082  -3.446  -6.482  1.00 28.58 ? 27  TYR A CE2 1 
ATOM   139 C  CZ  . TYR A 1 18  ? -0.765  -4.586  -6.118  1.00 29.31 ? 27  TYR A CZ  1 
ATOM   140 O  OH  . TYR A 1 18  ? -2.010  -4.875  -6.697  1.00 32.44 ? 27  TYR A OH  1 
ATOM   141 N  N   . LYS A 1 19  ? 4.182   -3.559  -1.113  1.00 24.45 ? 28  LYS A N   1 
ATOM   142 C  CA  . LYS A 1 19  ? 5.386   -3.433  -0.248  1.00 26.73 ? 28  LYS A CA  1 
ATOM   143 C  C   . LYS A 1 19  ? 6.664   -3.944  -0.970  1.00 22.86 ? 28  LYS A C   1 
ATOM   144 O  O   . LYS A 1 19  ? 6.678   -5.006  -1.584  1.00 21.96 ? 28  LYS A O   1 
ATOM   145 C  CB  . LYS A 1 19  ? 5.172   -4.197  1.091   1.00 27.87 ? 28  LYS A CB  1 
ATOM   146 C  CG  . LYS A 1 19  ? 6.353   -4.053  2.074   1.00 31.59 ? 28  LYS A CG  1 
ATOM   147 C  CD  . LYS A 1 19  ? 6.002   -4.688  3.445   1.00 31.77 ? 28  LYS A CD  1 
ATOM   148 C  CE  . LYS A 1 19  ? 6.758   -4.020  4.649   1.00 40.84 ? 28  LYS A CE  1 
ATOM   149 N  NZ  . LYS A 1 19  ? 7.111   -4.966  5.871   1.00 43.85 ? 28  LYS A NZ  1 
ATOM   150 N  N   . GLY A 1 20  ? 7.713   -3.148  -0.894  1.00 22.73 ? 29  GLY A N   1 
ATOM   151 C  CA  . GLY A 1 20  ? 9.058   -3.583  -1.289  1.00 20.42 ? 29  GLY A CA  1 
ATOM   152 C  C   . GLY A 1 20  ? 10.120  -3.051  -0.329  1.00 21.10 ? 29  GLY A C   1 
ATOM   153 O  O   . GLY A 1 20  ? 9.815   -2.316  0.605   1.00 20.56 ? 29  GLY A O   1 
ATOM   154 N  N   . PHE A 1 21  ? 11.365  -3.453  -0.562  1.00 20.69 ? 30  PHE A N   1 
ATOM   155 C  CA  . PHE A 1 21  ? 12.498  -3.084  0.266   1.00 22.69 ? 30  PHE A CA  1 
ATOM   156 C  C   . PHE A 1 21  ? 13.626  -2.532  -0.596  1.00 21.22 ? 30  PHE A C   1 
ATOM   157 O  O   . PHE A 1 21  ? 13.979  -3.108  -1.592  1.00 27.23 ? 30  PHE A O   1 
ATOM   158 C  CB  . PHE A 1 21  ? 12.921  -4.258  1.143   1.00 21.17 ? 30  PHE A CB  1 
ATOM   159 C  CG  . PHE A 1 21  ? 11.790  -4.869  1.853   1.00 20.94 ? 30  PHE A CG  1 
ATOM   160 C  CD1 . PHE A 1 21  ? 11.314  -4.279  3.016   1.00 19.84 ? 30  PHE A CD1 1 
ATOM   161 C  CD2 . PHE A 1 21  ? 11.139  -5.975  1.317   1.00 22.78 ? 30  PHE A CD2 1 
ATOM   162 C  CE1 . PHE A 1 21  ? 10.201  -4.798  3.693   1.00 23.77 ? 30  PHE A CE1 1 
ATOM   163 C  CE2 . PHE A 1 21  ? 10.013  -6.512  1.974   1.00 25.77 ? 30  PHE A CE2 1 
ATOM   164 C  CZ  . PHE A 1 21  ? 9.534   -5.930  3.140   1.00 25.02 ? 30  PHE A CZ  1 
ATOM   165 N  N   . VAL A 1 22  ? 14.229  -1.448  -0.201  1.00 21.67 ? 31  VAL A N   1 
ATOM   166 C  CA  . VAL A 1 22  ? 15.284  -0.834  -1.003  1.00 20.81 ? 31  VAL A CA  1 
ATOM   167 C  C   . VAL A 1 22  ? 16.589  -1.635  -0.978  1.00 24.53 ? 31  VAL A C   1 
ATOM   168 O  O   . VAL A 1 22  ? 16.996  -2.195  0.076   1.00 22.69 ? 31  VAL A O   1 
ATOM   169 C  CB  . VAL A 1 22  ? 15.590  0.568   -0.507  1.00 21.29 ? 31  VAL A CB  1 
ATOM   170 C  CG1 . VAL A 1 22  ? 16.860  1.138   -1.199  1.00 19.23 ? 31  VAL A CG1 1 
ATOM   171 C  CG2 . VAL A 1 22  ? 14.357  1.441   -0.764  1.00 20.89 ? 31  VAL A CG2 1 
ATOM   172 N  N   . LYS A 1 23  ? 17.201  -1.738  -2.158  1.00 23.31 ? 32  LYS A N   1 
ATOM   173 C  CA  . LYS A 1 23  ? 18.561  -2.318  -2.269  1.00 25.65 ? 32  LYS A CA  1 
ATOM   174 C  C   . LYS A 1 23  ? 19.524  -1.160  -2.565  1.00 26.24 ? 32  LYS A C   1 
ATOM   175 O  O   . LYS A 1 23  ? 20.512  -0.951  -1.844  1.00 27.32 ? 32  LYS A O   1 
ATOM   176 C  CB  . LYS A 1 23  ? 18.622  -3.354  -3.405  1.00 25.46 ? 32  LYS A CB  1 
ATOM   177 C  CG  . LYS A 1 23  ? 20.071  -3.941  -3.597  1.00 28.36 ? 32  LYS A CG  1 
ATOM   178 C  CD  . LYS A 1 23  ? 20.124  -5.009  -4.715  1.00 29.44 ? 32  LYS A CD  1 
ATOM   179 C  CE  . LYS A 1 23  ? 21.626  -5.304  -5.062  1.00 33.64 ? 32  LYS A CE  1 
ATOM   180 N  NZ  . LYS A 1 23  ? 22.312  -5.688  -3.770  1.00 39.82 ? 32  LYS A NZ  1 
ATOM   181 N  N   . ASP A 1 24  ? 19.210  -0.347  -3.575  1.00 24.16 ? 33  ASP A N   1 
ATOM   182 C  CA  . ASP A 1 24  ? 20.124  0.745   -3.972  1.00 26.11 ? 33  ASP A CA  1 
ATOM   183 C  C   . ASP A 1 24  ? 19.283  1.976   -4.223  1.00 24.40 ? 33  ASP A C   1 
ATOM   184 O  O   . ASP A 1 24  ? 18.148  1.838   -4.672  1.00 23.78 ? 33  ASP A O   1 
ATOM   185 C  CB  . ASP A 1 24  ? 20.821  0.388   -5.362  1.00 27.91 ? 33  ASP A CB  1 
ATOM   186 C  CG  . ASP A 1 24  ? 21.699  -0.845  -5.278  1.00 36.49 ? 33  ASP A CG  1 
ATOM   187 O  OD1 . ASP A 1 24  ? 22.576  -0.870  -4.388  1.00 47.35 ? 33  ASP A OD1 1 
ATOM   188 O  OD2 . ASP A 1 24  ? 21.524  -1.808  -6.075  1.00 44.33 ? 33  ASP A OD2 1 
ATOM   189 N  N   . VAL A 1 25  ? 19.834  3.171   -4.050  1.00 24.53 ? 34  VAL A N   1 
ATOM   190 C  CA  . VAL A 1 25  ? 19.057  4.379   -4.368  1.00 24.24 ? 34  VAL A CA  1 
ATOM   191 C  C   . VAL A 1 25  ? 19.839  5.093   -5.472  1.00 26.88 ? 34  VAL A C   1 
ATOM   192 O  O   . VAL A 1 25  ? 21.043  5.292   -5.326  1.00 25.23 ? 34  VAL A O   1 
ATOM   193 C  CB  . VAL A 1 25  ? 18.871  5.284   -3.144  1.00 25.93 ? 34  VAL A CB  1 
ATOM   194 C  CG1 . VAL A 1 25  ? 18.241  6.669   -3.558  1.00 26.52 ? 34  VAL A CG1 1 
ATOM   195 C  CG2 . VAL A 1 25  ? 18.038  4.552   -2.015  1.00 21.86 ? 34  VAL A CG2 1 
ATOM   196 N  N   . HIS A 1 26  ? 19.159  5.428   -6.583  1.00 26.70 ? 35  HIS A N   1 
ATOM   197 C  CA  . HIS A 1 26  ? 19.784  6.199   -7.711  1.00 28.34 ? 35  HIS A CA  1 
ATOM   198 C  C   . HIS A 1 26  ? 19.197  7.596   -7.772  1.00 28.50 ? 35  HIS A C   1 
ATOM   199 O  O   . HIS A 1 26  ? 18.311  7.928   -6.989  1.00 27.77 ? 35  HIS A O   1 
ATOM   200 C  CB  . HIS A 1 26  ? 19.563  5.425   -9.030  1.00 28.62 ? 35  HIS A CB  1 
ATOM   201 C  CG  . HIS A 1 26  ? 19.983  3.986   -8.931  1.00 30.97 ? 35  HIS A CG  1 
ATOM   202 N  ND1 . HIS A 1 26  ? 21.282  3.579   -9.112  1.00 38.21 ? 35  HIS A ND1 1 
ATOM   203 C  CD2 . HIS A 1 26  ? 19.297  2.875   -8.580  1.00 38.73 ? 35  HIS A CD2 1 
ATOM   204 C  CE1 . HIS A 1 26  ? 21.375  2.273   -8.920  1.00 36.83 ? 35  HIS A CE1 1 
ATOM   205 N  NE2 . HIS A 1 26  ? 20.183  1.822   -8.585  1.00 40.01 ? 35  HIS A NE2 1 
ATOM   206 N  N   . GLU A 1 27  ? 19.653  8.424   -8.714  1.00 29.26 ? 36  GLU A N   1 
ATOM   207 C  CA  . GLU A 1 27  ? 19.155  9.821   -8.797  1.00 29.07 ? 36  GLU A CA  1 
ATOM   208 C  C   . GLU A 1 27  ? 17.664  9.876   -9.128  1.00 27.92 ? 36  GLU A C   1 
ATOM   209 O  O   . GLU A 1 27  ? 16.935  10.737  -8.654  1.00 28.13 ? 36  GLU A O   1 
ATOM   210 C  CB  . GLU A 1 27  ? 19.988  10.691  -9.811  1.00 29.78 ? 36  GLU A CB  1 
ATOM   211 N  N   . ASP A 1 28  ? 17.179  8.932   -9.927  1.00 27.17 ? 37  ASP A N   1 
ATOM   212 C  CA  . ASP A 1 28  ? 15.810  9.062   -10.389 1.00 27.04 ? 37  ASP A CA  1 
ATOM   213 C  C   . ASP A 1 28  ? 14.945  7.837   -10.077 1.00 24.87 ? 37  ASP A C   1 
ATOM   214 O  O   . ASP A 1 28  ? 13.774  7.828   -10.381 1.00 25.50 ? 37  ASP A O   1 
ATOM   215 C  CB  . ASP A 1 28  ? 15.770  9.404   -11.895 1.00 29.43 ? 37  ASP A CB  1 
ATOM   216 N  N   . SER A 1 29  ? 15.534  6.808   -9.485  1.00 24.45 ? 38  SER A N   1 
ATOM   217 C  CA  . SER A 1 29  ? 14.783  5.599   -9.137  1.00 24.12 ? 38  SER A CA  1 
ATOM   218 C  C   . SER A 1 29  ? 15.447  4.829   -7.983  1.00 22.84 ? 38  SER A C   1 
ATOM   219 O  O   . SER A 1 29  ? 16.520  5.209   -7.535  1.00 24.32 ? 38  SER A O   1 
ATOM   220 C  CB  . SER A 1 29  ? 14.744  4.684   -10.370 1.00 23.72 ? 38  SER A CB  1 
ATOM   221 O  OG  . SER A 1 29  ? 16.081  4.408   -10.824 1.00 24.95 ? 38  SER A OG  1 
ATOM   222 N  N   . VAL A 1 30  ? 14.827  3.733   -7.541  1.00 21.18 ? 39  VAL A N   1 
ATOM   223 C  CA  . VAL A 1 30  ? 15.457  2.844   -6.539  1.00 21.91 ? 39  VAL A CA  1 
ATOM   224 C  C   . VAL A 1 30  ? 15.435  1.453   -7.106  1.00 21.14 ? 39  VAL A C   1 
ATOM   225 O  O   . VAL A 1 30  ? 14.502  1.118   -7.853  1.00 20.92 ? 39  VAL A O   1 
ATOM   226 C  CB  . VAL A 1 30  ? 14.675  2.861   -5.179  1.00 20.33 ? 39  VAL A CB  1 
ATOM   227 C  CG1 . VAL A 1 30  ? 14.933  4.210   -4.436  1.00 23.52 ? 39  VAL A CG1 1 
ATOM   228 C  CG2 . VAL A 1 30  ? 13.154  2.682   -5.398  1.00 24.02 ? 39  VAL A CG2 1 
ATOM   229 N  N   . THR A 1 31  ? 16.452  0.653   -6.765  1.00 19.64 ? 40  THR A N   1 
ATOM   230 C  CA  . THR A 1 31  ? 16.405  -0.770  -6.969  1.00 20.98 ? 40  THR A CA  1 
ATOM   231 C  C   . THR A 1 31  ? 15.821  -1.396  -5.715  1.00 20.16 ? 40  THR A C   1 
ATOM   232 O  O   . THR A 1 31  ? 16.217  -1.091  -4.607  1.00 19.27 ? 40  THR A O   1 
ATOM   233 C  CB  . THR A 1 31  ? 17.821  -1.324  -7.139  1.00 22.38 ? 40  THR A CB  1 
ATOM   234 O  OG1 . THR A 1 31  ? 18.497  -0.552  -8.115  1.00 24.97 ? 40  THR A OG1 1 
ATOM   235 C  CG2 . THR A 1 31  ? 17.785  -2.818  -7.594  1.00 23.05 ? 40  THR A CG2 1 
ATOM   236 N  N   . ILE A 1 32  ? 14.854  -2.274  -5.883  1.00 20.23 ? 41  ILE A N   1 
ATOM   237 C  CA  . ILE A 1 32  ? 14.175  -2.825  -4.774  1.00 20.49 ? 41  ILE A CA  1 
ATOM   238 C  C   . ILE A 1 32  ? 13.986  -4.322  -4.989  1.00 20.30 ? 41  ILE A C   1 
ATOM   239 O  O   . ILE A 1 32  ? 14.224  -4.847  -6.092  1.00 21.05 ? 41  ILE A O   1 
ATOM   240 C  CB  . ILE A 1 32  ? 12.677  -2.179  -4.576  1.00 20.65 ? 41  ILE A CB  1 
ATOM   241 C  CG1 . ILE A 1 32  ? 11.752  -2.576  -5.755  1.00 20.93 ? 41  ILE A CG1 1 
ATOM   242 C  CG2 . ILE A 1 32  ? 12.750  -0.710  -4.262  1.00 19.40 ? 41  ILE A CG2 1 
ATOM   243 C  CD1 . ILE A 1 32  ? 10.233  -2.717  -5.396  1.00 22.38 ? 41  ILE A CD1 1 
ATOM   244 N  N   . PHE A 1 33  ? 13.602  -4.993  -3.904  1.00 19.37 ? 42  PHE A N   1 
ATOM   245 C  CA  . PHE A 1 33  ? 12.940  -6.284  -3.963  1.00 19.69 ? 42  PHE A CA  1 
ATOM   246 C  C   . PHE A 1 33  ? 11.512  -6.092  -3.514  1.00 20.81 ? 42  PHE A C   1 
ATOM   247 O  O   . PHE A 1 33  ? 11.256  -5.449  -2.470  1.00 21.88 ? 42  PHE A O   1 
ATOM   248 C  CB  . PHE A 1 33  ? 13.650  -7.296  -3.040  1.00 20.45 ? 42  PHE A CB  1 
ATOM   249 C  CG  . PHE A 1 33  ? 15.067  -7.543  -3.417  1.00 21.12 ? 42  PHE A CG  1 
ATOM   250 C  CD1 . PHE A 1 33  ? 15.366  -8.410  -4.487  1.00 22.45 ? 42  PHE A CD1 1 
ATOM   251 C  CD2 . PHE A 1 33  ? 16.087  -6.911  -2.754  1.00 18.99 ? 42  PHE A CD2 1 
ATOM   252 C  CE1 . PHE A 1 33  ? 16.696  -8.642  -4.852  1.00 25.78 ? 42  PHE A CE1 1 
ATOM   253 C  CE2 . PHE A 1 33  ? 17.438  -7.152  -3.100  1.00 16.57 ? 42  PHE A CE2 1 
ATOM   254 C  CZ  . PHE A 1 33  ? 17.717  -8.031  -4.161  1.00 23.13 ? 42  PHE A CZ  1 
ATOM   255 N  N   . PHE A 1 34  ? 10.572  -6.585  -4.301  1.00 21.54 ? 43  PHE A N   1 
ATOM   256 C  CA  . PHE A 1 34  ? 9.195   -6.741  -3.810  1.00 23.36 ? 43  PHE A CA  1 
ATOM   257 C  C   . PHE A 1 34  ? 9.127   -7.789  -2.707  1.00 24.79 ? 43  PHE A C   1 
ATOM   258 O  O   . PHE A 1 34  ? 9.895   -8.731  -2.713  1.00 22.31 ? 43  PHE A O   1 
ATOM   259 C  CB  . PHE A 1 34  ? 8.202   -7.127  -4.933  1.00 23.43 ? 43  PHE A CB  1 
ATOM   260 C  CG  . PHE A 1 34  ? 7.907   -5.992  -5.872  1.00 23.10 ? 43  PHE A CG  1 
ATOM   261 C  CD1 . PHE A 1 34  ? 7.024   -4.971  -5.477  1.00 25.56 ? 43  PHE A CD1 1 
ATOM   262 C  CD2 . PHE A 1 34  ? 8.471   -5.940  -7.145  1.00 25.25 ? 43  PHE A CD2 1 
ATOM   263 C  CE1 . PHE A 1 34  ? 6.699   -3.855  -6.334  1.00 24.14 ? 43  PHE A CE1 1 
ATOM   264 C  CE2 . PHE A 1 34  ? 8.162   -4.833  -8.057  1.00 22.01 ? 43  PHE A CE2 1 
ATOM   265 C  CZ  . PHE A 1 34  ? 7.283   -3.787  -7.642  1.00 25.41 ? 43  PHE A CZ  1 
ATOM   266 N  N   . GLU A 1 35  ? 8.181   -7.605  -1.792  1.00 26.93 ? 44  GLU A N   1 
ATOM   267 C  CA  . GLU A 1 35  ? 8.016   -8.471  -0.625  1.00 29.87 ? 44  GLU A CA  1 
ATOM   268 C  C   . GLU A 1 35  ? 7.752   -9.868  -1.156  1.00 31.71 ? 44  GLU A C   1 
ATOM   269 O  O   . GLU A 1 35  ? 7.080   -10.014 -2.184  1.00 32.27 ? 44  GLU A O   1 
ATOM   270 C  CB  . GLU A 1 35  ? 6.822   -7.972  0.196   1.00 30.34 ? 44  GLU A CB  1 
ATOM   271 C  CG  . GLU A 1 35  ? 6.686   -8.658  1.522   1.00 34.46 ? 44  GLU A CG  1 
ATOM   272 C  CD  . GLU A 1 35  ? 5.404   -8.259  2.240   1.00 40.95 ? 44  GLU A CD  1 
ATOM   273 O  OE1 . GLU A 1 35  ? 4.429   -7.798  1.590   1.00 43.59 ? 44  GLU A OE1 1 
ATOM   274 O  OE2 . GLU A 1 35  ? 5.379   -8.414  3.454   1.00 43.17 ? 44  GLU A OE2 1 
ATOM   275 N  N   . ASN A 1 36  ? 8.316   -10.886 -0.508  1.00 33.30 ? 45  ASN A N   1 
ATOM   276 C  CA  . ASN A 1 36  ? 8.221   -12.288 -1.014  1.00 34.02 ? 45  ASN A CA  1 
ATOM   277 C  C   . ASN A 1 36  ? 8.918   -12.572 -2.358  1.00 33.34 ? 45  ASN A C   1 
ATOM   278 O  O   . ASN A 1 36  ? 8.624   -13.579 -3.030  1.00 33.82 ? 45  ASN A O   1 
ATOM   279 C  CB  . ASN A 1 36  ? 6.768   -12.780 -1.081  1.00 34.72 ? 45  ASN A CB  1 
ATOM   280 C  CG  . ASN A 1 36  ? 6.044   -12.698 0.262   1.00 39.61 ? 45  ASN A CG  1 
ATOM   281 O  OD1 . ASN A 1 36  ? 6.539   -13.179 1.300   1.00 42.87 ? 45  ASN A OD1 1 
ATOM   282 N  ND2 . ASN A 1 36  ? 4.848   -12.107 0.241   1.00 39.85 ? 45  ASN A ND2 1 
ATOM   283 N  N   . ASN A 1 37  ? 9.822   -11.680 -2.777  1.00 32.61 ? 46  ASN A N   1 
ATOM   284 C  CA  . ASN A 1 37  ? 10.681  -11.993 -3.928  1.00 31.49 ? 46  ASN A CA  1 
ATOM   285 C  C   . ASN A 1 37  ? 12.020  -11.367 -3.759  1.00 30.01 ? 46  ASN A C   1 
ATOM   286 O  O   . ASN A 1 37  ? 12.337  -10.365 -4.421  1.00 26.84 ? 46  ASN A O   1 
ATOM   287 C  CB  . ASN A 1 37  ? 10.020  -11.588 -5.268  1.00 32.24 ? 46  ASN A CB  1 
ATOM   288 C  CG  . ASN A 1 37  ? 10.811  -12.057 -6.494  1.00 34.44 ? 46  ASN A CG  1 
ATOM   289 O  OD1 . ASN A 1 37  ? 11.876  -12.722 -6.400  1.00 33.30 ? 46  ASN A OD1 1 
ATOM   290 N  ND2 . ASN A 1 37  ? 10.292  -11.698 -7.670  1.00 40.24 ? 46  ASN A ND2 1 
ATOM   291 N  N   . TRP A 1 38  ? 12.846  -12.012 -2.926  1.00 28.61 ? 47  TRP A N   1 
ATOM   292 C  CA  . TRP A 1 38  ? 14.252  -11.571 -2.698  1.00 29.67 ? 47  TRP A CA  1 
ATOM   293 C  C   . TRP A 1 38  ? 15.209  -11.967 -3.810  1.00 29.61 ? 47  TRP A C   1 
ATOM   294 O  O   . TRP A 1 38  ? 16.390  -11.603 -3.787  1.00 29.94 ? 47  TRP A O   1 
ATOM   295 C  CB  . TRP A 1 38  ? 14.765  -12.093 -1.326  1.00 29.12 ? 47  TRP A CB  1 
ATOM   296 C  CG  . TRP A 1 38  ? 13.946  -11.607 -0.205  1.00 28.03 ? 47  TRP A CG  1 
ATOM   297 C  CD1 . TRP A 1 38  ? 12.993  -12.284 0.472   1.00 29.45 ? 47  TRP A CD1 1 
ATOM   298 C  CD2 . TRP A 1 38  ? 14.029  -10.319 0.379   1.00 27.73 ? 47  TRP A CD2 1 
ATOM   299 N  NE1 . TRP A 1 38  ? 12.451  -11.478 1.472   1.00 31.68 ? 47  TRP A NE1 1 
ATOM   300 C  CE2 . TRP A 1 38  ? 13.091  -10.271 1.435   1.00 27.33 ? 47  TRP A CE2 1 
ATOM   301 C  CE3 . TRP A 1 38  ? 14.830  -9.197  0.124   1.00 26.18 ? 47  TRP A CE3 1 
ATOM   302 C  CZ2 . TRP A 1 38  ? 12.911  -9.135  2.238   1.00 27.71 ? 47  TRP A CZ2 1 
ATOM   303 C  CZ3 . TRP A 1 38  ? 14.645  -8.065  0.909   1.00 26.72 ? 47  TRP A CZ3 1 
ATOM   304 C  CH2 . TRP A 1 38  ? 13.691  -8.051  1.959   1.00 27.57 ? 47  TRP A CH2 1 
ATOM   305 N  N   . GLN A 1 39  ? 14.726  -12.716 -4.799  1.00 31.22 ? 48  GLN A N   1 
ATOM   306 C  CA  . GLN A 1 39  ? 15.598  -13.065 -5.951  1.00 33.02 ? 48  GLN A CA  1 
ATOM   307 C  C   . GLN A 1 39  ? 15.648  -12.057 -7.137  1.00 32.72 ? 48  GLN A C   1 
ATOM   308 O  O   . GLN A 1 39  ? 16.652  -12.013 -7.860  1.00 34.25 ? 48  GLN A O   1 
ATOM   309 C  CB  . GLN A 1 39  ? 15.233  -14.434 -6.525  1.00 34.81 ? 48  GLN A CB  1 
ATOM   310 C  CG  . GLN A 1 39  ? 15.676  -15.622 -5.666  1.00 40.07 ? 48  GLN A CG  1 
ATOM   311 C  CD  . GLN A 1 39  ? 15.053  -15.612 -4.303  1.00 46.48 ? 48  GLN A CD  1 
ATOM   312 O  OE1 . GLN A 1 39  ? 13.841  -15.838 -4.162  1.00 50.60 ? 48  GLN A OE1 1 
ATOM   313 N  NE2 . GLN A 1 39  ? 15.879  -15.334 -3.269  1.00 47.90 ? 48  GLN A NE2 1 
ATOM   314 N  N   . SER A 1 40  ? 14.608  -11.258 -7.354  1.00 30.46 ? 49  SER A N   1 
ATOM   315 C  CA  . SER A 1 40  ? 14.574  -10.443 -8.588  1.00 30.56 ? 49  SER A CA  1 
ATOM   316 C  C   . SER A 1 40  ? 14.702  -8.960  -8.277  1.00 28.16 ? 49  SER A C   1 
ATOM   317 O  O   . SER A 1 40  ? 13.743  -8.384  -7.813  1.00 27.75 ? 49  SER A O   1 
ATOM   318 C  CB  . SER A 1 40  ? 13.256  -10.697 -9.376  1.00 31.78 ? 49  SER A CB  1 
ATOM   319 O  OG  . SER A 1 40  ? 13.213  -9.822  -10.547 1.00 32.62 ? 49  SER A OG  1 
ATOM   320 N  N   . GLU A 1 41  ? 15.837  -8.321  -8.532  1.00 26.68 ? 50  GLU A N   1 
ATOM   321 C  CA  . GLU A 1 41  ? 15.830  -6.873  -8.354  1.00 26.81 ? 50  GLU A CA  1 
ATOM   322 C  C   . GLU A 1 41  ? 14.994  -6.139  -9.416  1.00 24.76 ? 50  GLU A C   1 
ATOM   323 O  O   . GLU A 1 41  ? 14.899  -6.605  -10.558 1.00 23.60 ? 50  GLU A O   1 
ATOM   324 C  CB  . GLU A 1 41  ? 17.210  -6.257  -8.200  1.00 27.96 ? 50  GLU A CB  1 
ATOM   325 C  CG  . GLU A 1 41  ? 18.276  -6.589  -9.081  1.00 36.68 ? 50  GLU A CG  1 
ATOM   326 C  CD  . GLU A 1 41  ? 19.614  -6.078  -8.472  1.00 43.11 ? 50  GLU A CD  1 
ATOM   327 O  OE1 . GLU A 1 41  ? 20.145  -6.687  -7.489  1.00 47.46 ? 50  GLU A OE1 1 
ATOM   328 O  OE2 . GLU A 1 41  ? 20.087  -5.035  -8.952  1.00 47.01 ? 50  GLU A OE2 1 
ATOM   329 N  N   . ARG A 1 42  ? 14.388  -5.025  -9.021  1.00 22.93 ? 51  ARG A N   1 
ATOM   330 C  CA  . ARG A 1 42  ? 13.414  -4.318  -9.832  1.00 21.45 ? 51  ARG A CA  1 
ATOM   331 C  C   . ARG A 1 42  ? 13.752  -2.835  -9.660  1.00 21.84 ? 51  ARG A C   1 
ATOM   332 O  O   . ARG A 1 42  ? 14.152  -2.409  -8.557  1.00 19.74 ? 51  ARG A O   1 
ATOM   333 C  CB  . ARG A 1 42  ? 11.962  -4.594  -9.343  1.00 21.13 ? 51  ARG A CB  1 
ATOM   334 C  CG  . ARG A 1 42  ? 11.515  -6.049  -9.397  1.00 20.35 ? 51  ARG A CG  1 
ATOM   335 C  CD  . ARG A 1 42  ? 11.733  -6.692  -10.795 1.00 21.47 ? 51  ARG A CD  1 
ATOM   336 N  NE  . ARG A 1 42  ? 11.302  -8.115  -10.854 1.00 19.80 ? 51  ARG A NE  1 
ATOM   337 C  CZ  . ARG A 1 42  ? 10.056  -8.556  -10.938 1.00 21.34 ? 51  ARG A CZ  1 
ATOM   338 N  NH1 . ARG A 1 42  ? 9.012   -7.717  -10.994 1.00 23.46 ? 51  ARG A NH1 1 
ATOM   339 N  NH2 . ARG A 1 42  ? 9.860   -9.894  -11.002 1.00 25.37 ? 51  ARG A NH2 1 
ATOM   340 N  N   . GLN A 1 43  ? 13.675  -2.076  -10.743 1.00 19.03 ? 52  GLN A N   1 
ATOM   341 C  CA  . GLN A 1 43  ? 13.935  -0.664  -10.680 1.00 21.56 ? 52  GLN A CA  1 
ATOM   342 C  C   . GLN A 1 43  ? 12.658  0.133   -10.804 1.00 20.81 ? 52  GLN A C   1 
ATOM   343 O  O   . GLN A 1 43  ? 11.915  -0.090  -11.752 1.00 19.72 ? 52  GLN A O   1 
ATOM   344 C  CB  . GLN A 1 43  ? 14.880  -0.287  -11.815 1.00 23.08 ? 52  GLN A CB  1 
ATOM   345 C  CG  . GLN A 1 43  ? 15.520  1.012   -11.630 1.00 27.01 ? 52  GLN A CG  1 
ATOM   346 C  CD  . GLN A 1 43  ? 16.673  0.898   -10.669 1.00 31.22 ? 52  GLN A CD  1 
ATOM   347 O  OE1 . GLN A 1 43  ? 17.072  -0.227  -10.281 1.00 33.51 ? 52  GLN A OE1 1 
ATOM   348 N  NE2 . GLN A 1 43  ? 17.196  2.046   -10.234 1.00 30.16 ? 52  GLN A NE2 1 
ATOM   349 N  N   . ILE A 1 44  ? 12.427  1.070   -9.859  1.00 21.31 ? 53  ILE A N   1 
ATOM   350 C  CA  . ILE A 1 44  ? 11.155  1.751   -9.727  1.00 20.55 ? 53  ILE A CA  1 
ATOM   351 C  C   . ILE A 1 44  ? 11.480  3.237   -9.704  1.00 20.70 ? 53  ILE A C   1 
ATOM   352 O  O   . ILE A 1 44  ? 12.330  3.660   -8.911  1.00 20.74 ? 53  ILE A O   1 
ATOM   353 C  CB  . ILE A 1 44  ? 10.431  1.355   -8.377  1.00 20.62 ? 53  ILE A CB  1 
ATOM   354 C  CG1 . ILE A 1 44  ? 10.214  -0.204  -8.217  1.00 18.89 ? 53  ILE A CG1 1 
ATOM   355 C  CG2 . ILE A 1 44  ? 9.099   2.067   -8.274  1.00 20.55 ? 53  ILE A CG2 1 
ATOM   356 C  CD1 . ILE A 1 44  ? 9.432   -0.879  -9.351  1.00 19.84 ? 53  ILE A CD1 1 
ATOM   357 N  N   . PRO A 1 45  ? 10.811  4.049   -10.558 1.00 21.83 ? 54  PRO A N   1 
ATOM   358 C  CA  . PRO A 1 45  ? 11.034  5.492   -10.522 1.00 22.55 ? 54  PRO A CA  1 
ATOM   359 C  C   . PRO A 1 45  ? 10.491  6.123   -9.242  1.00 22.60 ? 54  PRO A C   1 
ATOM   360 O  O   . PRO A 1 45  ? 9.472   5.660   -8.692  1.00 21.51 ? 54  PRO A O   1 
ATOM   361 C  CB  . PRO A 1 45  ? 10.234  6.000   -11.753 1.00 23.84 ? 54  PRO A CB  1 
ATOM   362 C  CG  . PRO A 1 45  ? 9.143   5.062   -11.931 1.00 22.42 ? 54  PRO A CG  1 
ATOM   363 C  CD  . PRO A 1 45  ? 9.782   3.681   -11.555 1.00 22.97 ? 54  PRO A CD  1 
ATOM   364 N  N   . PHE A 1 46  ? 11.148  7.151   -8.744  1.00 23.92 ? 55  PHE A N   1 
ATOM   365 C  CA  . PHE A 1 46  ? 10.663  7.834   -7.536  1.00 23.60 ? 55  PHE A CA  1 
ATOM   366 C  C   . PHE A 1 46  ? 9.219   8.255   -7.538  1.00 24.97 ? 55  PHE A C   1 
ATOM   367 O  O   . PHE A 1 46  ? 8.621   8.282   -6.462  1.00 24.95 ? 55  PHE A O   1 
ATOM   368 C  CB  . PHE A 1 46  ? 11.555  9.009   -7.082  1.00 24.71 ? 55  PHE A CB  1 
ATOM   369 C  CG  . PHE A 1 46  ? 12.716  8.577   -6.255  1.00 25.61 ? 55  PHE A CG  1 
ATOM   370 C  CD1 . PHE A 1 46  ? 12.525  8.034   -4.949  1.00 24.54 ? 55  PHE A CD1 1 
ATOM   371 C  CD2 . PHE A 1 46  ? 14.020  8.699   -6.770  1.00 25.39 ? 55  PHE A CD2 1 
ATOM   372 C  CE1 . PHE A 1 46  ? 13.655  7.620   -4.184  1.00 26.03 ? 55  PHE A CE1 1 
ATOM   373 C  CE2 . PHE A 1 46  ? 15.116  8.285   -6.020  1.00 30.38 ? 55  PHE A CE2 1 
ATOM   374 C  CZ  . PHE A 1 46  ? 14.931  7.730   -4.732  1.00 29.11 ? 55  PHE A CZ  1 
ATOM   375 N  N   . GLY A 1 47  ? 8.653   8.601   -8.697  1.00 24.63 ? 56  GLY A N   1 
ATOM   376 C  CA  . GLY A 1 47  ? 7.218   8.981   -8.801  1.00 26.89 ? 56  GLY A CA  1 
ATOM   377 C  C   . GLY A 1 47  ? 6.236   7.838   -8.540  1.00 27.14 ? 56  GLY A C   1 
ATOM   378 O  O   . GLY A 1 47  ? 5.035   8.043   -8.417  1.00 28.73 ? 56  GLY A O   1 
ATOM   379 N  N   . ASP A 1 48  ? 6.753   6.622   -8.464  1.00 25.75 ? 57  ASP A N   1 
ATOM   380 C  CA  . ASP A 1 48  ? 5.951   5.449   -8.098  1.00 24.93 ? 57  ASP A CA  1 
ATOM   381 C  C   . ASP A 1 48  ? 6.223   4.971   -6.636  1.00 24.24 ? 57  ASP A C   1 
ATOM   382 O  O   . ASP A 1 48  ? 5.721   3.937   -6.220  1.00 25.72 ? 57  ASP A O   1 
ATOM   383 C  CB  . ASP A 1 48  ? 6.252   4.319   -9.091  1.00 25.39 ? 57  ASP A CB  1 
ATOM   384 C  CG  . ASP A 1 48  ? 5.520   4.496   -10.463 1.00 31.56 ? 57  ASP A CG  1 
ATOM   385 O  OD1 . ASP A 1 48  ? 4.525   5.287   -10.531 1.00 32.68 ? 57  ASP A OD1 1 
ATOM   386 O  OD2 . ASP A 1 48  ? 5.965   3.813   -11.454 1.00 31.82 ? 57  ASP A OD2 1 
ATOM   387 N  N   . VAL A 1 49  ? 6.976   5.744   -5.863  1.00 23.38 ? 58  VAL A N   1 
ATOM   388 C  CA  . VAL A 1 49  ? 7.411   5.331   -4.512  1.00 23.46 ? 58  VAL A CA  1 
ATOM   389 C  C   . VAL A 1 49  ? 6.917   6.262   -3.421  1.00 23.95 ? 58  VAL A C   1 
ATOM   390 O  O   . VAL A 1 49  ? 7.058   7.466   -3.537  1.00 24.25 ? 58  VAL A O   1 
ATOM   391 C  CB  . VAL A 1 49  ? 8.995   5.344   -4.455  1.00 21.97 ? 58  VAL A CB  1 
ATOM   392 C  CG1 . VAL A 1 49  ? 9.533   5.109   -3.017  1.00 22.89 ? 58  VAL A CG1 1 
ATOM   393 C  CG2 . VAL A 1 49  ? 9.553   4.325   -5.486  1.00 21.55 ? 58  VAL A CG2 1 
ATOM   394 N  N   . ARG A 1 50  ? 6.423   5.696   -2.330  1.00 24.08 ? 59  ARG A N   1 
ATOM   395 C  CA  . ARG A 1 50  ? 6.213   6.455   -1.118  1.00 22.54 ? 59  ARG A CA  1 
ATOM   396 C  C   . ARG A 1 50  ? 6.724   5.643   0.090   1.00 22.93 ? 59  ARG A C   1 
ATOM   397 O  O   . ARG A 1 50  ? 6.870   4.403   0.044   1.00 23.29 ? 59  ARG A O   1 
ATOM   398 C  CB  . ARG A 1 50  ? 4.733   6.792   -0.976  1.00 21.84 ? 59  ARG A CB  1 
ATOM   399 C  CG  . ARG A 1 50  ? 3.865   5.575   -0.680  1.00 25.78 ? 59  ARG A CG  1 
ATOM   400 C  CD  . ARG A 1 50  ? 2.366   5.942   -0.657  1.00 22.85 ? 59  ARG A CD  1 
ATOM   401 N  NE  . ARG A 1 50  ? 1.543   4.780   -0.292  1.00 26.19 ? 59  ARG A NE  1 
ATOM   402 C  CZ  . ARG A 1 50  ? 0.217   4.787   -0.262  1.00 25.69 ? 59  ARG A CZ  1 
ATOM   403 N  NH1 . ARG A 1 50  ? -0.426  5.924   -0.606  1.00 27.47 ? 59  ARG A NH1 1 
ATOM   404 N  NH2 . ARG A 1 50  ? -0.462  3.669   0.063   1.00 20.85 ? 59  ARG A NH2 1 
ATOM   405 N  N   . LEU A 1 51  ? 6.967   6.335   1.203   1.00 23.29 ? 60  LEU A N   1 
ATOM   406 C  CA  . LEU A 1 51  ? 7.333   5.675   2.414   1.00 24.38 ? 60  LEU A CA  1 
ATOM   407 C  C   . LEU A 1 51  ? 6.039   5.104   3.015   1.00 24.92 ? 60  LEU A C   1 
ATOM   408 O  O   . LEU A 1 51  ? 4.929   5.666   2.777   1.00 24.81 ? 60  LEU A O   1 
ATOM   409 C  CB  . LEU A 1 51  ? 8.002   6.681   3.344   1.00 25.28 ? 60  LEU A CB  1 
ATOM   410 C  CG  . LEU A 1 51  ? 9.262   7.316   2.799   1.00 24.33 ? 60  LEU A CG  1 
ATOM   411 C  CD1 . LEU A 1 51  ? 9.688   8.502   3.677   1.00 28.00 ? 60  LEU A CD1 1 
ATOM   412 C  CD2 . LEU A 1 51  ? 10.333  6.229   2.708   1.00 25.16 ? 60  LEU A CD2 1 
ATOM   413 N  N   . PRO A 1 52  ? 6.149   3.988   3.773   1.00 26.68 ? 61  PRO A N   1 
ATOM   414 C  CA  . PRO A 1 52  ? 4.977   3.389   4.369   1.00 27.29 ? 61  PRO A CA  1 
ATOM   415 C  C   . PRO A 1 52  ? 4.478   4.263   5.530   1.00 29.05 ? 61  PRO A C   1 
ATOM   416 O  O   . PRO A 1 52  ? 5.205   5.182   5.946   1.00 28.91 ? 61  PRO A O   1 
ATOM   417 C  CB  . PRO A 1 52  ? 5.482   2.071   4.913   1.00 27.55 ? 61  PRO A CB  1 
ATOM   418 C  CG  . PRO A 1 52  ? 6.902   1.951   4.501   1.00 26.74 ? 61  PRO A CG  1 
ATOM   419 C  CD  . PRO A 1 52  ? 7.374   3.269   4.153   1.00 26.48 ? 61  PRO A CD  1 
ATOM   420 N  N   . PRO A 1 53  ? 3.256   3.987   6.051   1.00 30.33 ? 62  PRO A N   1 
ATOM   421 C  CA  . PRO A 1 53  ? 2.720   4.970   7.018   1.00 33.18 ? 62  PRO A CA  1 
ATOM   422 C  C   . PRO A 1 53  ? 3.567   4.980   8.296   1.00 35.27 ? 62  PRO A C   1 
ATOM   423 O  O   . PRO A 1 53  ? 4.187   3.969   8.621   1.00 34.78 ? 62  PRO A O   1 
ATOM   424 C  CB  . PRO A 1 53  ? 1.296   4.457   7.315   1.00 32.03 ? 62  PRO A CB  1 
ATOM   425 C  CG  . PRO A 1 53  ? 0.997   3.440   6.338   1.00 31.56 ? 62  PRO A CG  1 
ATOM   426 C  CD  . PRO A 1 53  ? 2.330   2.859   5.853   1.00 32.06 ? 62  PRO A CD  1 
ATOM   427 N  N   . PRO A 1 54  ? 3.589   6.111   9.019   1.00 39.79 ? 63  PRO A N   1 
ATOM   428 C  CA  . PRO A 1 54  ? 4.250   6.213   10.332  1.00 42.21 ? 63  PRO A CA  1 
ATOM   429 C  C   . PRO A 1 54  ? 3.784   5.106   11.300  1.00 45.24 ? 63  PRO A C   1 
ATOM   430 O  O   . PRO A 1 54  ? 2.658   4.593   11.179  1.00 46.29 ? 63  PRO A O   1 
ATOM   431 C  CB  . PRO A 1 54  ? 3.829   7.597   10.808  1.00 42.56 ? 63  PRO A CB  1 
ATOM   432 C  CG  . PRO A 1 54  ? 3.653   8.390   9.491   1.00 41.50 ? 63  PRO A CG  1 
ATOM   433 C  CD  . PRO A 1 54  ? 2.977   7.399   8.608   1.00 39.64 ? 63  PRO A CD  1 
ATOM   434 N  N   . ALA A 1 55  ? 4.657   4.704   12.221  1.00 47.70 ? 64  ALA A N   1 
ATOM   435 C  CA  . ALA A 1 55  ? 4.364   3.568   13.110  1.00 49.57 ? 64  ALA A CA  1 
ATOM   436 C  C   . ALA A 1 55  ? 3.749   3.991   14.469  1.00 50.70 ? 64  ALA A C   1 
ATOM   437 O  O   . ALA A 1 55  ? 2.559   3.715   14.752  1.00 52.14 ? 64  ALA A O   1 
ATOM   438 C  CB  . ALA A 1 55  ? 5.635   2.696   13.319  1.00 50.46 ? 64  ALA A CB  1 
ATOM   439 N  N   . GLU A 1 60  ? -8.221  5.962   14.217  1.00 57.20 ? 69  GLU A N   1 
ATOM   440 C  CA  . GLU A 1 60  ? -9.490  5.298   14.558  1.00 56.77 ? 69  GLU A CA  1 
ATOM   441 C  C   . GLU A 1 60  ? -10.484 5.258   13.366  1.00 55.14 ? 69  GLU A C   1 
ATOM   442 O  O   . GLU A 1 60  ? -10.937 6.314   12.880  1.00 55.38 ? 69  GLU A O   1 
ATOM   443 C  CB  . GLU A 1 60  ? -10.130 5.975   15.788  1.00 57.91 ? 69  GLU A CB  1 
ATOM   444 C  CG  . GLU A 1 60  ? -11.254 5.161   16.471  1.00 60.65 ? 69  GLU A CG  1 
ATOM   445 C  CD  . GLU A 1 60  ? -12.458 6.028   16.878  1.00 65.31 ? 69  GLU A CD  1 
ATOM   446 O  OE1 . GLU A 1 60  ? -13.616 5.514   16.844  1.00 64.57 ? 69  GLU A OE1 1 
ATOM   447 O  OE2 . GLU A 1 60  ? -12.245 7.227   17.210  1.00 66.61 ? 69  GLU A OE2 1 
ATOM   448 N  N   . ILE A 1 61  ? -10.829 4.049   12.905  1.00 52.53 ? 70  ILE A N   1 
ATOM   449 C  CA  . ILE A 1 61  ? -11.694 3.898   11.716  1.00 50.57 ? 70  ILE A CA  1 
ATOM   450 C  C   . ILE A 1 61  ? -13.192 4.015   12.079  1.00 49.32 ? 70  ILE A C   1 
ATOM   451 O  O   . ILE A 1 61  ? -13.705 3.208   12.839  1.00 48.53 ? 70  ILE A O   1 
ATOM   452 C  CB  . ILE A 1 61  ? -11.422 2.538   10.951  1.00 50.13 ? 70  ILE A CB  1 
ATOM   453 C  CG1 . ILE A 1 61  ? -9.916  2.315   10.666  1.00 51.49 ? 70  ILE A CG1 1 
ATOM   454 C  CG2 . ILE A 1 61  ? -12.318 2.393   9.703   1.00 48.13 ? 70  ILE A CG2 1 
ATOM   455 C  CD1 . ILE A 1 61  ? -9.273  3.278   9.709   1.00 50.89 ? 70  ILE A CD1 1 
ATOM   456 N  N   . THR A 1 62  ? -13.873 5.015   11.535  1.00 48.46 ? 71  THR A N   1 
ATOM   457 C  CA  . THR A 1 62  ? -15.323 5.147   11.727  1.00 48.57 ? 71  THR A CA  1 
ATOM   458 C  C   . THR A 1 62  ? -16.022 5.280   10.378  1.00 47.72 ? 71  THR A C   1 
ATOM   459 O  O   . THR A 1 62  ? -15.360 5.600   9.387   1.00 47.56 ? 71  THR A O   1 
ATOM   460 C  CB  . THR A 1 62  ? -15.699 6.325   12.667  1.00 49.02 ? 71  THR A CB  1 
ATOM   461 O  OG1 . THR A 1 62  ? -14.810 7.432   12.456  1.00 49.63 ? 71  THR A OG1 1 
ATOM   462 C  CG2 . THR A 1 62  ? -15.619 5.897   14.132  1.00 49.34 ? 71  THR A CG2 1 
ATOM   463 N  N   . GLU A 1 63  ? -17.340 5.045   10.325  1.00 46.89 ? 72  GLU A N   1 
ATOM   464 C  CA  . GLU A 1 63  ? -18.098 5.116   9.048   1.00 46.25 ? 72  GLU A CA  1 
ATOM   465 C  C   . GLU A 1 63  ? -17.842 6.409   8.309   1.00 45.45 ? 72  GLU A C   1 
ATOM   466 O  O   . GLU A 1 63  ? -17.750 7.480   8.918   1.00 45.72 ? 72  GLU A O   1 
ATOM   467 C  CB  . GLU A 1 63  ? -19.631 5.003   9.229   1.00 46.38 ? 72  GLU A CB  1 
ATOM   468 C  CG  . GLU A 1 63  ? -20.162 3.819   9.983   1.00 48.13 ? 72  GLU A CG  1 
ATOM   469 C  CD  . GLU A 1 63  ? -21.687 3.603   9.766   1.00 48.20 ? 72  GLU A CD  1 
ATOM   470 O  OE1 . GLU A 1 63  ? -22.163 2.467   10.004  1.00 49.24 ? 72  GLU A OE1 1 
ATOM   471 O  OE2 . GLU A 1 63  ? -22.398 4.560   9.340   1.00 48.76 ? 72  GLU A OE2 1 
ATOM   472 N  N   . GLY A 1 64  ? -17.785 6.320   6.984   1.00 44.33 ? 73  GLY A N   1 
ATOM   473 C  CA  . GLY A 1 64  ? -17.549 7.489   6.163   1.00 42.62 ? 73  GLY A CA  1 
ATOM   474 C  C   . GLY A 1 64  ? -16.077 7.745   5.848   1.00 41.40 ? 73  GLY A C   1 
ATOM   475 O  O   . GLY A 1 64  ? -15.789 8.367   4.838   1.00 40.80 ? 73  GLY A O   1 
ATOM   476 N  N   . ASP A 1 65  ? -15.173 7.284   6.729   1.00 40.21 ? 74  ASP A N   1 
ATOM   477 C  CA  . ASP A 1 65  ? -13.712 7.468   6.606   1.00 39.33 ? 74  ASP A CA  1 
ATOM   478 C  C   . ASP A 1 65  ? -13.136 6.886   5.332   1.00 38.23 ? 74  ASP A C   1 
ATOM   479 O  O   . ASP A 1 65  ? -13.512 5.787   4.935   1.00 38.14 ? 74  ASP A O   1 
ATOM   480 C  CB  . ASP A 1 65  ? -12.967 6.808   7.787   1.00 39.45 ? 74  ASP A CB  1 
ATOM   481 C  CG  . ASP A 1 65  ? -12.911 7.707   9.013   1.00 41.41 ? 74  ASP A CG  1 
ATOM   482 O  OD1 . ASP A 1 65  ? -13.249 8.891   8.852   1.00 46.13 ? 74  ASP A OD1 1 
ATOM   483 O  OD2 . ASP A 1 65  ? -12.548 7.243   10.131  1.00 43.24 ? 74  ASP A OD2 1 
ATOM   484 N  N   . GLU A 1 66  ? -12.207 7.629   4.719   1.00 36.84 ? 75  GLU A N   1 
ATOM   485 C  CA  . GLU A 1 66  ? -11.330 7.104   3.657   1.00 34.95 ? 75  GLU A CA  1 
ATOM   486 C  C   . GLU A 1 66  ? -10.365 6.167   4.346   1.00 32.16 ? 75  GLU A C   1 
ATOM   487 O  O   . GLU A 1 66  ? -9.879  6.479   5.422   1.00 31.65 ? 75  GLU A O   1 
ATOM   488 C  CB  . GLU A 1 66  ? -10.558 8.229   2.965   1.00 35.41 ? 75  GLU A CB  1 
ATOM   489 N  N   . VAL A 1 67  ? -10.130 5.002   3.743   1.00 30.49 ? 76  VAL A N   1 
ATOM   490 C  CA  . VAL A 1 67  ? -9.199  4.030   4.294   1.00 28.33 ? 76  VAL A CA  1 
ATOM   491 C  C   . VAL A 1 67  ? -8.442  3.377   3.159   1.00 27.81 ? 76  VAL A C   1 
ATOM   492 O  O   . VAL A 1 67  ? -8.761  3.590   1.978   1.00 27.61 ? 76  VAL A O   1 
ATOM   493 C  CB  . VAL A 1 67  ? -9.918  2.867   5.050   1.00 27.65 ? 76  VAL A CB  1 
ATOM   494 C  CG1 . VAL A 1 67  ? -10.539 3.333   6.384   1.00 29.53 ? 76  VAL A CG1 1 
ATOM   495 C  CG2 . VAL A 1 67  ? -10.942 2.106   4.136   1.00 25.24 ? 76  VAL A CG2 1 
ATOM   496 N  N   . GLU A 1 68  ? -7.472  2.531   3.515   1.00 26.05 ? 77  GLU A N   1 
ATOM   497 C  CA  . GLU A 1 68  ? -6.890  1.628   2.534   1.00 26.34 ? 77  GLU A CA  1 
ATOM   498 C  C   . GLU A 1 68  ? -7.173  0.226   2.988   1.00 26.42 ? 77  GLU A C   1 
ATOM   499 O  O   . GLU A 1 68  ? -7.235  -0.025  4.174   1.00 28.52 ? 77  GLU A O   1 
ATOM   500 C  CB  . GLU A 1 68  ? -5.395  1.855   2.329   1.00 24.70 ? 77  GLU A CB  1 
ATOM   501 C  CG  . GLU A 1 68  ? -5.129  3.118   1.487   1.00 26.09 ? 77  GLU A CG  1 
ATOM   502 C  CD  . GLU A 1 68  ? -3.656  3.517   1.415   1.00 27.32 ? 77  GLU A CD  1 
ATOM   503 O  OE1 . GLU A 1 68  ? -3.017  3.673   2.476   1.00 27.17 ? 77  GLU A OE1 1 
ATOM   504 O  OE2 . GLU A 1 68  ? -3.148  3.701   0.299   1.00 28.53 ? 77  GLU A OE2 1 
ATOM   505 N  N   . VAL A 1 69  ? -7.379  -0.659  2.036   1.00 28.09 ? 78  VAL A N   1 
ATOM   506 C  CA  . VAL A 1 69  ? -7.699  -2.049  2.309   1.00 29.15 ? 78  VAL A CA  1 
ATOM   507 C  C   . VAL A 1 69  ? -6.659  -2.946  1.635   1.00 30.27 ? 78  VAL A C   1 
ATOM   508 O  O   . VAL A 1 69  ? -6.234  -2.707  0.513   1.00 29.87 ? 78  VAL A O   1 
ATOM   509 C  CB  . VAL A 1 69  ? -9.176  -2.405  1.901   1.00 29.27 ? 78  VAL A CB  1 
ATOM   510 C  CG1 . VAL A 1 69  ? -9.488  -1.989  0.483   1.00 30.10 ? 78  VAL A CG1 1 
ATOM   511 C  CG2 . VAL A 1 69  ? -9.540  -3.882  2.125   1.00 28.05 ? 78  VAL A CG2 1 
ATOM   512 N  N   . TYR A 1 70  ? -6.301  -3.995  2.334   1.00 31.51 ? 79  TYR A N   1 
ATOM   513 C  CA  . TYR A 1 70  ? -5.315  -4.915  1.888   1.00 33.77 ? 79  TYR A CA  1 
ATOM   514 C  C   . TYR A 1 70  ? -6.024  -6.040  1.140   1.00 35.43 ? 79  TYR A C   1 
ATOM   515 O  O   . TYR A 1 70  ? -6.677  -6.891  1.772   1.00 37.23 ? 79  TYR A O   1 
ATOM   516 C  CB  . TYR A 1 70  ? -4.607  -5.441  3.121   1.00 34.40 ? 79  TYR A CB  1 
ATOM   517 C  CG  . TYR A 1 70  ? -3.307  -6.163  2.858   1.00 35.61 ? 79  TYR A CG  1 
ATOM   518 C  CD1 . TYR A 1 70  ? -2.219  -5.501  2.273   1.00 34.17 ? 79  TYR A CD1 1 
ATOM   519 C  CD2 . TYR A 1 70  ? -3.170  -7.495  3.208   1.00 37.46 ? 79  TYR A CD2 1 
ATOM   520 C  CE1 . TYR A 1 70  ? -1.003  -6.155  2.050   1.00 36.30 ? 79  TYR A CE1 1 
ATOM   521 C  CE2 . TYR A 1 70  ? -1.970  -8.173  2.994   1.00 39.76 ? 79  TYR A CE2 1 
ATOM   522 C  CZ  . TYR A 1 70  ? -0.905  -7.495  2.422   1.00 35.65 ? 79  TYR A CZ  1 
ATOM   523 O  OH  . TYR A 1 70  ? 0.261   -8.171  2.239   1.00 40.67 ? 79  TYR A OH  1 
ATOM   524 N  N   . SER A 1 71  ? -5.902  -6.031  -0.194  1.00 37.24 ? 80  SER A N   1 
ATOM   525 C  CA  . SER A 1 71  ? -6.662  -6.904  -1.104  1.00 39.41 ? 80  SER A CA  1 
ATOM   526 C  C   . SER A 1 71  ? -5.893  -7.259  -2.383  1.00 41.33 ? 80  SER A C   1 
ATOM   527 O  O   . SER A 1 71  ? -4.937  -6.560  -2.752  1.00 39.03 ? 80  SER A O   1 
ATOM   528 C  CB  . SER A 1 71  ? -7.955  -6.206  -1.582  1.00 38.92 ? 80  SER A CB  1 
ATOM   529 O  OG  . SER A 1 71  ? -8.767  -5.790  -0.503  1.00 40.39 ? 80  SER A OG  1 
ATOM   530 N  N   . ARG A 1 72  ? -6.397  -8.314  -3.054  1.00 43.23 ? 81  ARG A N   1 
ATOM   531 C  CA  . ARG A 1 72  ? -6.031  -8.799  -4.410  1.00 46.30 ? 81  ARG A CA  1 
ATOM   532 C  C   . ARG A 1 72  ? -7.219  -8.562  -5.360  1.00 48.08 ? 81  ARG A C   1 
ATOM   533 O  O   . ARG A 1 72  ? -8.391  -8.728  -4.943  1.00 48.92 ? 81  ARG A O   1 
ATOM   534 C  CB  . ARG A 1 72  ? -5.803  -10.321 -4.397  1.00 45.80 ? 81  ARG A CB  1 
ATOM   535 C  CG  . ARG A 1 72  ? -4.937  -10.918 -3.304  1.00 46.40 ? 81  ARG A CG  1 
ATOM   536 C  CD  . ARG A 1 72  ? -4.769  -12.454 -3.537  1.00 48.61 ? 81  ARG A CD  1 
ATOM   537 N  NE  . ARG A 1 72  ? -4.606  -13.230 -2.291  1.00 54.62 ? 81  ARG A NE  1 
ATOM   538 C  CZ  . ARG A 1 72  ? -3.433  -13.481 -1.698  1.00 58.19 ? 81  ARG A CZ  1 
ATOM   539 N  NH1 . ARG A 1 72  ? -2.299  -13.013 -2.224  1.00 60.02 ? 81  ARG A NH1 1 
ATOM   540 N  NH2 . ARG A 1 72  ? -3.378  -14.199 -0.577  1.00 58.38 ? 81  ARG A NH2 1 
ATOM   541 N  N   . ALA A 1 73  ? -6.946  -8.217  -6.628  1.00 48.96 ? 82  ALA A N   1 
ATOM   542 C  CA  . ALA A 1 73  ? -8.024  -7.922  -7.621  1.00 49.82 ? 82  ALA A CA  1 
ATOM   543 C  C   . ALA A 1 73  ? -8.525  -9.127  -8.447  1.00 50.17 ? 82  ALA A C   1 
ATOM   544 O  O   . ALA A 1 73  ? -7.921  -10.213 -8.438  1.00 51.10 ? 82  ALA A O   1 
ATOM   545 C  CB  . ALA A 1 73  ? -7.612  -6.758  -8.557  1.00 49.25 ? 82  ALA A CB  1 
ATOM   546 N  N   . GLU A 1 77  ? -2.539  -12.605 -7.898  1.00 46.77 ? 86  GLU A N   1 
ATOM   547 C  CA  . GLU A 1 77  ? -1.763  -11.397 -7.606  1.00 46.34 ? 86  GLU A CA  1 
ATOM   548 C  C   . GLU A 1 77  ? -1.351  -11.334 -6.126  1.00 45.91 ? 86  GLU A C   1 
ATOM   549 O  O   . GLU A 1 77  ? -1.992  -11.976 -5.265  1.00 47.00 ? 86  GLU A O   1 
ATOM   550 C  CB  . GLU A 1 77  ? -2.558  -10.131 -8.023  1.00 46.85 ? 86  GLU A CB  1 
ATOM   551 N  N   . PRO A 1 78  ? -0.294  -10.547 -5.801  1.00 44.00 ? 87  PRO A N   1 
ATOM   552 C  CA  . PRO A 1 78  ? -0.008  -10.341 -4.380  1.00 42.24 ? 87  PRO A CA  1 
ATOM   553 C  C   . PRO A 1 78  ? -1.039  -9.334  -3.826  1.00 39.51 ? 87  PRO A C   1 
ATOM   554 O  O   . PRO A 1 78  ? -1.694  -8.643  -4.597  1.00 38.74 ? 87  PRO A O   1 
ATOM   555 C  CB  . PRO A 1 78  ? 1.387   -9.713  -4.393  1.00 42.12 ? 87  PRO A CB  1 
ATOM   556 C  CG  . PRO A 1 78  ? 1.394   -8.924  -5.679  1.00 43.90 ? 87  PRO A CG  1 
ATOM   557 C  CD  . PRO A 1 78  ? 0.596   -9.748  -6.666  1.00 44.33 ? 87  PRO A CD  1 
ATOM   558 N  N   . CYS A 1 79  ? -1.202  -9.301  -2.513  1.00 38.42 ? 88  CYS A N   1 
ATOM   559 C  CA  . CYS A 1 79  ? -1.999  -8.265  -1.866  1.00 36.45 ? 88  CYS A CA  1 
ATOM   560 C  C   . CYS A 1 79  ? -1.291  -6.933  -1.919  1.00 34.35 ? 88  CYS A C   1 
ATOM   561 O  O   . CYS A 1 79  ? -0.036  -6.859  -1.846  1.00 32.59 ? 88  CYS A O   1 
ATOM   562 C  CB  . CYS A 1 79  ? -2.264  -8.628  -0.430  1.00 38.04 ? 88  CYS A CB  1 
ATOM   563 S  SG  . CYS A 1 79  ? -3.614  -9.888  -0.290  1.00 46.51 ? 88  CYS A SG  1 
ATOM   564 N  N   . GLY A 1 80  ? -2.098  -5.889  -2.043  1.00 30.72 ? 89  GLY A N   1 
ATOM   565 C  CA  . GLY A 1 80  ? -1.610  -4.519  -2.086  1.00 30.26 ? 89  GLY A CA  1 
ATOM   566 C  C   . GLY A 1 80  ? -2.660  -3.708  -1.348  1.00 29.37 ? 89  GLY A C   1 
ATOM   567 O  O   . GLY A 1 80  ? -3.765  -4.234  -1.052  1.00 30.09 ? 89  GLY A O   1 
ATOM   568 N  N   . TRP A 1 81  ? -2.308  -2.468  -1.049  1.00 27.87 ? 90  TRP A N   1 
ATOM   569 C  CA  . TRP A 1 81  ? -3.206  -1.511  -0.423  1.00 27.74 ? 90  TRP A CA  1 
ATOM   570 C  C   . TRP A 1 81  ? -3.957  -0.730  -1.460  1.00 27.51 ? 90  TRP A C   1 
ATOM   571 O  O   . TRP A 1 81  ? -3.356  -0.015  -2.253  1.00 26.49 ? 90  TRP A O   1 
ATOM   572 C  CB  . TRP A 1 81  ? -2.423  -0.573  0.490   1.00 27.64 ? 90  TRP A CB  1 
ATOM   573 C  CG  . TRP A 1 81  ? -1.870  -1.300  1.650   1.00 28.27 ? 90  TRP A CG  1 
ATOM   574 C  CD1 . TRP A 1 81  ? -0.570  -1.803  1.813   1.00 29.99 ? 90  TRP A CD1 1 
ATOM   575 C  CD2 . TRP A 1 81  ? -2.587  -1.680  2.803   1.00 29.07 ? 90  TRP A CD2 1 
ATOM   576 N  NE1 . TRP A 1 81  ? -0.459  -2.436  3.026   1.00 28.55 ? 90  TRP A NE1 1 
ATOM   577 C  CE2 . TRP A 1 81  ? -1.680  -2.379  3.657   1.00 31.00 ? 90  TRP A CE2 1 
ATOM   578 C  CE3 . TRP A 1 81  ? -3.910  -1.488  3.219   1.00 29.73 ? 90  TRP A CE3 1 
ATOM   579 C  CZ2 . TRP A 1 81  ? -2.062  -2.897  4.895   1.00 29.65 ? 90  TRP A CZ2 1 
ATOM   580 C  CZ3 . TRP A 1 81  ? -4.299  -1.984  4.500   1.00 28.64 ? 90  TRP A CZ3 1 
ATOM   581 C  CH2 . TRP A 1 81  ? -3.370  -2.674  5.317   1.00 30.19 ? 90  TRP A CH2 1 
ATOM   582 N  N   . TRP A 1 82  ? -5.292  -0.840  -1.398  1.00 27.85 ? 91  TRP A N   1 
ATOM   583 C  CA  . TRP A 1 82  ? -6.220  -0.154  -2.285  1.00 28.30 ? 91  TRP A CA  1 
ATOM   584 C  C   . TRP A 1 82  ? -7.014  0.979   -1.560  1.00 28.71 ? 91  TRP A C   1 
ATOM   585 O  O   . TRP A 1 82  ? -7.444  0.826   -0.428  1.00 26.96 ? 91  TRP A O   1 
ATOM   586 C  CB  . TRP A 1 82  ? -7.231  -1.196  -2.773  1.00 29.61 ? 91  TRP A CB  1 
ATOM   587 C  CG  . TRP A 1 82  ? -6.639  -2.314  -3.582  1.00 30.31 ? 91  TRP A CG  1 
ATOM   588 C  CD1 . TRP A 1 82  ? -6.038  -3.442  -3.120  1.00 32.56 ? 91  TRP A CD1 1 
ATOM   589 C  CD2 . TRP A 1 82  ? -6.644  -2.412  -5.006  1.00 32.01 ? 91  TRP A CD2 1 
ATOM   590 N  NE1 . TRP A 1 82  ? -5.621  -4.224  -4.163  1.00 32.00 ? 91  TRP A NE1 1 
ATOM   591 C  CE2 . TRP A 1 82  ? -5.988  -3.615  -5.341  1.00 32.32 ? 91  TRP A CE2 1 
ATOM   592 C  CE3 . TRP A 1 82  ? -7.130  -1.576  -6.043  1.00 33.41 ? 91  TRP A CE3 1 
ATOM   593 C  CZ2 . TRP A 1 82  ? -5.829  -4.043  -6.674  1.00 32.78 ? 91  TRP A CZ2 1 
ATOM   594 C  CZ3 . TRP A 1 82  ? -6.942  -1.985  -7.383  1.00 33.27 ? 91  TRP A CZ3 1 
ATOM   595 C  CH2 . TRP A 1 82  ? -6.293  -3.210  -7.678  1.00 32.12 ? 91  TRP A CH2 1 
ATOM   596 N  N   . LEU A 1 83  ? -7.213  2.115   -2.220  1.00 27.43 ? 92  LEU A N   1 
ATOM   597 C  CA  . LEU A 1 83  ? -8.030  3.184   -1.651  1.00 28.70 ? 92  LEU A CA  1 
ATOM   598 C  C   . LEU A 1 83  ? -9.526  2.792   -1.569  1.00 27.77 ? 92  LEU A C   1 
ATOM   599 O  O   . LEU A 1 83  ? -10.085 2.247   -2.514  1.00 27.21 ? 92  LEU A O   1 
ATOM   600 C  CB  . LEU A 1 83  ? -7.874  4.422   -2.517  1.00 29.87 ? 92  LEU A CB  1 
ATOM   601 C  CG  . LEU A 1 83  ? -8.120  5.788   -1.953  1.00 32.18 ? 92  LEU A CG  1 
ATOM   602 C  CD1 . LEU A 1 83  ? -7.562  5.959   -0.522  1.00 33.47 ? 92  LEU A CD1 1 
ATOM   603 C  CD2 . LEU A 1 83  ? -7.462  6.785   -2.964  1.00 37.99 ? 92  LEU A CD2 1 
ATOM   604 N  N   . ALA A 1 84  ? -10.155 3.021   -0.424  1.00 28.03 ? 93  ALA A N   1 
ATOM   605 C  CA  . ALA A 1 84  ? -11.577 2.620   -0.262  1.00 28.44 ? 93  ALA A CA  1 
ATOM   606 C  C   . ALA A 1 84  ? -12.290 3.592   0.676   1.00 28.71 ? 93  ALA A C   1 
ATOM   607 O  O   . ALA A 1 84  ? -11.655 4.500   1.166   1.00 28.29 ? 93  ALA A O   1 
ATOM   608 C  CB  . ALA A 1 84  ? -11.654 1.166   0.242   1.00 29.65 ? 93  ALA A CB  1 
ATOM   609 N  N   . ARG A 1 85  ? -13.598 3.446   0.877   1.00 29.52 ? 94  ARG A N   1 
ATOM   610 C  CA  . ARG A 1 85  ? -14.350 4.209   1.895   1.00 30.58 ? 94  ARG A CA  1 
ATOM   611 C  C   . ARG A 1 85  ? -15.230 3.248   2.692   1.00 29.33 ? 94  ARG A C   1 
ATOM   612 O  O   . ARG A 1 85  ? -15.798 2.295   2.107   1.00 28.85 ? 94  ARG A O   1 
ATOM   613 C  CB  . ARG A 1 85  ? -15.271 5.253   1.243   1.00 32.70 ? 94  ARG A CB  1 
ATOM   614 N  N   . VAL A 1 86  ? -15.298 3.489   4.001   1.00 29.45 ? 95  VAL A N   1 
ATOM   615 C  CA  . VAL A 1 86  ? -16.136 2.661   4.949   1.00 31.13 ? 95  VAL A CA  1 
ATOM   616 C  C   . VAL A 1 86  ? -17.557 3.224   4.786   1.00 32.40 ? 95  VAL A C   1 
ATOM   617 O  O   . VAL A 1 86  ? -17.861 4.343   5.219   1.00 32.39 ? 95  VAL A O   1 
ATOM   618 C  CB  . VAL A 1 86  ? -15.659 2.707   6.434   1.00 31.73 ? 95  VAL A CB  1 
ATOM   619 C  CG1 . VAL A 1 86  ? -16.606 1.871   7.366   1.00 32.96 ? 95  VAL A CG1 1 
ATOM   620 C  CG2 . VAL A 1 86  ? -14.204 2.161   6.613   1.00 30.62 ? 95  VAL A CG2 1 
ATOM   621 N  N   . ARG A 1 87  ? -18.398 2.460   4.116   1.00 33.23 ? 96  ARG A N   1 
ATOM   622 C  CA  . ARG A 1 87  ? -19.815 2.857   3.993   1.00 35.53 ? 96  ARG A CA  1 
ATOM   623 C  C   . ARG A 1 87  ? -20.641 2.535   5.242   1.00 35.14 ? 96  ARG A C   1 
ATOM   624 O  O   . ARG A 1 87  ? -21.489 3.340   5.651   1.00 36.26 ? 96  ARG A O   1 
ATOM   625 C  CB  . ARG A 1 87  ? -20.415 2.322   2.715   1.00 36.07 ? 96  ARG A CB  1 
ATOM   626 C  CG  . ARG A 1 87  ? -20.208 3.370   1.637   1.00 42.73 ? 96  ARG A CG  1 
ATOM   627 C  CD  . ARG A 1 87  ? -20.097 2.799   0.248   1.00 52.16 ? 96  ARG A CD  1 
ATOM   628 N  NE  . ARG A 1 87  ? -19.229 3.681   -0.550  1.00 60.80 ? 96  ARG A NE  1 
ATOM   629 C  CZ  . ARG A 1 87  ? -19.216 3.745   -1.878  1.00 61.96 ? 96  ARG A CZ  1 
ATOM   630 N  NH1 . ARG A 1 87  ? -20.041 2.979   -2.590  1.00 64.72 ? 96  ARG A NH1 1 
ATOM   631 N  NH2 . ARG A 1 87  ? -18.371 4.567   -2.489  1.00 62.99 ? 96  ARG A NH2 1 
HETATM 632 N  N   . MSE A 1 88  ? -20.355 1.413   5.882   0.50 32.66 ? 97  MSE A N   1 
HETATM 633 C  CA  . MSE A 1 88  ? -21.082 1.015   7.051   0.50 33.87 ? 97  MSE A CA  1 
HETATM 634 C  C   . MSE A 1 88  ? -20.173 0.207   7.933   0.50 31.06 ? 97  MSE A C   1 
HETATM 635 O  O   . MSE A 1 88  ? -19.310 -0.510  7.454   0.50 28.04 ? 97  MSE A O   1 
HETATM 636 C  CB  . MSE A 1 88  ? -22.293 0.167   6.637   0.50 32.73 ? 97  MSE A CB  1 
HETATM 637 C  CG  . MSE A 1 88  ? -23.183 -0.319  7.788   0.50 37.81 ? 97  MSE A CG  1 
HETATM 638 SE SE  . MSE A 1 88  ? -24.450 -1.631  7.091   0.50 43.08 ? 97  MSE A SE  1 
HETATM 639 C  CE  . MSE A 1 88  ? -24.694 -0.930  5.290   0.50 40.15 ? 97  MSE A CE  1 
HETATM 640 N  N   . MSE A 1 89  ? -20.354 0.346   9.229   0.50 29.88 ? 98  MSE A N   1 
HETATM 641 C  CA  . MSE A 1 89  ? -19.765 -0.612  10.147  0.50 32.70 ? 98  MSE A CA  1 
HETATM 642 C  C   . MSE A 1 89  ? -20.749 -0.976  11.250  0.50 31.06 ? 98  MSE A C   1 
HETATM 643 O  O   . MSE A 1 89  ? -21.517 -0.156  11.700  0.50 29.08 ? 98  MSE A O   1 
HETATM 644 C  CB  . MSE A 1 89  ? -18.417 -0.147  10.710  0.50 31.74 ? 98  MSE A CB  1 
HETATM 645 C  CG  . MSE A 1 89  ? -18.405 1.227   11.279  0.50 32.53 ? 98  MSE A CG  1 
HETATM 646 SE SE  . MSE A 1 89  ? -16.626 1.904   11.741  0.50 42.64 ? 98  MSE A SE  1 
HETATM 647 C  CE  . MSE A 1 89  ? -16.292 0.745   13.247  0.50 26.82 ? 98  MSE A CE  1 
ATOM   648 N  N   . LYS A 1 90  ? -20.736 -2.246  11.624  1.00 32.42 ? 99  LYS A N   1 
ATOM   649 C  CA  . LYS A 1 90  ? -21.522 -2.764  12.741  1.00 32.74 ? 99  LYS A CA  1 
ATOM   650 C  C   . LYS A 1 90  ? -20.691 -3.842  13.389  1.00 33.79 ? 99  LYS A C   1 
ATOM   651 O  O   . LYS A 1 90  ? -20.255 -4.787  12.725  1.00 31.79 ? 99  LYS A O   1 
ATOM   652 C  CB  . LYS A 1 90  ? -22.874 -3.343  12.286  1.00 33.21 ? 99  LYS A CB  1 
ATOM   653 N  N   . GLY A 1 91  ? -20.486 -3.698  14.695  1.00 34.41 ? 100 GLY A N   1 
ATOM   654 C  CA  . GLY A 1 91  ? -19.589 -4.606  15.413  1.00 34.55 ? 100 GLY A CA  1 
ATOM   655 C  C   . GLY A 1 91  ? -18.192 -4.646  14.823  1.00 33.43 ? 100 GLY A C   1 
ATOM   656 O  O   . GLY A 1 91  ? -17.500 -3.626  14.727  1.00 34.43 ? 100 GLY A O   1 
ATOM   657 N  N   . ASP A 1 92  ? -17.749 -5.823  14.424  1.00 31.13 ? 101 ASP A N   1 
ATOM   658 C  CA  . ASP A 1 92  ? -16.430 -5.885  13.829  1.00 30.50 ? 101 ASP A CA  1 
ATOM   659 C  C   . ASP A 1 92  ? -16.497 -6.165  12.312  1.00 28.22 ? 101 ASP A C   1 
ATOM   660 O  O   . ASP A 1 92  ? -15.555 -6.676  11.756  1.00 27.57 ? 101 ASP A O   1 
ATOM   661 C  CB  . ASP A 1 92  ? -15.573 -6.892  14.586  1.00 29.82 ? 101 ASP A CB  1 
ATOM   662 C  CG  . ASP A 1 92  ? -15.338 -6.463  16.048  1.00 37.31 ? 101 ASP A CG  1 
ATOM   663 O  OD1 . ASP A 1 92  ? -15.051 -5.256  16.268  1.00 36.56 ? 101 ASP A OD1 1 
ATOM   664 O  OD2 . ASP A 1 92  ? -15.461 -7.319  16.955  1.00 40.33 ? 101 ASP A OD2 1 
ATOM   665 N  N   . PHE A 1 93  ? -17.632 -5.834  11.692  1.00 27.55 ? 102 PHE A N   1 
ATOM   666 C  CA  . PHE A 1 93  ? -17.817 -5.964  10.242  1.00 28.21 ? 102 PHE A CA  1 
ATOM   667 C  C   . PHE A 1 93  ? -17.768 -4.565  9.683   1.00 27.93 ? 102 PHE A C   1 
ATOM   668 O  O   . PHE A 1 93  ? -18.428 -3.615  10.203  1.00 27.47 ? 102 PHE A O   1 
ATOM   669 C  CB  . PHE A 1 93  ? -19.165 -6.586  9.878   1.00 27.53 ? 102 PHE A CB  1 
ATOM   670 C  CG  . PHE A 1 93  ? -19.269 -8.100  10.113  1.00 29.77 ? 102 PHE A CG  1 
ATOM   671 C  CD1 . PHE A 1 93  ? -18.187 -8.947  9.906   1.00 32.30 ? 102 PHE A CD1 1 
ATOM   672 C  CD2 . PHE A 1 93  ? -20.495 -8.676  10.419  1.00 28.98 ? 102 PHE A CD2 1 
ATOM   673 C  CE1 . PHE A 1 93  ? -18.287 -10.337 10.102  1.00 34.14 ? 102 PHE A CE1 1 
ATOM   674 C  CE2 . PHE A 1 93  ? -20.611 -10.054 10.584  1.00 27.89 ? 102 PHE A CE2 1 
ATOM   675 C  CZ  . PHE A 1 93  ? -19.512 -10.880 10.422  1.00 30.37 ? 102 PHE A CZ  1 
ATOM   676 N  N   . TYR A 1 94  ? -16.975 -4.418  8.636   1.00 25.83 ? 103 TYR A N   1 
ATOM   677 C  CA  . TYR A 1 94  ? -16.847 -3.184  7.891   1.00 26.89 ? 103 TYR A CA  1 
ATOM   678 C  C   . TYR A 1 94  ? -17.288 -3.369  6.444   1.00 26.04 ? 103 TYR A C   1 
ATOM   679 O  O   . TYR A 1 94  ? -16.763 -4.230  5.729   1.00 25.73 ? 103 TYR A O   1 
ATOM   680 C  CB  . TYR A 1 94  ? -15.379 -2.737  7.876   1.00 28.82 ? 103 TYR A CB  1 
ATOM   681 C  CG  . TYR A 1 94  ? -14.884 -2.427  9.252   1.00 27.74 ? 103 TYR A CG  1 
ATOM   682 C  CD1 . TYR A 1 94  ? -14.797 -1.095  9.684   1.00 31.55 ? 103 TYR A CD1 1 
ATOM   683 C  CD2 . TYR A 1 94  ? -14.548 -3.451  10.138  1.00 28.49 ? 103 TYR A CD2 1 
ATOM   684 C  CE1 . TYR A 1 94  ? -14.347 -0.799  10.960  1.00 33.27 ? 103 TYR A CE1 1 
ATOM   685 C  CE2 . TYR A 1 94  ? -14.123 -3.164  11.437  1.00 31.98 ? 103 TYR A CE2 1 
ATOM   686 C  CZ  . TYR A 1 94  ? -14.028 -1.838  11.829  1.00 33.16 ? 103 TYR A CZ  1 
ATOM   687 O  OH  . TYR A 1 94  ? -13.585 -1.538  13.090  1.00 35.05 ? 103 TYR A OH  1 
ATOM   688 N  N   . VAL A 1 95  ? -18.225 -2.537  6.005   1.00 25.58 ? 104 VAL A N   1 
ATOM   689 C  CA  . VAL A 1 95  ? -18.662 -2.538  4.607   1.00 26.73 ? 104 VAL A CA  1 
ATOM   690 C  C   . VAL A 1 95  ? -17.936 -1.429  3.899   1.00 26.96 ? 104 VAL A C   1 
ATOM   691 O  O   . VAL A 1 95  ? -18.085 -0.244  4.245   1.00 27.85 ? 104 VAL A O   1 
ATOM   692 C  CB  . VAL A 1 95  ? -20.199 -2.386  4.432   1.00 26.83 ? 104 VAL A CB  1 
ATOM   693 C  CG1 . VAL A 1 95  ? -20.559 -2.492  2.978   1.00 25.96 ? 104 VAL A CG1 1 
ATOM   694 C  CG2 . VAL A 1 95  ? -20.931 -3.502  5.192   1.00 27.26 ? 104 VAL A CG2 1 
ATOM   695 N  N   . ILE A 1 96  ? -17.140 -1.814  2.907   1.00 28.47 ? 105 ILE A N   1 
ATOM   696 C  CA  . ILE A 1 96  ? -16.311 -0.832  2.195   1.00 29.43 ? 105 ILE A CA  1 
ATOM   697 C  C   . ILE A 1 96  ? -16.612 -0.783  0.698   1.00 30.14 ? 105 ILE A C   1 
ATOM   698 O  O   . ILE A 1 96  ? -17.091 -1.751  0.095   1.00 30.62 ? 105 ILE A O   1 
ATOM   699 C  CB  . ILE A 1 96  ? -14.799 -1.099  2.390   1.00 28.60 ? 105 ILE A CB  1 
ATOM   700 C  CG1 . ILE A 1 96  ? -14.437 -2.405  1.671   1.00 29.53 ? 105 ILE A CG1 1 
ATOM   701 C  CG2 . ILE A 1 96  ? -14.461 -1.109  3.892   1.00 29.46 ? 105 ILE A CG2 1 
ATOM   702 C  CD1 . ILE A 1 96  ? -12.959 -2.726  1.559   1.00 30.64 ? 105 ILE A CD1 1 
ATOM   703 N  N   . GLU A 1 97  ? -16.327 0.365   0.106   1.00 31.61 ? 106 GLU A N   1 
ATOM   704 C  CA  . GLU A 1 97  ? -16.363 0.509   -1.338  1.00 33.24 ? 106 GLU A CA  1 
ATOM   705 C  C   . GLU A 1 97  ? -15.021 0.994   -1.870  1.00 34.31 ? 106 GLU A C   1 
ATOM   706 O  O   . GLU A 1 97  ? -14.406 1.912   -1.317  1.00 34.85 ? 106 GLU A O   1 
ATOM   707 C  CB  . GLU A 1 97  ? -17.487 1.472   -1.751  1.00 35.59 ? 106 GLU A CB  1 
ATOM   708 N  N   . TYR A 1 98  ? -14.581 0.378   -2.949  1.00 35.49 ? 107 TYR A N   1 
ATOM   709 C  CA  . TYR A 1 98  ? -13.315 0.709   -3.582  1.00 38.54 ? 107 TYR A CA  1 
ATOM   710 C  C   . TYR A 1 98  ? -13.417 1.934   -4.467  1.00 41.08 ? 107 TYR A C   1 
ATOM   711 O  O   . TYR A 1 98  ? -14.414 2.136   -5.198  1.00 42.18 ? 107 TYR A O   1 
ATOM   712 C  CB  . TYR A 1 98  ? -12.815 -0.468  -4.424  1.00 37.59 ? 107 TYR A CB  1 
ATOM   713 C  CG  . TYR A 1 98  ? -12.419 -1.661  -3.609  1.00 37.73 ? 107 TYR A CG  1 
ATOM   714 C  CD1 . TYR A 1 98  ? -11.070 -1.886  -3.279  1.00 38.64 ? 107 TYR A CD1 1 
ATOM   715 C  CD2 . TYR A 1 98  ? -13.373 -2.585  -3.156  1.00 36.85 ? 107 TYR A CD2 1 
ATOM   716 C  CE1 . TYR A 1 98  ? -10.685 -2.987  -2.516  1.00 36.72 ? 107 TYR A CE1 1 
ATOM   717 C  CE2 . TYR A 1 98  ? -12.982 -3.686  -2.364  1.00 34.50 ? 107 TYR A CE2 1 
ATOM   718 C  CZ  . TYR A 1 98  ? -11.639 -3.875  -2.070  1.00 35.80 ? 107 TYR A CZ  1 
ATOM   719 O  OH  . TYR A 1 98  ? -11.224 -4.959  -1.355  1.00 36.37 ? 107 TYR A OH  1 
ATOM   720 N  N   . ALA A 1 99  ? -12.370 2.753   -4.401  1.00 43.33 ? 108 ALA A N   1 
ATOM   721 C  CA  . ALA A 1 99  ? -12.211 3.901   -5.263  1.00 45.14 ? 108 ALA A CA  1 
ATOM   722 C  C   . ALA A 1 99  ? -11.995 3.453   -6.712  1.00 47.06 ? 108 ALA A C   1 
ATOM   723 O  O   . ALA A 1 99  ? -12.317 4.202   -7.653  1.00 47.49 ? 108 ALA A O   1 
ATOM   724 C  CB  . ALA A 1 99  ? -11.055 4.743   -4.795  1.00 44.83 ? 108 ALA A CB  1 
ATOM   725 N  N   . ALA A 1 100 ? -11.451 2.245   -6.890  1.00 48.42 ? 109 ALA A N   1 
ATOM   726 C  CA  . ALA A 1 100 ? -11.242 1.672   -8.221  1.00 50.28 ? 109 ALA A CA  1 
ATOM   727 C  C   . ALA A 1 100 ? -12.538 1.151   -8.889  1.00 51.65 ? 109 ALA A C   1 
ATOM   728 O  O   . ALA A 1 100 ? -12.538 0.822   -10.095 1.00 52.24 ? 109 ALA A O   1 
ATOM   729 C  CB  . ALA A 1 100 ? -10.174 0.560   -8.176  1.00 50.26 ? 109 ALA A CB  1 
ATOM   730 N  N   . CYS A 1 101 ? -13.624 1.048   -8.118  1.00 52.26 ? 110 CYS A N   1 
ATOM   731 C  CA  . CYS A 1 101 ? -14.909 0.547   -8.638  1.00 52.43 ? 110 CYS A CA  1 
ATOM   732 C  C   . CYS A 1 101 ? -16.075 1.404   -8.135  1.00 52.39 ? 110 CYS A C   1 
ATOM   733 O  O   . CYS A 1 101 ? -17.157 1.431   -8.731  1.00 53.19 ? 110 CYS A O   1 
ATOM   734 C  CB  . CYS A 1 101 ? -15.101 -0.945  -8.274  1.00 52.30 ? 110 CYS A CB  1 
ATOM   735 N  N   . ASN A 1 106 ? -19.195 -2.975  -3.300  1.00 45.19 ? 115 ASN A N   1 
ATOM   736 C  CA  . ASN A 1 106 ? -19.099 -3.222  -1.838  1.00 44.26 ? 115 ASN A CA  1 
ATOM   737 C  C   . ASN A 1 106 ? -18.412 -4.545  -1.432  1.00 42.00 ? 115 ASN A C   1 
ATOM   738 O  O   . ASN A 1 106 ? -18.537 -5.548  -2.128  1.00 42.45 ? 115 ASN A O   1 
ATOM   739 C  CB  . ASN A 1 106 ? -20.470 -3.091  -1.155  1.00 45.62 ? 115 ASN A CB  1 
ATOM   740 C  CG  . ASN A 1 106 ? -20.976 -1.637  -1.118  1.00 50.22 ? 115 ASN A CG  1 
ATOM   741 O  OD1 . ASN A 1 106 ? -20.292 -0.719  -1.584  1.00 56.56 ? 115 ASN A OD1 1 
ATOM   742 N  ND2 . ASN A 1 106 ? -22.178 -1.424  -0.550  1.00 54.40 ? 115 ASN A ND2 1 
ATOM   743 N  N   . GLU A 1 107 ? -17.678 -4.527  -0.315  1.00 37.54 ? 116 GLU A N   1 
ATOM   744 C  CA  . GLU A 1 107 ? -17.077 -5.752  0.244   1.00 35.21 ? 116 GLU A CA  1 
ATOM   745 C  C   . GLU A 1 107 ? -17.164 -5.676  1.747   1.00 32.25 ? 116 GLU A C   1 
ATOM   746 O  O   . GLU A 1 107 ? -16.965 -4.598  2.324   1.00 31.13 ? 116 GLU A O   1 
ATOM   747 C  CB  . GLU A 1 107 ? -15.587 -5.889  -0.166  1.00 34.94 ? 116 GLU A CB  1 
ATOM   748 C  CG  . GLU A 1 107 ? -14.981 -7.258  0.153   1.00 37.16 ? 116 GLU A CG  1 
ATOM   749 C  CD  . GLU A 1 107 ? -13.517 -7.429  -0.308  1.00 37.79 ? 116 GLU A CD  1 
ATOM   750 O  OE1 . GLU A 1 107 ? -13.030 -6.614  -1.137  1.00 40.74 ? 116 GLU A OE1 1 
ATOM   751 O  OE2 . GLU A 1 107 ? -12.867 -8.409  0.149   1.00 41.52 ? 116 GLU A OE2 1 
ATOM   752 N  N   . ILE A 1 108 ? -17.402 -6.826  2.390   1.00 29.84 ? 117 ILE A N   1 
ATOM   753 C  CA  . ILE A 1 108 ? -17.429 -6.888  3.858   1.00 28.74 ? 117 ILE A CA  1 
ATOM   754 C  C   . ILE A 1 108 ? -16.058 -7.384  4.293   1.00 27.25 ? 117 ILE A C   1 
ATOM   755 O  O   . ILE A 1 108 ? -15.596 -8.418  3.804   1.00 27.01 ? 117 ILE A O   1 
ATOM   756 C  CB  . ILE A 1 108 ? -18.624 -7.762  4.384   1.00 28.34 ? 117 ILE A CB  1 
ATOM   757 C  CG1 . ILE A 1 108 ? -19.929 -7.037  4.107   1.00 30.79 ? 117 ILE A CG1 1 
ATOM   758 C  CG2 . ILE A 1 108 ? -18.536 -8.027  5.891   1.00 27.88 ? 117 ILE A CG2 1 
ATOM   759 C  CD1 . ILE A 1 108 ? -21.098 -8.037  3.978   1.00 33.89 ? 117 ILE A CD1 1 
ATOM   760 N  N   . VAL A 1 109 ? -15.381 -6.622  5.147   1.00 25.93 ? 118 VAL A N   1 
ATOM   761 C  CA  . VAL A 1 109 ? -14.068 -7.017  5.621   1.00 25.48 ? 118 VAL A CA  1 
ATOM   762 C  C   . VAL A 1 109 ? -13.999 -6.899  7.156   1.00 27.58 ? 118 VAL A C   1 
ATOM   763 O  O   . VAL A 1 109 ? -14.920 -6.285  7.831   1.00 26.20 ? 118 VAL A O   1 
ATOM   764 C  CB  . VAL A 1 109 ? -12.929 -6.201  4.941   1.00 25.04 ? 118 VAL A CB  1 
ATOM   765 C  CG1 . VAL A 1 109 ? -13.084 -6.238  3.383   1.00 24.72 ? 118 VAL A CG1 1 
ATOM   766 C  CG2 . VAL A 1 109 ? -12.908 -4.735  5.407   1.00 26.92 ? 118 VAL A CG2 1 
ATOM   767 N  N   . THR A 1 110 ? -12.955 -7.508  7.727   1.00 26.89 ? 119 THR A N   1 
ATOM   768 C  CA  . THR A 1 110 ? -12.737 -7.300  9.158   1.00 29.53 ? 119 THR A CA  1 
ATOM   769 C  C   . THR A 1 110 ? -11.588 -6.298  9.308   1.00 30.28 ? 119 THR A C   1 
ATOM   770 O  O   . THR A 1 110 ? -10.926 -5.954  8.310   1.00 30.34 ? 119 THR A O   1 
ATOM   771 C  CB  . THR A 1 110 ? -12.518 -8.611  9.910   1.00 27.67 ? 119 THR A CB  1 
ATOM   772 O  OG1 . THR A 1 110 ? -11.430 -9.293  9.275   1.00 31.93 ? 119 THR A OG1 1 
ATOM   773 C  CG2 . THR A 1 110 ? -13.840 -9.515  9.863   1.00 29.66 ? 119 THR A CG2 1 
ATOM   774 N  N   . LEU A 1 111 ? -11.344 -5.830  10.531  1.00 32.00 ? 120 LEU A N   1 
ATOM   775 C  CA  . LEU A 1 111 ? -10.461 -4.692  10.744  1.00 32.31 ? 120 LEU A CA  1 
ATOM   776 C  C   . LEU A 1 111 ? -8.988  -4.939  10.369  1.00 33.54 ? 120 LEU A C   1 
ATOM   777 O  O   . LEU A 1 111 ? -8.305  -3.990  9.975   1.00 33.86 ? 120 LEU A O   1 
ATOM   778 C  CB  . LEU A 1 111 ? -10.612 -4.128  12.167  1.00 33.64 ? 120 LEU A CB  1 
ATOM   779 C  CG  . LEU A 1 111 ? -9.701  -2.972  12.586  1.00 33.56 ? 120 LEU A CG  1 
ATOM   780 C  CD1 . LEU A 1 111 ? -10.079 -1.615  12.005  1.00 36.67 ? 120 LEU A CD1 1 
ATOM   781 C  CD2 . LEU A 1 111 ? -9.676  -2.903  14.073  1.00 39.11 ? 120 LEU A CD2 1 
ATOM   782 N  N   . GLU A 1 112 ? -8.507  -6.185  10.473  1.00 33.27 ? 121 GLU A N   1 
ATOM   783 C  CA  . GLU A 1 112 ? -7.131  -6.532  10.073  1.00 33.21 ? 121 GLU A CA  1 
ATOM   784 C  C   . GLU A 1 112 ? -6.827  -6.081  8.662   1.00 33.03 ? 121 GLU A C   1 
ATOM   785 O  O   . GLU A 1 112 ? -5.703  -5.710  8.356   1.00 32.53 ? 121 GLU A O   1 
ATOM   786 C  CB  . GLU A 1 112 ? -6.826  -8.033  10.200  1.00 34.06 ? 121 GLU A CB  1 
ATOM   787 N  N   . ARG A 1 113 ? -7.843  -6.107  7.805   1.00 33.03 ? 122 ARG A N   1 
ATOM   788 C  CA  . ARG A 1 113 ? -7.684  -5.654  6.423   1.00 31.28 ? 122 ARG A CA  1 
ATOM   789 C  C   . ARG A 1 113 ? -7.608  -4.146  6.125   1.00 29.95 ? 122 ARG A C   1 
ATOM   790 O  O   . ARG A 1 113 ? -7.394  -3.772  4.975   1.00 29.64 ? 122 ARG A O   1 
ATOM   791 C  CB  . ARG A 1 113 ? -8.692  -6.388  5.536   1.00 32.05 ? 122 ARG A CB  1 
ATOM   792 C  CG  . ARG A 1 113 ? -8.110  -7.784  5.244   1.00 33.88 ? 122 ARG A CG  1 
ATOM   793 C  CD  . ARG A 1 113 ? -8.860  -8.598  4.281   1.00 35.43 ? 122 ARG A CD  1 
ATOM   794 N  NE  . ARG A 1 113 ? -8.951  -7.995  2.964   1.00 38.37 ? 122 ARG A NE  1 
ATOM   795 C  CZ  . ARG A 1 113 ? -9.939  -8.282  2.138   1.00 40.13 ? 122 ARG A CZ  1 
ATOM   796 N  NH1 . ARG A 1 113 ? -10.874 -9.140  2.541   1.00 44.23 ? 122 ARG A NH1 1 
ATOM   797 N  NH2 . ARG A 1 113 ? -10.028 -7.724  0.946   1.00 37.22 ? 122 ARG A NH2 1 
ATOM   798 N  N   . LEU A 1 114 ? -7.743  -3.297  7.141   1.00 28.48 ? 123 LEU A N   1 
ATOM   799 C  CA  . LEU A 1 114 ? -7.869  -1.857  6.949   1.00 27.13 ? 123 LEU A CA  1 
ATOM   800 C  C   . LEU A 1 114 ? -6.833  -1.062  7.690   1.00 27.60 ? 123 LEU A C   1 
ATOM   801 O  O   . LEU A 1 114 ? -6.346  -1.502  8.731   1.00 26.80 ? 123 LEU A O   1 
ATOM   802 C  CB  . LEU A 1 114 ? -9.257  -1.349  7.426   1.00 26.95 ? 123 LEU A CB  1 
ATOM   803 C  CG  . LEU A 1 114 ? -10.527 -1.966  6.823   1.00 24.48 ? 123 LEU A CG  1 
ATOM   804 C  CD1 . LEU A 1 114 ? -11.718 -1.358  7.549   1.00 27.79 ? 123 LEU A CD1 1 
ATOM   805 C  CD2 . LEU A 1 114 ? -10.633 -1.604  5.309   1.00 25.27 ? 123 LEU A CD2 1 
ATOM   806 N  N   . ARG A 1 115 ? -6.589  0.153   7.191   1.00 26.50 ? 124 ARG A N   1 
ATOM   807 C  CA  . ARG A 1 115 ? -5.730  1.107   7.850   1.00 26.34 ? 124 ARG A CA  1 
ATOM   808 C  C   . ARG A 1 115 ? -6.160  2.469   7.434   1.00 25.76 ? 124 ARG A C   1 
ATOM   809 O  O   . ARG A 1 115 ? -6.721  2.628   6.362   1.00 24.99 ? 124 ARG A O   1 
ATOM   810 C  CB  . ARG A 1 115 ? -4.248  0.853   7.447   1.00 26.30 ? 124 ARG A CB  1 
ATOM   811 C  CG  . ARG A 1 115 ? -3.926  1.251   6.002   1.00 25.50 ? 124 ARG A CG  1 
ATOM   812 C  CD  . ARG A 1 115 ? -2.458  0.932   5.627   1.00 26.78 ? 124 ARG A CD  1 
ATOM   813 N  NE  . ARG A 1 115 ? -2.069  1.621   4.410   1.00 23.16 ? 124 ARG A NE  1 
ATOM   814 C  CZ  . ARG A 1 115 ? -0.853  1.489   3.861   1.00 26.55 ? 124 ARG A CZ  1 
ATOM   815 N  NH1 . ARG A 1 115 ? 0.040   0.699   4.453   1.00 22.04 ? 124 ARG A NH1 1 
ATOM   816 N  NH2 . ARG A 1 115 ? -0.524  2.172   2.754   1.00 26.75 ? 124 ARG A NH2 1 
ATOM   817 N  N   . PRO A 1 116 ? -5.840  3.504   8.231   1.00 28.71 ? 125 PRO A N   1 
ATOM   818 C  CA  . PRO A 1 116 ? -6.049  4.858   7.701   1.00 29.41 ? 125 PRO A CA  1 
ATOM   819 C  C   . PRO A 1 116 ? -5.172  5.079   6.449   1.00 29.69 ? 125 PRO A C   1 
ATOM   820 O  O   . PRO A 1 116 ? -4.147  4.386   6.283   1.00 28.97 ? 125 PRO A O   1 
ATOM   821 C  CB  . PRO A 1 116 ? -5.547  5.774   8.835   1.00 29.58 ? 125 PRO A CB  1 
ATOM   822 C  CG  . PRO A 1 116 ? -5.454  4.911   10.022  1.00 31.94 ? 125 PRO A CG  1 
ATOM   823 C  CD  . PRO A 1 116 ? -5.244  3.515   9.581   1.00 28.78 ? 125 PRO A CD  1 
ATOM   824 N  N   . VAL A 1 117 ? -5.602  5.978   5.557   1.00 30.02 ? 126 VAL A N   1 
ATOM   825 C  CA  . VAL A 1 117 ? -4.878  6.263   4.322   1.00 29.38 ? 126 VAL A CA  1 
ATOM   826 C  C   . VAL A 1 117 ? -3.467  6.705   4.706   1.00 29.18 ? 126 VAL A C   1 
ATOM   827 O  O   . VAL A 1 117 ? -3.281  7.498   5.623   1.00 26.83 ? 126 VAL A O   1 
ATOM   828 C  CB  . VAL A 1 117 ? -5.604  7.336   3.454   1.00 29.86 ? 126 VAL A CB  1 
ATOM   829 C  CG1 . VAL A 1 117 ? -4.901  7.551   2.116   1.00 31.46 ? 126 VAL A CG1 1 
ATOM   830 C  CG2 . VAL A 1 117 ? -7.023  6.895   3.182   1.00 29.57 ? 126 VAL A CG2 1 
ATOM   831 N  N   . ASN A 1 118 ? -2.469  6.134   4.032   1.00 27.73 ? 127 ASN A N   1 
ATOM   832 C  CA  . ASN A 1 118 ? -1.086  6.490   4.287   1.00 27.50 ? 127 ASN A CA  1 
ATOM   833 C  C   . ASN A 1 118 ? -0.939  7.988   4.051   1.00 27.22 ? 127 ASN A C   1 
ATOM   834 O  O   . ASN A 1 118 ? -1.273  8.490   3.014   1.00 28.15 ? 127 ASN A O   1 
ATOM   835 C  CB  . ASN A 1 118 ? -0.163  5.668   3.349   1.00 26.67 ? 127 ASN A CB  1 
ATOM   836 C  CG  . ASN A 1 118 ? 1.323   5.974   3.523   1.00 25.57 ? 127 ASN A CG  1 
ATOM   837 O  OD1 . ASN A 1 118 ? 1.746   6.917   4.225   1.00 26.95 ? 127 ASN A OD1 1 
ATOM   838 N  ND2 . ASN A 1 118 ? 2.136   5.178   2.853   1.00 24.27 ? 127 ASN A ND2 1 
ATOM   839 N  N   . PRO A 1 119 ? -0.478  8.717   5.045   1.00 28.63 ? 128 PRO A N   1 
ATOM   840 C  CA  . PRO A 1 119 ? -0.406  10.157  4.806   1.00 30.65 ? 128 PRO A CA  1 
ATOM   841 C  C   . PRO A 1 119 ? 0.793   10.554  3.948   1.00 31.92 ? 128 PRO A C   1 
ATOM   842 O  O   . PRO A 1 119 ? 0.876   11.701  3.509   1.00 32.54 ? 128 PRO A O   1 
ATOM   843 C  CB  . PRO A 1 119 ? -0.237  10.741  6.219   1.00 30.59 ? 128 PRO A CB  1 
ATOM   844 C  CG  . PRO A 1 119 ? 0.415   9.674   6.989   1.00 30.69 ? 128 PRO A CG  1 
ATOM   845 C  CD  . PRO A 1 119 ? -0.092  8.340   6.416   1.00 28.77 ? 128 PRO A CD  1 
ATOM   846 N  N   . ASN A 1 120 ? 1.728   9.624   3.722   1.00 32.58 ? 129 ASN A N   1 
ATOM   847 C  CA  . ASN A 1 120 ? 2.907   9.925   2.877   1.00 32.62 ? 129 ASN A CA  1 
ATOM   848 C  C   . ASN A 1 120 ? 2.645   10.056  1.379   1.00 32.99 ? 129 ASN A C   1 
ATOM   849 O  O   . ASN A 1 120 ? 2.036   9.178   0.751   1.00 33.76 ? 129 ASN A O   1 
ATOM   850 C  CB  . ASN A 1 120 ? 4.057   8.948   3.191   1.00 32.22 ? 129 ASN A CB  1 
ATOM   851 C  CG  . ASN A 1 120 ? 4.547   9.108   4.604   1.00 33.54 ? 129 ASN A CG  1 
ATOM   852 O  OD1 . ASN A 1 120 ? 4.634   10.237  5.093   1.00 35.65 ? 129 ASN A OD1 1 
ATOM   853 N  ND2 . ASN A 1 120 ? 4.862   8.004   5.279   1.00 36.63 ? 129 ASN A ND2 1 
ATOM   854 N  N   . PRO A 1 121 ? 3.161   11.143  0.778   1.00 33.69 ? 130 PRO A N   1 
ATOM   855 C  CA  . PRO A 1 121 ? 2.994   11.400  -0.633  1.00 33.06 ? 130 PRO A CA  1 
ATOM   856 C  C   . PRO A 1 121 ? 4.015   10.613  -1.469  1.00 32.31 ? 130 PRO A C   1 
ATOM   857 O  O   . PRO A 1 121 ? 5.044   10.200  -0.947  1.00 32.44 ? 130 PRO A O   1 
ATOM   858 C  CB  . PRO A 1 121 ? 3.302   12.895  -0.751  1.00 33.55 ? 130 PRO A CB  1 
ATOM   859 C  CG  . PRO A 1 121 ? 4.245   13.164  0.288   1.00 33.81 ? 130 PRO A CG  1 
ATOM   860 C  CD  . PRO A 1 121 ? 4.017   12.153  1.417   1.00 33.63 ? 130 PRO A CD  1 
ATOM   861 N  N   . LEU A 1 122 ? 3.729   10.449  -2.758  1.00 31.49 ? 131 LEU A N   1 
ATOM   862 C  CA  . LEU A 1 122 ? 4.726   9.918   -3.674  1.00 31.67 ? 131 LEU A CA  1 
ATOM   863 C  C   . LEU A 1 122 ? 5.956   10.823  -3.639  1.00 31.68 ? 131 LEU A C   1 
ATOM   864 O  O   . LEU A 1 122 ? 5.846   12.038  -3.419  1.00 29.98 ? 131 LEU A O   1 
ATOM   865 C  CB  . LEU A 1 122 ? 4.179   9.757   -5.065  1.00 31.25 ? 131 LEU A CB  1 
ATOM   866 C  CG  . LEU A 1 122 ? 3.115   8.677   -5.279  1.00 33.11 ? 131 LEU A CG  1 
ATOM   867 C  CD1 . LEU A 1 122 ? 2.340   9.010   -6.518  1.00 33.14 ? 131 LEU A CD1 1 
ATOM   868 C  CD2 . LEU A 1 122 ? 3.740   7.269   -5.384  1.00 30.36 ? 131 LEU A CD2 1 
ATOM   869 N  N   . ALA A 1 123 ? 7.129   10.223  -3.744  1.00 31.59 ? 132 ALA A N   1 
ATOM   870 C  CA  . ALA A 1 123 ? 8.380   10.976  -3.579  1.00 33.03 ? 132 ALA A CA  1 
ATOM   871 C  C   . ALA A 1 123 ? 8.582   12.088  -4.625  1.00 34.92 ? 132 ALA A C   1 
ATOM   872 O  O   . ALA A 1 123 ? 9.327   13.056  -4.323  1.00 37.62 ? 132 ALA A O   1 
ATOM   873 C  CB  . ALA A 1 123 ? 9.570   10.024  -3.587  1.00 33.54 ? 132 ALA A CB  1 
HETATM 874 O  O   . HOH B 2 .   ? 10.333  2.790   5.897   1.00 22.37 ? 1   HOH A O   1 
HETATM 875 O  O   . HOH B 2 .   ? 11.426  -8.566  -6.246  1.00 25.53 ? 2   HOH A O   1 
HETATM 876 O  O   . HOH B 2 .   ? 7.098   1.446   -11.817 1.00 26.46 ? 3   HOH A O   1 
HETATM 877 O  O   . HOH B 2 .   ? 6.791   9.353   1.042   1.00 27.26 ? 4   HOH A O   1 
HETATM 878 O  O   . HOH B 2 .   ? 17.115  -5.096  0.006   1.00 25.87 ? 5   HOH A O   1 
HETATM 879 O  O   . HOH B 2 .   ? -1.823  4.538   7.738   1.00 34.01 ? 6   HOH A O   1 
HETATM 880 O  O   . HOH B 2 .   ? 9.312   0.250   -12.748 1.00 29.50 ? 7   HOH A O   1 
HETATM 881 O  O   . HOH B 2 .   ? 9.533   9.504   -11.396 1.00 30.91 ? 8   HOH A O   1 
HETATM 882 O  O   . HOH B 2 .   ? 19.569  -6.065  -0.189  1.00 29.47 ? 9   HOH A O   1 
HETATM 883 O  O   . HOH B 2 .   ? 0.366   -0.711  7.094   1.00 31.67 ? 138 HOH A O   1 
HETATM 884 O  O   . HOH B 2 .   ? -12.921 -6.572  12.621  1.00 34.58 ? 139 HOH A O   1 
HETATM 885 O  O   . HOH B 2 .   ? -11.810 -9.980  6.516   1.00 28.21 ? 140 HOH A O   1 
HETATM 886 O  O   . HOH B 2 .   ? 2.128   -3.970  3.268   1.00 40.34 ? 141 HOH A O   1 
HETATM 887 O  O   . HOH B 2 .   ? 16.844  6.803   -12.368 1.00 53.20 ? 142 HOH A O   1 
HETATM 888 O  O   . HOH B 2 .   ? 5.739   4.035   -14.122 1.00 32.64 ? 143 HOH A O   1 
HETATM 889 O  O   . HOH B 2 .   ? -3.993  2.638   -2.045  1.00 32.33 ? 144 HOH A O   1 
HETATM 890 O  O   . HOH B 2 .   ? 2.146   -5.639  -0.865  1.00 34.40 ? 145 HOH A O   1 
HETATM 891 O  O   . HOH B 2 .   ? 3.268   2.152   -11.634 1.00 35.46 ? 146 HOH A O   1 
HETATM 892 O  O   . HOH B 2 .   ? -8.930  -9.623  8.249   1.00 56.55 ? 147 HOH A O   1 
HETATM 893 O  O   . HOH B 2 .   ? 4.301   -6.471  -2.428  1.00 39.09 ? 148 HOH A O   1 
HETATM 894 O  O   . HOH B 2 .   ? 17.929  -10.692 -1.719  1.00 32.91 ? 149 HOH A O   1 
HETATM 895 O  O   . HOH B 2 .   ? 3.741   -0.913  -13.989 1.00 49.96 ? 150 HOH A O   1 
HETATM 896 O  O   . HOH B 2 .   ? -6.420  2.076   -5.126  1.00 35.23 ? 151 HOH A O   1 
HETATM 897 O  O   . HOH B 2 .   ? -4.115  3.655   -4.444  1.00 43.12 ? 152 HOH A O   1 
HETATM 898 O  O   . HOH B 2 .   ? 11.979  9.585   -11.252 1.00 36.86 ? 153 HOH A O   1 
HETATM 899 O  O   . HOH B 2 .   ? 17.721  5.784   8.519   1.00 38.17 ? 154 HOH A O   1 
HETATM 900 O  O   . HOH B 2 .   ? -3.463  -6.962  -5.834  1.00 42.38 ? 155 HOH A O   1 
HETATM 901 O  O   . HOH B 2 .   ? -9.409  0.932   -5.077  1.00 38.61 ? 156 HOH A O   1 
HETATM 902 O  O   . HOH B 2 .   ? 0.382   8.716   -1.194  1.00 36.20 ? 157 HOH A O   1 
HETATM 903 O  O   . HOH B 2 .   ? 10.154  5.366   6.570   1.00 40.47 ? 158 HOH A O   1 
HETATM 904 O  O   . HOH B 2 .   ? -3.292  6.333   -1.102  1.00 33.80 ? 159 HOH A O   1 
HETATM 905 O  O   . HOH B 2 .   ? 7.864   8.679   -12.970 1.00 51.88 ? 160 HOH A O   1 
HETATM 906 O  O   . HOH B 2 .   ? 21.937  7.458   -10.457 1.00 45.45 ? 161 HOH A O   1 
HETATM 907 O  O   . HOH B 2 .   ? 7.186   8.487   7.494   1.00 37.23 ? 162 HOH A O   1 
HETATM 908 O  O   . HOH B 2 .   ? 6.846   14.201  -1.944  1.00 42.28 ? 163 HOH A O   1 
HETATM 909 O  O   . HOH B 2 .   ? 16.606  -8.362  -11.959 1.00 34.18 ? 164 HOH A O   1 
HETATM 910 O  O   . HOH B 2 .   ? 20.965  -0.972  -8.324  1.00 39.79 ? 165 HOH A O   1 
HETATM 911 O  O   . HOH B 2 .   ? 10.030  -14.881 0.206   1.00 46.62 ? 166 HOH A O   1 
HETATM 912 O  O   . HOH B 2 .   ? 10.683  15.263  -5.471  1.00 43.56 ? 167 HOH A O   1 
HETATM 913 O  O   . HOH B 2 .   ? -7.804  7.457   6.689   1.00 42.89 ? 168 HOH A O   1 
HETATM 914 O  O   . HOH B 2 .   ? 7.333   -7.850  5.391   1.00 47.34 ? 169 HOH A O   1 
HETATM 915 O  O   . HOH B 2 .   ? -21.255 6.381   5.148   1.00 49.18 ? 170 HOH A O   1 
HETATM 916 O  O   . HOH B 2 .   ? 7.562   5.882   7.251   1.00 45.46 ? 171 HOH A O   1 
HETATM 917 O  O   . HOH B 2 .   ? 19.442  -6.862  -13.272 1.00 42.23 ? 172 HOH A O   1 
HETATM 918 O  O   . HOH B 2 .   ? -13.577 -10.000 3.066   1.00 39.74 ? 173 HOH A O   1 
HETATM 919 O  O   . HOH B 2 .   ? 9.577   -10.575 1.960   1.00 42.03 ? 174 HOH A O   1 
HETATM 920 O  O   . HOH B 2 .   ? 11.738  -14.739 -2.117  1.00 39.00 ? 175 HOH A O   1 
HETATM 921 O  O   . HOH B 2 .   ? -1.708  6.832   9.206   1.00 47.56 ? 176 HOH A O   1 
HETATM 922 O  O   . HOH B 2 .   ? 5.376   -9.247  -3.869  1.00 41.33 ? 177 HOH A O   1 
HETATM 923 O  O   . HOH B 2 .   ? 6.497   12.093  -7.743  1.00 35.92 ? 178 HOH A O   1 
HETATM 924 O  O   . HOH B 2 .   ? -1.216  2.230   9.229   1.00 45.65 ? 179 HOH A O   1 
HETATM 925 O  O   . HOH B 2 .   ? -2.376  5.254   -6.989  1.00 56.45 ? 180 HOH A O   1 
HETATM 926 O  O   . HOH B 2 .   ? -6.563  -0.313  11.723  1.00 47.94 ? 181 HOH A O   1 
HETATM 927 O  O   . HOH B 2 .   ? -6.143  2.078   12.842  1.00 53.90 ? 182 HOH A O   1 
HETATM 928 O  O   . HOH B 2 .   ? -4.177  -8.454  -8.869  1.00 46.91 ? 183 HOH A O   1 
HETATM 929 O  O   . HOH B 2 .   ? 18.248  -9.624  -9.828  1.00 48.83 ? 184 HOH A O   1 
HETATM 930 O  O   . HOH B 2 .   ? -15.147 3.178   15.758  1.00 70.61 ? 185 HOH A O   1 
HETATM 931 O  O   . HOH B 2 .   ? -21.062 -1.307  16.428  1.00 47.80 ? 186 HOH A O   1 
HETATM 932 O  O   . HOH B 2 .   ? 1.164   11.643  -4.208  1.00 42.81 ? 187 HOH A O   1 
HETATM 933 O  O   . HOH B 2 .   ? 22.201  3.341   -2.177  1.00 38.86 ? 188 HOH A O   1 
HETATM 934 O  O   . HOH B 2 .   ? 21.146  1.590   -0.145  1.00 32.32 ? 189 HOH A O   1 
HETATM 935 O  O   . HOH B 2 .   ? -19.497 6.304   1.465   1.00 52.13 ? 190 HOH A O   1 
HETATM 936 O  O   . HOH B 2 .   ? 24.485  5.404   0.297   1.00 54.44 ? 191 HOH A O   1 
# 
